data_3WGB
#
_entry.id   3WGB
#
_cell.length_a   82.474
_cell.length_b   95.850
_cell.length_c   94.884
_cell.angle_alpha   90.00
_cell.angle_beta   113.64
_cell.angle_gamma   90.00
#
_symmetry.space_group_name_H-M   'P 1 21 1'
#
loop_
_entity.id
_entity.type
_entity.pdbx_description
1 polymer 'L-allo-threonine aldolase'
2 non-polymer N-GLYCINE-[3-HYDROXY-2-METHYL-5-PHOSPHONOOXYMETHYL-PYRIDIN-4-YL-METHANE]
3 non-polymer GLYCINE
4 water water
#
_entity_poly.entity_id   1
_entity_poly.type   'polypeptide(L)'
_entity_poly.pdbx_seq_one_letter_code
;GSHMRYIDLRSDTVTQPTDAMRQCMLHAEVGDDVYGEDPGVNALEAYGADLLGKEAALFVPSGTMSNLLAVMSHCQRGEG
AVLGSAAHIYRYEAQGSAVLGSVALQPVPMQADGSLALADVRAAIAPDDVHFTPTRLVCLENTHNGKVLPLPYLREMREL
VDEHGLQLHLDGARLFNAVVASGHTVRELVAPFDSVSICLSKGLGAPVGSLLVGSHAFIARARRLRKMVGGGMRQAGILA
QAGLFALQQHVVRLADDHRRARQLAEGLAALPGIRLDLAQVQTNMVFLQLTSGESAPLLAFMKARGILFSGYGELRLVTH
LQIHDDDIEEVIDAFTEYLGA
;
_entity_poly.pdbx_strand_id   A,B,C,D
#
# COMPACT_ATOMS: atom_id res chain seq x y z
N TYR A 6 -30.07 17.26 -26.76
CA TYR A 6 -28.63 17.23 -27.12
C TYR A 6 -28.26 15.98 -27.90
N ILE A 7 -27.54 16.16 -29.00
CA ILE A 7 -26.88 15.05 -29.70
C ILE A 7 -25.55 14.80 -28.99
N ASP A 8 -25.49 13.72 -28.24
CA ASP A 8 -24.37 13.45 -27.35
C ASP A 8 -23.45 12.35 -27.88
N LEU A 9 -22.33 12.76 -28.47
CA LEU A 9 -21.35 11.84 -29.04
C LEU A 9 -20.03 11.83 -28.25
N ARG A 10 -20.08 12.31 -27.01
CA ARG A 10 -18.90 12.35 -26.13
C ARG A 10 -18.38 10.95 -25.81
N SER A 11 -19.30 10.07 -25.45
CA SER A 11 -18.99 8.71 -25.06
C SER A 11 -20.23 7.84 -25.18
N ASP A 12 -20.04 6.53 -25.28
CA ASP A 12 -21.16 5.60 -25.27
C ASP A 12 -21.65 5.30 -23.84
N THR A 13 -21.02 5.92 -22.85
CA THR A 13 -21.40 5.76 -21.45
C THR A 13 -22.65 6.58 -21.07
N VAL A 14 -23.08 7.47 -21.97
CA VAL A 14 -24.24 8.33 -21.74
C VAL A 14 -25.57 7.65 -22.07
N THR A 15 -25.50 6.39 -22.49
CA THR A 15 -26.67 5.62 -22.89
C THR A 15 -27.71 5.54 -21.77
N GLN A 16 -28.96 5.82 -22.14
CA GLN A 16 -30.07 5.86 -21.21
C GLN A 16 -30.83 4.54 -21.26
N PRO A 17 -31.45 4.14 -20.14
CA PRO A 17 -32.26 2.91 -20.16
C PRO A 17 -33.48 3.09 -21.03
N THR A 18 -33.76 2.11 -21.88
CA THR A 18 -34.97 2.09 -22.68
C THR A 18 -36.16 1.77 -21.78
N ASP A 19 -37.37 2.09 -22.26
CA ASP A 19 -38.59 1.80 -21.50
C ASP A 19 -38.80 0.30 -21.28
N ALA A 20 -38.33 -0.52 -22.22
CA ALA A 20 -38.35 -1.97 -22.08
C ALA A 20 -37.38 -2.43 -20.99
N MET A 21 -36.23 -1.75 -20.92
CA MET A 21 -35.24 -2.00 -19.87
C MET A 21 -35.74 -1.52 -18.51
N ARG A 22 -36.39 -0.36 -18.47
CA ARG A 22 -37.00 0.14 -17.23
C ARG A 22 -38.09 -0.81 -16.73
N GLN A 23 -38.79 -1.44 -17.66
CA GLN A 23 -39.85 -2.40 -17.35
C GLN A 23 -39.29 -3.66 -16.67
N CYS A 24 -38.17 -4.17 -17.19
CA CYS A 24 -37.52 -5.26 -16.60
CA CYS A 24 -37.47 -5.30 -16.56
C CYS A 24 -36.90 -4.92 -15.19
N MET A 25 -36.53 -3.65 -15.04
CA MET A 25 -36.04 -3.12 -13.77
C MET A 25 -37.16 -2.93 -12.75
N LEU A 26 -38.37 -2.72 -13.26
CA LEU A 26 -39.56 -2.55 -12.42
C LEU A 26 -39.98 -3.86 -11.74
N HIS A 27 -39.92 -4.96 -12.48
CA HIS A 27 -40.39 -6.26 -11.99
C HIS A 27 -39.23 -7.19 -11.62
N ALA A 28 -38.05 -6.61 -11.45
CA ALA A 28 -36.85 -7.36 -11.08
C ALA A 28 -36.97 -7.91 -9.66
N GLU A 29 -36.77 -9.21 -9.52
CA GLU A 29 -36.80 -9.86 -8.21
C GLU A 29 -35.45 -9.67 -7.52
N VAL A 30 -35.48 -9.28 -6.26
CA VAL A 30 -34.25 -8.93 -5.53
C VAL A 30 -34.06 -9.70 -4.23
N GLY A 31 -32.80 -9.78 -3.79
CA GLY A 31 -32.41 -10.36 -2.52
C GLY A 31 -31.11 -9.72 -2.09
N ASP A 32 -30.54 -10.21 -1.00
CA ASP A 32 -29.30 -9.65 -0.45
C ASP A 32 -28.09 -10.34 -1.08
N ASP A 33 -27.37 -9.60 -1.92
CA ASP A 33 -26.23 -10.12 -2.69
C ASP A 33 -25.06 -10.55 -1.79
N VAL A 34 -24.95 -9.94 -0.62
CA VAL A 34 -23.91 -10.29 0.34
C VAL A 34 -24.08 -11.74 0.81
N TYR A 35 -25.33 -12.17 0.97
CA TYR A 35 -25.65 -13.56 1.31
C TYR A 35 -25.67 -14.45 0.06
N GLY A 36 -25.59 -13.83 -1.12
CA GLY A 36 -25.66 -14.53 -2.40
C GLY A 36 -27.08 -14.87 -2.79
N GLU A 37 -28.04 -14.12 -2.26
CA GLU A 37 -29.45 -14.46 -2.36
C GLU A 37 -30.27 -13.60 -3.33
N ASP A 38 -29.59 -12.72 -4.06
CA ASP A 38 -30.25 -11.92 -5.08
C ASP A 38 -30.34 -12.71 -6.38
N PRO A 39 -31.57 -13.05 -6.81
CA PRO A 39 -31.78 -13.87 -8.00
C PRO A 39 -31.40 -13.15 -9.29
N GLY A 40 -31.56 -11.83 -9.32
CA GLY A 40 -31.20 -11.01 -10.47
C GLY A 40 -29.71 -10.95 -10.68
N VAL A 41 -28.96 -10.84 -9.59
CA VAL A 41 -27.50 -10.84 -9.63
C VAL A 41 -26.98 -12.24 -9.97
N ASN A 42 -27.50 -13.25 -9.28
CA ASN A 42 -27.11 -14.64 -9.51
C ASN A 42 -27.29 -15.08 -10.96
N ALA A 43 -28.37 -14.62 -11.60
CA ALA A 43 -28.69 -14.98 -12.98
C ALA A 43 -27.77 -14.33 -14.00
N LEU A 44 -27.51 -13.04 -13.84
CA LEU A 44 -26.57 -12.31 -14.70
C LEU A 44 -25.18 -12.93 -14.68
N GLU A 45 -24.69 -13.23 -13.48
CA GLU A 45 -23.37 -13.84 -13.31
C GLU A 45 -23.28 -15.23 -13.93
N ALA A 46 -24.34 -16.03 -13.74
CA ALA A 46 -24.43 -17.36 -14.35
C ALA A 46 -24.46 -17.27 -15.88
N TYR A 47 -25.27 -16.36 -16.40
CA TYR A 47 -25.38 -16.14 -17.85
C TYR A 47 -24.07 -15.61 -18.43
N GLY A 48 -23.42 -14.71 -17.71
CA GLY A 48 -22.15 -14.13 -18.13
C GLY A 48 -21.05 -15.16 -18.26
N ALA A 49 -20.94 -16.03 -17.26
CA ALA A 49 -19.93 -17.09 -17.22
C ALA A 49 -20.15 -18.14 -18.32
N ASP A 50 -21.42 -18.44 -18.58
CA ASP A 50 -21.82 -19.37 -19.63
C ASP A 50 -21.53 -18.80 -21.03
N LEU A 51 -21.83 -17.52 -21.21
CA LEU A 51 -21.64 -16.82 -22.49
C LEU A 51 -20.17 -16.77 -22.93
N LEU A 52 -19.27 -16.70 -21.96
CA LEU A 52 -17.84 -16.60 -22.24
C LEU A 52 -17.11 -17.93 -22.04
N GLY A 53 -17.86 -18.97 -21.70
CA GLY A 53 -17.30 -20.31 -21.46
C GLY A 53 -16.34 -20.35 -20.29
N LYS A 54 -16.61 -19.50 -19.29
CA LYS A 54 -15.77 -19.43 -18.09
C LYS A 54 -16.50 -20.02 -16.89
N GLU A 55 -15.75 -20.35 -15.85
CA GLU A 55 -16.29 -21.03 -14.68
C GLU A 55 -17.23 -20.14 -13.84
N ALA A 56 -16.82 -18.91 -13.59
CA ALA A 56 -17.57 -18.00 -12.71
C ALA A 56 -17.50 -16.54 -13.14
N ALA A 57 -18.43 -15.73 -12.63
CA ALA A 57 -18.49 -14.30 -12.93
C ALA A 57 -18.89 -13.50 -11.69
N LEU A 58 -18.61 -12.19 -11.73
CA LEU A 58 -18.91 -11.30 -10.61
C LEU A 58 -19.43 -9.94 -11.07
N PHE A 59 -20.60 -9.55 -10.59
CA PHE A 59 -21.17 -8.25 -10.89
C PHE A 59 -20.55 -7.16 -10.01
N VAL A 60 -20.13 -6.06 -10.66
CA VAL A 60 -19.50 -4.93 -9.97
C VAL A 60 -20.03 -3.58 -10.47
N PRO A 61 -20.06 -2.55 -9.58
CA PRO A 61 -20.49 -1.17 -9.85
C PRO A 61 -19.93 -0.51 -11.12
N SER A 62 -18.69 -0.80 -11.48
CA SER A 62 -18.06 -0.20 -12.66
C SER A 62 -16.99 -1.08 -13.31
N GLY A 63 -16.46 -0.63 -14.43
CA GLY A 63 -15.37 -1.32 -15.13
C GLY A 63 -14.02 -1.11 -14.48
N THR A 64 -13.88 0.02 -13.78
CA THR A 64 -12.67 0.30 -13.02
C THR A 64 -12.49 -0.74 -11.91
N MET A 65 -13.56 -1.00 -11.16
CA MET A 65 -13.54 -2.01 -10.10
C MET A 65 -13.31 -3.41 -10.65
N SER A 66 -13.93 -3.68 -11.80
CA SER A 66 -13.75 -4.96 -12.48
C SER A 66 -12.27 -5.21 -12.75
N ASN A 67 -11.60 -4.20 -13.29
CA ASN A 67 -10.16 -4.27 -13.53
C ASN A 67 -9.33 -4.22 -12.24
N LEU A 68 -9.68 -3.32 -11.34
CA LEU A 68 -9.03 -3.21 -10.03
C LEU A 68 -8.99 -4.58 -9.37
N LEU A 69 -10.15 -5.23 -9.31
CA LEU A 69 -10.29 -6.55 -8.73
C LEU A 69 -9.57 -7.62 -9.55
N ALA A 70 -9.53 -7.45 -10.87
CA ALA A 70 -8.88 -8.41 -11.77
C ALA A 70 -7.37 -8.53 -11.56
N VAL A 71 -6.64 -7.41 -11.61
CA VAL A 71 -5.18 -7.46 -11.51
C VAL A 71 -4.73 -7.81 -10.09
N MET A 72 -5.45 -7.30 -9.08
CA MET A 72 -5.18 -7.63 -7.68
C MET A 72 -5.40 -9.12 -7.37
N SER A 73 -6.32 -9.74 -8.10
CA SER A 73 -6.61 -11.17 -7.93
C SER A 73 -5.60 -12.06 -8.66
N HIS A 74 -4.85 -11.48 -9.59
CA HIS A 74 -3.76 -12.19 -10.28
C HIS A 74 -2.43 -11.90 -9.61
N CYS A 75 -2.25 -10.63 -9.22
CA CYS A 75 -0.99 -10.14 -8.68
C CYS A 75 -1.12 -9.79 -7.20
N GLN A 76 -0.26 -10.39 -6.39
CA GLN A 76 -0.17 -10.06 -4.98
CA GLN A 76 -0.17 -10.06 -4.97
C GLN A 76 0.83 -8.92 -4.80
N ARG A 77 1.11 -8.54 -3.55
CA ARG A 77 2.05 -7.46 -3.24
C ARG A 77 3.39 -7.62 -3.96
N GLY A 78 3.76 -6.59 -4.72
CA GLY A 78 5.05 -6.54 -5.40
C GLY A 78 5.12 -7.26 -6.74
N GLU A 79 4.14 -8.12 -7.01
CA GLU A 79 4.10 -8.88 -8.26
C GLU A 79 3.70 -7.97 -9.42
N GLY A 80 4.16 -8.32 -10.63
CA GLY A 80 4.05 -7.43 -11.79
C GLY A 80 2.97 -7.76 -12.80
N ALA A 81 2.35 -6.71 -13.34
CA ALA A 81 1.37 -6.84 -14.41
C ALA A 81 1.81 -6.01 -15.61
N VAL A 82 1.90 -6.67 -16.78
CA VAL A 82 2.29 -6.01 -18.02
C VAL A 82 1.06 -5.52 -18.78
N LEU A 83 1.03 -4.24 -19.10
CA LEU A 83 -0.05 -3.63 -19.86
C LEU A 83 0.45 -2.51 -20.78
N GLY A 84 -0.45 -2.00 -21.62
CA GLY A 84 -0.12 -0.89 -22.52
C GLY A 84 -0.13 0.44 -21.80
N SER A 85 0.74 1.35 -22.23
CA SER A 85 0.80 2.69 -21.68
C SER A 85 -0.46 3.49 -21.99
N ALA A 86 -1.11 3.14 -23.11
CA ALA A 86 -2.36 3.77 -23.53
C ALA A 86 -3.60 3.00 -23.05
N ALA A 87 -3.39 1.89 -22.36
CA ALA A 87 -4.49 1.10 -21.80
C ALA A 87 -5.25 1.90 -20.73
N HIS A 88 -6.54 1.63 -20.61
CA HIS A 88 -7.39 2.34 -19.65
C HIS A 88 -6.99 2.04 -18.21
N ILE A 89 -6.54 0.80 -17.96
CA ILE A 89 -6.10 0.40 -16.63
C ILE A 89 -4.87 1.21 -16.21
N TYR A 90 -4.03 1.59 -17.17
CA TYR A 90 -2.81 2.28 -16.82
C TYR A 90 -2.92 3.79 -16.63
N ARG A 91 -3.62 4.49 -17.54
CA ARG A 91 -3.62 5.94 -17.50
CA ARG A 91 -3.63 5.95 -17.52
C ARG A 91 -4.96 6.59 -17.11
N TYR A 92 -6.04 5.81 -17.14
CA TYR A 92 -7.37 6.36 -16.84
C TYR A 92 -8.05 5.77 -15.60
N GLU A 93 -7.29 5.09 -14.74
CA GLU A 93 -7.83 4.45 -13.54
C GLU A 93 -7.07 4.81 -12.26
N ALA A 94 -6.36 5.94 -12.31
CA ALA A 94 -5.60 6.48 -11.17
C ALA A 94 -4.58 5.48 -10.59
N GLN A 95 -4.11 4.57 -11.44
CA GLN A 95 -3.20 3.50 -11.03
C GLN A 95 -3.62 2.78 -9.75
N GLY A 96 -4.94 2.62 -9.57
CA GLY A 96 -5.50 1.96 -8.39
C GLY A 96 -4.86 0.64 -8.05
N SER A 97 -4.59 -0.16 -9.08
CA SER A 97 -3.85 -1.42 -8.95
C SER A 97 -2.56 -1.25 -8.14
N ALA A 98 -1.83 -0.18 -8.43
CA ALA A 98 -0.57 0.11 -7.73
C ALA A 98 -0.80 0.77 -6.37
N VAL A 99 -1.59 1.84 -6.35
CA VAL A 99 -1.81 2.63 -5.14
C VAL A 99 -2.50 1.83 -4.04
N LEU A 100 -3.60 1.17 -4.38
CA LEU A 100 -4.38 0.42 -3.41
C LEU A 100 -3.89 -1.01 -3.27
N GLY A 101 -3.42 -1.59 -4.38
CA GLY A 101 -3.15 -3.02 -4.44
C GLY A 101 -1.71 -3.47 -4.34
N SER A 102 -0.78 -2.51 -4.27
CA SER A 102 0.66 -2.80 -4.16
C SER A 102 1.18 -3.65 -5.33
N VAL A 103 0.51 -3.52 -6.48
CA VAL A 103 0.88 -4.24 -7.69
C VAL A 103 1.87 -3.39 -8.49
N ALA A 104 2.87 -4.05 -9.06
CA ALA A 104 3.82 -3.36 -9.92
C ALA A 104 3.28 -3.29 -11.34
N LEU A 105 2.90 -2.10 -11.76
CA LEU A 105 2.43 -1.88 -13.13
C LEU A 105 3.63 -1.72 -14.07
N GLN A 106 3.62 -2.46 -15.16
CA GLN A 106 4.74 -2.44 -16.11
C GLN A 106 4.27 -2.07 -17.50
N PRO A 107 4.07 -0.76 -17.75
CA PRO A 107 3.59 -0.33 -19.07
C PRO A 107 4.61 -0.54 -20.18
N VAL A 108 4.14 -1.11 -21.28
CA VAL A 108 4.93 -1.25 -22.50
C VAL A 108 4.20 -0.52 -23.64
N PRO A 109 4.94 -0.12 -24.70
CA PRO A 109 4.28 0.55 -25.82
C PRO A 109 3.06 -0.22 -26.35
N MET A 110 1.99 0.52 -26.63
CA MET A 110 0.76 -0.04 -27.16
C MET A 110 0.45 0.63 -28.49
N GLN A 111 0.38 -0.19 -29.54
CA GLN A 111 0.12 0.29 -30.91
C GLN A 111 -1.35 0.17 -31.29
N ASP A 113 -4.30 0.27 -32.73
CA ASP A 113 -4.39 -1.17 -32.97
C ASP A 113 -4.73 -1.93 -31.69
N GLY A 114 -4.06 -1.56 -30.60
CA GLY A 114 -4.35 -2.12 -29.28
C GLY A 114 -3.46 -3.28 -28.86
N SER A 115 -2.58 -3.72 -29.75
CA SER A 115 -1.70 -4.86 -29.47
C SER A 115 -0.38 -4.44 -28.82
N LEU A 116 0.19 -5.36 -28.05
CA LEU A 116 1.51 -5.17 -27.45
C LEU A 116 2.52 -6.06 -28.17
N ALA A 117 3.60 -5.44 -28.64
CA ALA A 117 4.68 -6.18 -29.32
C ALA A 117 5.22 -7.29 -28.42
N LEU A 118 5.29 -8.49 -28.99
CA LEU A 118 5.72 -9.69 -28.27
C LEU A 118 7.11 -9.54 -27.65
N ALA A 119 8.01 -8.89 -28.38
CA ALA A 119 9.37 -8.63 -27.89
C ALA A 119 9.36 -7.67 -26.69
N ASP A 120 8.49 -6.67 -26.74
CA ASP A 120 8.37 -5.69 -25.65
C ASP A 120 7.83 -6.30 -24.35
N VAL A 121 6.86 -7.21 -24.48
CA VAL A 121 6.28 -7.89 -23.33
C VAL A 121 7.28 -8.81 -22.64
N ARG A 122 7.97 -9.65 -23.42
CA ARG A 122 8.91 -10.63 -22.84
C ARG A 122 10.21 -10.02 -22.31
N ALA A 123 10.60 -8.86 -22.85
CA ALA A 123 11.71 -8.09 -22.30
C ALA A 123 11.31 -7.45 -20.96
N ALA A 124 10.01 -7.24 -20.78
CA ALA A 124 9.47 -6.65 -19.54
C ALA A 124 9.20 -7.71 -18.46
N ILE A 125 9.16 -8.98 -18.86
CA ILE A 125 8.91 -10.08 -17.91
C ILE A 125 10.16 -10.40 -17.11
N ALA A 126 10.02 -10.43 -15.78
CA ALA A 126 11.11 -10.76 -14.88
C ALA A 126 10.74 -11.90 -13.93
N ASP A 128 14.32 -13.51 -12.56
CA ASP A 128 14.09 -13.75 -11.14
C ASP A 128 15.27 -13.30 -10.29
N ASP A 129 15.17 -12.10 -9.73
CA ASP A 129 16.21 -11.53 -8.88
C ASP A 129 15.65 -10.43 -7.97
N VAL A 130 16.44 -10.05 -6.96
CA VAL A 130 16.03 -9.09 -5.93
C VAL A 130 15.67 -7.68 -6.44
N HIS A 131 16.34 -7.24 -7.50
CA HIS A 131 16.10 -5.92 -8.09
C HIS A 131 14.77 -5.87 -8.86
N PHE A 132 14.32 -7.02 -9.32
CA PHE A 132 13.19 -7.12 -10.24
C PHE A 132 11.88 -7.51 -9.55
N THR A 133 10.77 -7.03 -10.11
CA THR A 133 9.44 -7.47 -9.71
C THR A 133 9.07 -8.74 -10.48
N PRO A 134 8.61 -9.79 -9.77
CA PRO A 134 8.17 -11.01 -10.46
C PRO A 134 6.86 -10.76 -11.22
N THR A 135 6.91 -10.85 -12.55
CA THR A 135 5.73 -10.64 -13.39
C THR A 135 4.79 -11.83 -13.26
N ARG A 136 3.49 -11.54 -13.23
CA ARG A 136 2.47 -12.55 -12.94
C ARG A 136 1.28 -12.46 -13.90
N LEU A 137 1.12 -11.32 -14.55
CA LEU A 137 -0.04 -11.06 -15.41
C LEU A 137 0.28 -10.20 -16.62
N VAL A 138 -0.45 -10.45 -17.71
CA VAL A 138 -0.44 -9.58 -18.89
C VAL A 138 -1.87 -9.10 -19.17
N CYS A 139 -2.03 -7.81 -19.45
CA CYS A 139 -3.34 -7.22 -19.69
C CYS A 139 -3.50 -6.72 -21.12
N LEU A 140 -4.61 -7.11 -21.76
CA LEU A 140 -4.97 -6.61 -23.09
C LEU A 140 -6.32 -5.91 -23.06
N GLU A 141 -6.62 -5.17 -24.13
CA GLU A 141 -7.83 -4.34 -24.19
C GLU A 141 -8.49 -4.46 -25.57
N ASN A 142 -9.49 -5.32 -25.68
CA ASN A 142 -10.15 -5.54 -26.96
C ASN A 142 -11.20 -4.48 -27.27
N THR A 143 -11.05 -3.90 -28.45
CA THR A 143 -11.58 -2.58 -28.77
C THR A 143 -10.83 -1.53 -27.93
N HIS A 144 -9.62 -1.24 -28.38
CA HIS A 144 -8.83 -0.15 -27.87
C HIS A 144 -9.11 1.02 -28.80
N ASN A 145 -9.72 2.07 -28.26
CA ASN A 145 -10.15 3.25 -29.03
C ASN A 145 -10.96 2.91 -30.28
N GLY A 146 -11.92 1.99 -30.11
CA GLY A 146 -12.79 1.58 -31.20
C GLY A 146 -12.17 0.63 -32.22
N LYS A 147 -10.93 0.20 -31.98
CA LYS A 147 -10.20 -0.67 -32.91
C LYS A 147 -10.14 -2.11 -32.42
N VAL A 148 -10.31 -3.05 -33.35
CA VAL A 148 -10.40 -4.46 -33.00
C VAL A 148 -9.00 -5.11 -32.91
N LEU A 149 -8.79 -5.89 -31.85
CA LEU A 149 -7.60 -6.72 -31.72
C LEU A 149 -7.68 -7.94 -32.64
N PRO A 150 -6.62 -8.18 -33.44
CA PRO A 150 -6.55 -9.35 -34.32
C PRO A 150 -6.47 -10.66 -33.55
N LEU A 151 -7.28 -11.64 -33.96
CA LEU A 151 -7.31 -12.97 -33.33
C LEU A 151 -6.00 -13.77 -33.50
N PRO A 152 -5.30 -13.61 -34.65
CA PRO A 152 -3.98 -14.26 -34.73
C PRO A 152 -3.02 -13.75 -33.66
N TYR A 153 -3.10 -12.46 -33.33
CA TYR A 153 -2.28 -11.87 -32.29
C TYR A 153 -2.61 -12.46 -30.91
N LEU A 154 -3.90 -12.68 -30.65
CA LEU A 154 -4.34 -13.31 -29.41
C LEU A 154 -3.80 -14.74 -29.28
N ARG A 155 -3.79 -15.47 -30.39
CA ARG A 155 -3.26 -16.83 -30.45
C ARG A 155 -1.79 -16.90 -30.02
N GLU A 156 -1.01 -15.88 -30.40
CA GLU A 156 0.42 -15.82 -30.09
C GLU A 156 0.71 -15.33 -28.67
N MET A 157 -0.16 -14.47 -28.16
CA MET A 157 -0.03 -13.90 -26.82
C MET A 157 -0.24 -14.96 -25.75
N ARG A 158 -1.21 -15.85 -25.97
CA ARG A 158 -1.50 -16.96 -25.06
C ARG A 158 -0.30 -17.88 -24.90
N GLU A 159 0.36 -18.19 -26.01
CA GLU A 159 1.51 -19.07 -26.00
C GLU A 159 2.70 -18.47 -25.26
N LEU A 160 2.85 -17.15 -25.39
CA LEU A 160 3.88 -16.39 -24.68
C LEU A 160 3.68 -16.47 -23.17
N VAL A 161 2.45 -16.24 -22.71
CA VAL A 161 2.16 -16.28 -21.27
C VAL A 161 2.18 -17.70 -20.72
N ASP A 162 1.99 -18.68 -21.60
CA ASP A 162 2.09 -20.09 -21.23
C ASP A 162 3.53 -20.52 -20.95
N GLU A 163 4.48 -19.94 -21.69
CA GLU A 163 5.92 -20.19 -21.49
C GLU A 163 6.30 -19.99 -20.03
N HIS A 164 6.01 -18.79 -19.52
CA HIS A 164 6.46 -18.36 -18.20
C HIS A 164 5.39 -18.57 -17.13
N GLY A 165 4.31 -19.24 -17.51
CA GLY A 165 3.20 -19.54 -16.60
C GLY A 165 2.47 -18.31 -16.10
N LEU A 166 2.37 -17.31 -16.97
CA LEU A 166 1.69 -16.05 -16.63
C LEU A 166 0.21 -16.11 -16.93
N GLN A 167 -0.54 -15.14 -16.41
CA GLN A 167 -1.97 -15.03 -16.64
C GLN A 167 -2.25 -13.94 -17.66
N LEU A 168 -3.40 -14.03 -18.32
CA LEU A 168 -3.81 -13.05 -19.32
C LEU A 168 -5.18 -12.49 -18.96
N HIS A 169 -5.28 -11.17 -18.89
CA HIS A 169 -6.55 -10.51 -18.59
C HIS A 169 -7.04 -9.62 -19.74
N LEU A 170 -8.35 -9.65 -19.96
CA LEU A 170 -8.97 -8.81 -20.98
C LEU A 170 -9.80 -7.68 -20.38
N ASP A 171 -9.37 -6.45 -20.64
CA ASP A 171 -10.23 -5.30 -20.42
C ASP A 171 -11.17 -5.19 -21.61
N GLY A 172 -12.27 -5.94 -21.55
CA GLY A 172 -13.22 -6.00 -22.65
C GLY A 172 -14.42 -5.11 -22.44
N ALA A 173 -14.18 -3.84 -22.12
CA ALA A 173 -15.24 -2.85 -21.95
C ALA A 173 -16.16 -2.79 -23.17
N ARG A 174 -15.58 -2.95 -24.34
CA ARG A 174 -16.32 -2.93 -25.60
C ARG A 174 -15.98 -4.17 -26.41
N LEU A 175 -15.97 -5.32 -25.72
CA LEU A 175 -15.73 -6.61 -26.34
C LEU A 175 -16.78 -6.93 -27.41
N PHE A 176 -18.04 -6.58 -27.14
CA PHE A 176 -19.13 -6.94 -28.03
C PHE A 176 -19.20 -6.11 -29.31
N ASN A 177 -18.63 -4.91 -29.25
CA ASN A 177 -18.38 -4.12 -30.45
C ASN A 177 -17.38 -4.85 -31.35
N ALA A 178 -16.38 -5.47 -30.75
CA ALA A 178 -15.39 -6.25 -31.47
C ALA A 178 -15.98 -7.54 -32.02
N VAL A 179 -16.89 -8.15 -31.26
CA VAL A 179 -17.53 -9.42 -31.65
C VAL A 179 -18.34 -9.29 -32.95
N VAL A 180 -19.23 -8.29 -33.00
CA VAL A 180 -20.08 -8.11 -34.19
C VAL A 180 -19.31 -7.61 -35.42
N ALA A 181 -18.30 -6.77 -35.20
CA ALA A 181 -17.53 -6.17 -36.29
C ALA A 181 -16.57 -7.14 -36.96
N SER A 182 -15.92 -7.99 -36.15
CA SER A 182 -14.94 -8.95 -36.65
C SER A 182 -15.59 -10.21 -37.19
N GLY A 183 -16.80 -10.51 -36.72
CA GLY A 183 -17.51 -11.72 -37.11
C GLY A 183 -16.97 -12.98 -36.47
N HIS A 184 -16.36 -12.83 -35.30
CA HIS A 184 -15.92 -13.98 -34.48
C HIS A 184 -16.79 -14.08 -33.23
N THR A 185 -17.08 -15.30 -32.81
CA THR A 185 -17.94 -15.56 -31.66
C THR A 185 -17.29 -15.09 -30.36
N VAL A 186 -18.13 -14.70 -29.40
CA VAL A 186 -17.67 -14.24 -28.09
C VAL A 186 -16.63 -15.20 -27.51
N ARG A 187 -16.95 -16.49 -27.52
CA ARG A 187 -16.09 -17.53 -26.94
C ARG A 187 -14.75 -17.63 -27.66
N GLU A 188 -14.75 -17.32 -28.95
CA GLU A 188 -13.54 -17.36 -29.77
C GLU A 188 -12.57 -16.24 -29.36
N LEU A 189 -13.13 -15.10 -28.97
CA LEU A 189 -12.34 -13.95 -28.53
C LEU A 189 -11.88 -14.02 -27.07
N VAL A 190 -12.64 -14.73 -26.24
CA VAL A 190 -12.33 -14.82 -24.80
C VAL A 190 -11.57 -16.09 -24.40
N ALA A 191 -11.58 -17.09 -25.27
CA ALA A 191 -10.88 -18.36 -25.01
C ALA A 191 -9.41 -18.20 -24.59
N PRO A 192 -8.63 -17.34 -25.28
CA PRO A 192 -7.24 -17.14 -24.89
C PRO A 192 -7.05 -16.41 -23.55
N PHE A 193 -8.13 -15.91 -22.96
CA PHE A 193 -8.05 -15.15 -21.71
C PHE A 193 -8.49 -15.94 -20.48
N ASP A 194 -7.74 -15.81 -19.39
CA ASP A 194 -8.11 -16.40 -18.10
C ASP A 194 -9.24 -15.62 -17.45
N SER A 195 -9.16 -14.29 -17.57
CA SER A 195 -10.16 -13.41 -17.01
C SER A 195 -10.56 -12.33 -18.01
N VAL A 196 -11.86 -12.06 -18.08
CA VAL A 196 -12.40 -11.04 -18.96
C VAL A 196 -13.28 -10.09 -18.15
N SER A 197 -13.09 -8.80 -18.37
CA SER A 197 -13.89 -7.77 -17.74
C SER A 197 -14.75 -7.08 -18.80
N ILE A 198 -16.06 -7.32 -18.76
CA ILE A 198 -16.98 -6.70 -19.73
C ILE A 198 -17.88 -5.63 -19.11
N CYS A 199 -18.00 -4.51 -19.82
CA CYS A 199 -18.87 -3.42 -19.37
CA CYS A 199 -18.86 -3.41 -19.37
C CYS A 199 -20.29 -3.56 -19.90
N LEU A 200 -21.24 -3.19 -19.06
CA LEU A 200 -22.65 -3.22 -19.41
C LEU A 200 -23.15 -1.80 -19.58
N SER A 201 -22.40 -0.85 -19.01
CA SER A 201 -22.83 0.55 -18.94
C SER A 201 -22.34 1.43 -20.09
N LYS A 202 -21.90 0.80 -21.19
CA LYS A 202 -21.50 1.55 -22.38
C LYS A 202 -22.50 1.36 -23.54
N GLY A 203 -22.12 0.55 -24.53
CA GLY A 203 -22.94 0.36 -25.73
C GLY A 203 -24.18 -0.49 -25.51
N LEU A 204 -24.10 -1.38 -24.54
CA LEU A 204 -25.21 -2.30 -24.25
C LEU A 204 -26.40 -1.62 -23.58
N GLY A 205 -26.15 -0.48 -22.94
CA GLY A 205 -27.22 0.41 -22.50
C GLY A 205 -27.72 0.24 -21.08
N ALA A 206 -27.07 -0.64 -20.31
CA ALA A 206 -27.41 -0.84 -18.90
C ALA A 206 -26.93 0.37 -18.09
N PRO A 207 -27.75 0.85 -17.13
CA PRO A 207 -27.45 2.08 -16.38
C PRO A 207 -26.16 2.03 -15.54
N VAL A 208 -25.89 0.87 -14.93
CA VAL A 208 -24.76 0.73 -14.00
C VAL A 208 -24.14 -0.65 -14.08
N GLY A 209 -22.82 -0.72 -14.20
CA GLY A 209 -22.09 -1.91 -13.84
C GLY A 209 -21.27 -2.65 -14.89
N SER A 210 -20.49 -3.60 -14.40
CA SER A 210 -19.65 -4.44 -15.23
C SER A 210 -19.61 -5.86 -14.69
N LEU A 211 -19.02 -6.76 -15.47
CA LEU A 211 -18.92 -8.16 -15.09
C LEU A 211 -17.47 -8.65 -15.25
N LEU A 212 -16.90 -9.11 -14.15
CA LEU A 212 -15.59 -9.76 -14.18
C LEU A 212 -15.79 -11.27 -14.26
N VAL A 213 -15.25 -11.87 -15.30
CA VAL A 213 -15.46 -13.30 -15.59
C VAL A 213 -14.13 -14.06 -15.54
N GLY A 214 -14.14 -15.25 -14.95
CA GLY A 214 -12.93 -16.08 -14.84
C GLY A 214 -13.18 -17.42 -14.16
N SER A 215 -12.10 -18.01 -13.64
CA SER A 215 -12.20 -19.29 -12.92
C SER A 215 -12.85 -19.13 -11.55
N HIS A 216 -13.35 -20.24 -11.00
CA HIS A 216 -13.96 -20.26 -9.66
C HIS A 216 -13.08 -19.61 -8.61
N ALA A 217 -11.83 -20.07 -8.52
CA ALA A 217 -10.87 -19.59 -7.52
C ALA A 217 -10.52 -18.11 -7.74
N PHE A 218 -10.32 -17.72 -8.99
CA PHE A 218 -10.06 -16.33 -9.35
C PHE A 218 -11.19 -15.40 -8.91
N ILE A 219 -12.43 -15.81 -9.21
CA ILE A 219 -13.60 -15.02 -8.84
C ILE A 219 -13.79 -15.01 -7.32
N ALA A 220 -13.48 -16.12 -6.67
CA ALA A 220 -13.52 -16.23 -5.22
C ALA A 220 -12.56 -15.22 -4.57
N ARG A 221 -11.41 -14.99 -5.21
CA ARG A 221 -10.47 -13.97 -4.76
C ARG A 221 -11.00 -12.56 -5.01
N ALA A 222 -11.55 -12.33 -6.20
CA ALA A 222 -12.12 -11.04 -6.58
C ALA A 222 -13.31 -10.66 -5.70
N ARG A 223 -14.11 -11.66 -5.34
CA ARG A 223 -15.30 -11.49 -4.50
C ARG A 223 -14.92 -11.04 -3.10
N ARG A 224 -13.82 -11.59 -2.58
CA ARG A 224 -13.28 -11.21 -1.28
C ARG A 224 -12.76 -9.77 -1.29
N LEU A 225 -12.15 -9.39 -2.41
CA LEU A 225 -11.58 -8.05 -2.60
C LEU A 225 -12.65 -7.00 -2.91
N ARG A 226 -13.78 -7.44 -3.47
CA ARG A 226 -14.90 -6.56 -3.79
C ARG A 226 -15.50 -5.97 -2.51
N LYS A 227 -15.53 -6.77 -1.45
CA LYS A 227 -16.03 -6.34 -0.15
C LYS A 227 -15.09 -5.34 0.50
N MET A 228 -13.79 -5.47 0.25
CA MET A 228 -12.78 -4.58 0.80
C MET A 228 -12.82 -3.19 0.18
N VAL A 229 -12.91 -3.14 -1.15
CA VAL A 229 -13.01 -1.87 -1.88
C VAL A 229 -14.38 -1.20 -1.73
N GLY A 230 -15.38 -1.98 -1.32
CA GLY A 230 -16.73 -1.46 -1.08
C GLY A 230 -17.70 -1.65 -2.23
N GLY A 231 -17.50 -2.70 -3.02
CA GLY A 231 -18.41 -3.05 -4.11
C GLY A 231 -19.46 -4.07 -3.74
N GLY A 232 -19.47 -4.45 -2.46
CA GLY A 232 -20.48 -5.37 -1.94
C GLY A 232 -21.82 -4.71 -1.74
N MET A 233 -22.66 -4.76 -2.77
CA MET A 233 -23.99 -4.14 -2.74
C MET A 233 -25.04 -5.10 -2.16
N ARG A 234 -26.24 -4.57 -1.93
CA ARG A 234 -27.31 -5.35 -1.32
C ARG A 234 -28.32 -5.91 -2.34
N GLN A 235 -29.36 -5.14 -2.65
CA GLN A 235 -30.37 -5.58 -3.61
C GLN A 235 -30.04 -5.08 -5.03
N ALA A 236 -28.92 -5.57 -5.56
CA ALA A 236 -28.42 -5.12 -6.86
C ALA A 236 -29.12 -5.79 -8.05
N GLY A 237 -30.14 -6.60 -7.76
CA GLY A 237 -30.94 -7.27 -8.79
C GLY A 237 -31.52 -6.37 -9.85
N ILE A 238 -31.96 -5.17 -9.47
CA ILE A 238 -32.51 -4.22 -10.42
C ILE A 238 -31.47 -3.77 -11.45
N LEU A 239 -30.22 -3.63 -10.99
CA LEU A 239 -29.10 -3.30 -11.87
C LEU A 239 -28.70 -4.51 -12.71
N ALA A 240 -28.65 -5.67 -12.08
CA ALA A 240 -28.16 -6.90 -12.70
C ALA A 240 -29.10 -7.42 -13.78
N GLN A 241 -30.41 -7.25 -13.57
CA GLN A 241 -31.42 -7.67 -14.53
C GLN A 241 -31.36 -6.79 -15.77
N ALA A 242 -31.05 -5.51 -15.56
CA ALA A 242 -30.85 -4.55 -16.64
C ALA A 242 -29.66 -4.94 -17.50
N GLY A 243 -28.53 -5.26 -16.83
CA GLY A 243 -27.34 -5.76 -17.51
C GLY A 243 -27.62 -7.04 -18.29
N LEU A 244 -28.45 -7.90 -17.69
CA LEU A 244 -28.89 -9.15 -18.32
C LEU A 244 -29.73 -8.88 -19.57
N PHE A 245 -30.74 -8.03 -19.42
CA PHE A 245 -31.59 -7.61 -20.53
C PHE A 245 -30.75 -7.10 -21.70
N ALA A 246 -29.76 -6.26 -21.39
CA ALA A 246 -28.87 -5.69 -22.40
C ALA A 246 -28.05 -6.75 -23.12
N LEU A 247 -27.47 -7.67 -22.35
CA LEU A 247 -26.61 -8.73 -22.89
C LEU A 247 -27.37 -9.68 -23.81
N GLN A 248 -28.68 -9.80 -23.59
CA GLN A 248 -29.52 -10.71 -24.36
C GLN A 248 -30.20 -10.04 -25.56
N GLN A 249 -30.38 -8.73 -25.48
CA GLN A 249 -31.19 -8.02 -26.47
C GLN A 249 -30.56 -6.77 -27.10
N HIS A 250 -29.34 -6.43 -26.69
CA HIS A 250 -28.69 -5.21 -27.17
C HIS A 250 -27.34 -5.45 -27.87
N VAL A 251 -26.94 -6.71 -27.98
CA VAL A 251 -25.68 -7.06 -28.63
C VAL A 251 -25.75 -6.92 -30.16
N VAL A 252 -26.72 -7.60 -30.79
CA VAL A 252 -26.83 -7.59 -32.26
C VAL A 252 -26.97 -6.19 -32.87
N ARG A 253 -27.73 -5.32 -32.22
CA ARG A 253 -27.99 -3.98 -32.73
C ARG A 253 -26.79 -3.03 -32.68
N LEU A 254 -25.70 -3.46 -32.04
CA LEU A 254 -24.45 -2.68 -32.05
C LEU A 254 -23.93 -2.48 -33.48
N ALA A 255 -24.31 -3.41 -34.36
CA ALA A 255 -24.03 -3.32 -35.80
C ALA A 255 -24.54 -1.99 -36.36
N ASP A 256 -25.59 -1.46 -35.75
CA ASP A 256 -26.14 -0.15 -36.12
C ASP A 256 -25.21 0.99 -35.71
N ASP A 257 -24.64 0.91 -34.51
CA ASP A 257 -23.71 1.92 -34.01
C ASP A 257 -22.49 2.05 -34.91
N HIS A 258 -22.02 0.92 -35.44
CA HIS A 258 -20.90 0.90 -36.38
C HIS A 258 -21.25 1.64 -37.67
N ARG A 259 -22.42 1.31 -38.21
CA ARG A 259 -22.92 1.94 -39.44
C ARG A 259 -23.08 3.44 -39.27
N ARG A 260 -23.61 3.87 -38.12
CA ARG A 260 -23.76 5.30 -37.80
C ARG A 260 -22.41 5.99 -37.78
N ALA A 261 -21.42 5.34 -37.17
CA ALA A 261 -20.05 5.85 -37.13
C ALA A 261 -19.44 5.88 -38.54
N ARG A 262 -19.70 4.82 -39.31
CA ARG A 262 -19.21 4.69 -40.68
C ARG A 262 -19.76 5.81 -41.57
N GLN A 263 -21.05 6.11 -41.42
CA GLN A 263 -21.72 7.18 -42.15
C GLN A 263 -21.25 8.55 -41.67
N LEU A 264 -20.89 8.61 -40.38
CA LEU A 264 -20.39 9.83 -39.76
C LEU A 264 -18.97 10.16 -40.23
N ALA A 265 -18.13 9.13 -40.32
CA ALA A 265 -16.75 9.29 -40.77
C ALA A 265 -16.68 9.68 -42.24
N GLU A 266 -17.27 8.85 -43.10
CA GLU A 266 -17.32 9.11 -44.54
C GLU A 266 -17.94 10.47 -44.83
N GLY A 267 -18.92 10.86 -44.02
CA GLY A 267 -19.59 12.15 -44.15
C GLY A 267 -18.74 13.35 -43.74
N LEU A 268 -17.79 13.12 -42.85
CA LEU A 268 -16.91 14.20 -42.37
C LEU A 268 -15.57 14.24 -43.10
N ALA A 269 -15.16 13.09 -43.62
CA ALA A 269 -13.91 12.95 -44.37
C ALA A 269 -13.92 13.72 -45.69
N ALA A 270 -15.10 13.95 -46.24
CA ALA A 270 -15.28 14.62 -47.53
C ALA A 270 -15.07 16.13 -47.49
N LEU A 271 -14.78 16.67 -46.31
CA LEU A 271 -14.60 18.12 -46.14
C LEU A 271 -13.13 18.53 -46.12
N GLY A 273 -11.40 20.76 -44.47
CA GLY A 273 -10.31 20.87 -43.51
C GLY A 273 -10.40 19.88 -42.36
N ILE A 274 -10.69 18.62 -42.70
CA ILE A 274 -10.84 17.55 -41.71
C ILE A 274 -9.82 16.44 -41.95
N ARG A 275 -9.03 16.15 -40.92
CA ARG A 275 -8.07 15.05 -40.99
C ARG A 275 -8.56 13.85 -40.17
N LEU A 276 -8.97 12.80 -40.88
CA LEU A 276 -9.36 11.54 -40.24
C LEU A 276 -9.11 10.35 -41.16
N ASP A 277 -8.58 9.29 -40.58
CA ASP A 277 -8.33 8.04 -41.30
C ASP A 277 -9.58 7.16 -41.17
N LEU A 278 -10.02 6.61 -42.30
CA LEU A 278 -11.24 5.80 -42.34
C LEU A 278 -10.96 4.34 -41.98
N ALA A 279 -9.68 3.97 -41.94
CA ALA A 279 -9.25 2.64 -41.53
C ALA A 279 -9.22 2.50 -40.01
N GLN A 280 -9.46 3.60 -39.30
CA GLN A 280 -9.54 3.60 -37.83
C GLN A 280 -10.97 3.33 -37.35
N VAL A 281 -11.94 3.69 -38.20
CA VAL A 281 -13.35 3.48 -37.88
C VAL A 281 -13.75 2.02 -38.13
N GLN A 282 -13.63 1.21 -37.07
CA GLN A 282 -13.92 -0.22 -37.14
C GLN A 282 -15.20 -0.55 -36.38
N THR A 283 -15.49 0.24 -35.34
CA THR A 283 -16.69 0.05 -34.53
C THR A 283 -17.48 1.36 -34.40
N ASN A 284 -17.67 1.82 -33.15
CA ASN A 284 -18.53 2.98 -32.89
C ASN A 284 -17.78 4.26 -32.52
N MET A 285 -16.51 4.33 -32.89
CA MET A 285 -15.69 5.51 -32.60
C MET A 285 -15.21 6.22 -33.87
N VAL A 286 -15.18 7.55 -33.83
CA VAL A 286 -14.69 8.36 -34.93
C VAL A 286 -13.66 9.37 -34.42
N PHE A 287 -12.39 9.12 -34.73
CA PHE A 287 -11.30 10.03 -34.34
C PHE A 287 -10.96 10.99 -35.46
N LEU A 288 -10.83 12.27 -35.11
CA LEU A 288 -10.78 13.35 -36.08
C LEU A 288 -9.78 14.44 -35.67
N GLN A 289 -9.23 15.14 -36.66
CA GLN A 289 -8.35 16.29 -36.43
C GLN A 289 -8.73 17.48 -37.29
N LEU A 290 -8.57 18.68 -36.73
CA LEU A 290 -8.72 19.91 -37.48
C LEU A 290 -7.38 20.33 -38.09
N THR A 291 -7.38 20.61 -39.40
CA THR A 291 -6.15 20.92 -40.12
C THR A 291 -5.65 22.34 -39.81
N SER A 295 -9.68 24.06 -31.68
CA SER A 295 -10.45 22.92 -31.15
C SER A 295 -11.48 23.37 -30.11
N ALA A 296 -11.10 24.34 -29.28
CA ALA A 296 -11.98 24.88 -28.24
C ALA A 296 -13.20 25.63 -28.82
N PRO A 297 -12.99 26.49 -29.84
CA PRO A 297 -14.15 27.16 -30.43
C PRO A 297 -15.02 26.22 -31.28
N LEU A 298 -14.47 25.07 -31.66
CA LEU A 298 -15.19 24.07 -32.44
C LEU A 298 -16.34 23.47 -31.64
N LEU A 299 -16.02 22.93 -30.47
CA LEU A 299 -17.01 22.27 -29.61
C LEU A 299 -17.95 23.26 -28.93
N ALA A 300 -17.46 24.48 -28.69
CA ALA A 300 -18.29 25.56 -28.15
C ALA A 300 -19.35 26.01 -29.15
N PHE A 301 -18.99 25.96 -30.43
CA PHE A 301 -19.93 26.19 -31.53
C PHE A 301 -20.95 25.04 -31.57
N MET A 302 -20.47 23.82 -31.42
CA MET A 302 -21.32 22.62 -31.41
C MET A 302 -22.22 22.59 -30.16
N LYS A 303 -21.68 23.06 -29.04
CA LYS A 303 -22.44 23.24 -27.80
C LYS A 303 -23.71 24.03 -28.07
N ALA A 304 -23.56 25.12 -28.84
CA ALA A 304 -24.67 26.01 -29.20
C ALA A 304 -25.68 25.35 -30.15
N ARG A 305 -25.20 24.42 -30.96
CA ARG A 305 -26.06 23.67 -31.89
C ARG A 305 -26.63 22.39 -31.28
N GLY A 306 -26.39 22.19 -29.99
CA GLY A 306 -26.88 21.01 -29.28
C GLY A 306 -26.16 19.72 -29.64
N ILE A 307 -24.86 19.84 -29.92
CA ILE A 307 -24.03 18.70 -30.27
C ILE A 307 -22.82 18.65 -29.33
N LEU A 308 -22.63 17.51 -28.67
CA LEU A 308 -21.57 17.37 -27.67
C LEU A 308 -20.56 16.28 -28.00
N PHE A 309 -19.28 16.63 -27.90
CA PHE A 309 -18.17 15.66 -28.00
C PHE A 309 -16.88 16.22 -27.39
N SER A 310 -15.81 15.43 -27.43
CA SER A 310 -14.50 15.84 -26.95
C SER A 310 -13.37 15.21 -27.77
N LEU A 315 -12.21 15.82 -31.15
CA LEU A 315 -11.19 14.84 -31.54
C LEU A 315 -11.75 13.41 -31.49
N ARG A 316 -12.79 13.18 -30.69
CA ARG A 316 -13.41 11.86 -30.56
C ARG A 316 -14.93 11.94 -30.59
N LEU A 317 -15.56 11.08 -31.39
CA LEU A 317 -17.01 11.04 -31.54
C LEU A 317 -17.50 9.60 -31.47
N VAL A 318 -18.39 9.31 -30.53
CA VAL A 318 -18.83 7.94 -30.26
C VAL A 318 -20.35 7.78 -30.46
N THR A 319 -20.74 6.77 -31.23
CA THR A 319 -22.15 6.49 -31.51
C THR A 319 -22.75 5.44 -30.56
N HIS A 320 -24.07 5.47 -30.41
CA HIS A 320 -24.79 4.58 -29.48
C HIS A 320 -26.31 4.58 -29.74
N LEU A 321 -27.06 3.85 -28.90
CA LEU A 321 -28.52 3.69 -29.05
C LEU A 321 -29.27 5.01 -29.20
N GLN A 322 -28.90 6.01 -28.40
CA GLN A 322 -29.59 7.31 -28.41
C GLN A 322 -29.16 8.18 -29.60
N ILE A 323 -28.29 7.64 -30.46
CA ILE A 323 -27.88 8.34 -31.68
C ILE A 323 -28.58 7.74 -32.89
N HIS A 324 -29.17 8.61 -33.72
CA HIS A 324 -29.97 8.17 -34.86
C HIS A 324 -29.40 8.68 -36.19
N ASP A 325 -29.99 8.22 -37.29
CA ASP A 325 -29.59 8.61 -38.65
C ASP A 325 -29.70 10.12 -38.86
N ASP A 326 -30.78 10.71 -38.33
CA ASP A 326 -31.02 12.14 -38.42
C ASP A 326 -30.03 12.95 -37.57
N ASP A 327 -29.48 12.31 -36.53
CA ASP A 327 -28.44 12.90 -35.69
C ASP A 327 -27.10 12.90 -36.41
N ILE A 328 -26.84 11.85 -37.19
CA ILE A 328 -25.63 11.74 -37.99
C ILE A 328 -25.61 12.79 -39.11
N GLU A 329 -26.76 13.01 -39.74
CA GLU A 329 -26.89 14.01 -40.80
C GLU A 329 -26.76 15.45 -40.26
N GLU A 330 -27.26 15.67 -39.04
CA GLU A 330 -27.22 16.97 -38.41
C GLU A 330 -25.80 17.40 -38.03
N VAL A 331 -25.02 16.46 -37.49
CA VAL A 331 -23.63 16.74 -37.13
C VAL A 331 -22.75 16.95 -38.37
N ILE A 332 -23.00 16.17 -39.43
CA ILE A 332 -22.35 16.37 -40.73
C ILE A 332 -22.60 17.79 -41.23
N ASP A 333 -23.87 18.19 -41.22
CA ASP A 333 -24.31 19.51 -41.67
C ASP A 333 -23.64 20.63 -40.87
N ALA A 334 -23.60 20.48 -39.55
CA ALA A 334 -23.01 21.47 -38.64
C ALA A 334 -21.54 21.78 -38.96
N PHE A 335 -20.78 20.73 -39.25
CA PHE A 335 -19.38 20.87 -39.67
C PHE A 335 -19.28 21.58 -41.01
N THR A 336 -20.16 21.22 -41.95
CA THR A 336 -20.19 21.82 -43.29
C THR A 336 -20.44 23.33 -43.23
N GLU A 337 -21.30 23.75 -42.30
CA GLU A 337 -21.57 25.17 -42.05
C GLU A 337 -20.43 25.85 -41.29
N TYR A 338 -19.66 25.06 -40.55
CA TYR A 338 -18.56 25.59 -39.74
C TYR A 338 -17.33 25.97 -40.56
N LEU A 339 -16.98 25.15 -41.54
CA LEU A 339 -15.81 25.38 -42.39
C LEU A 339 -16.08 26.37 -43.52
N TYR B 6 -40.57 -16.72 4.05
CA TYR B 6 -39.58 -16.67 5.16
C TYR B 6 -39.69 -15.40 5.99
N ILE B 7 -39.63 -15.55 7.30
CA ILE B 7 -39.53 -14.42 8.22
C ILE B 7 -38.05 -14.18 8.52
N ASP B 8 -37.51 -13.14 7.91
CA ASP B 8 -36.06 -12.92 7.86
C ASP B 8 -35.59 -11.83 8.84
N LEU B 9 -35.05 -12.26 9.97
CA LEU B 9 -34.57 -11.35 11.01
C LEU B 9 -33.04 -11.33 11.12
N ARG B 10 -32.37 -11.64 10.01
CA ARG B 10 -30.91 -11.64 9.97
C ARG B 10 -30.33 -10.23 10.03
N SER B 11 -30.98 -9.29 9.34
CA SER B 11 -30.55 -7.91 9.25
C SER B 11 -31.63 -7.07 8.58
N ASP B 12 -31.54 -5.75 8.73
CA ASP B 12 -32.40 -4.82 8.01
C ASP B 12 -31.89 -4.56 6.59
N THR B 13 -30.80 -5.22 6.22
CA THR B 13 -30.23 -5.12 4.89
C THR B 13 -31.03 -5.94 3.86
N VAL B 14 -31.91 -6.80 4.36
CA VAL B 14 -32.75 -7.62 3.49
C VAL B 14 -34.00 -6.88 3.01
N THR B 15 -34.20 -5.65 3.52
CA THR B 15 -35.33 -4.81 3.11
C THR B 15 -35.43 -4.68 1.60
N GLN B 16 -36.65 -4.83 1.09
CA GLN B 16 -36.92 -4.76 -0.33
C GLN B 16 -37.58 -3.43 -0.68
N PRO B 17 -37.49 -3.00 -1.96
CA PRO B 17 -38.15 -1.75 -2.34
C PRO B 17 -39.66 -1.92 -2.30
N THR B 18 -40.34 -0.90 -1.79
CA THR B 18 -41.80 -0.86 -1.81
C THR B 18 -42.24 -0.48 -3.22
N ASP B 19 -43.49 -0.79 -3.55
CA ASP B 19 -44.05 -0.45 -4.86
C ASP B 19 -43.99 1.06 -5.14
N ALA B 20 -44.25 1.86 -4.11
CA ALA B 20 -44.12 3.31 -4.19
C ALA B 20 -42.69 3.71 -4.56
N MET B 21 -41.71 3.06 -3.92
CA MET B 21 -40.29 3.29 -4.23
C MET B 21 -39.94 2.85 -5.66
N ARG B 22 -40.38 1.66 -6.05
CA ARG B 22 -40.17 1.14 -7.41
C ARG B 22 -40.75 2.08 -8.46
N GLN B 23 -41.90 2.66 -8.15
CA GLN B 23 -42.57 3.63 -9.02
C GLN B 23 -41.73 4.88 -9.19
N CYS B 24 -41.11 5.33 -8.10
CA CYS B 24 -40.23 6.50 -8.11
C CYS B 24 -38.96 6.21 -8.89
N MET B 25 -38.58 4.94 -8.98
CA MET B 25 -37.43 4.50 -9.76
C MET B 25 -37.75 4.43 -11.25
N LEU B 26 -38.98 4.04 -11.58
CA LEU B 26 -39.45 3.98 -12.96
C LEU B 26 -39.37 5.35 -13.62
N HIS B 27 -39.71 6.39 -12.86
CA HIS B 27 -39.80 7.75 -13.38
C HIS B 27 -38.54 8.57 -13.12
N ALA B 28 -37.51 7.92 -12.58
CA ALA B 28 -36.26 8.58 -12.22
C ALA B 28 -35.50 9.11 -13.45
N GLU B 29 -34.99 10.33 -13.33
CA GLU B 29 -34.21 10.95 -14.40
C GLU B 29 -32.71 10.70 -14.18
N VAL B 30 -32.05 10.20 -15.23
CA VAL B 30 -30.66 9.78 -15.14
C VAL B 30 -29.77 10.46 -16.17
N GLY B 31 -28.49 10.60 -15.80
CA GLY B 31 -27.46 11.08 -16.71
C GLY B 31 -26.18 10.32 -16.41
N ASP B 32 -25.04 10.88 -16.81
CA ASP B 32 -23.75 10.29 -16.51
C ASP B 32 -23.18 10.94 -15.25
N ASP B 33 -23.04 10.15 -14.19
CA ASP B 33 -22.55 10.63 -12.89
C ASP B 33 -21.09 11.09 -12.96
N VAL B 34 -20.32 10.48 -13.85
CA VAL B 34 -18.90 10.83 -14.02
C VAL B 34 -18.71 12.29 -14.44
N TYR B 35 -19.62 12.81 -15.27
CA TYR B 35 -19.62 14.23 -15.64
C TYR B 35 -20.46 15.07 -14.67
N GLY B 36 -21.03 14.43 -13.66
CA GLY B 36 -21.90 15.10 -12.69
C GLY B 36 -23.26 15.46 -13.27
N GLU B 37 -23.66 14.73 -14.32
CA GLU B 37 -24.84 15.08 -15.10
C GLU B 37 -26.07 14.21 -14.80
N ASP B 38 -26.01 13.40 -13.74
CA ASP B 38 -27.16 12.63 -13.31
C ASP B 38 -27.97 13.45 -12.30
N PRO B 39 -29.18 13.89 -12.69
CA PRO B 39 -29.99 14.74 -11.82
C PRO B 39 -30.50 14.01 -10.57
N GLY B 40 -30.62 12.69 -10.65
CA GLY B 40 -31.04 11.87 -9.53
C GLY B 40 -30.02 11.82 -8.40
N VAL B 41 -28.74 11.63 -8.74
CA VAL B 41 -27.70 11.58 -7.73
C VAL B 41 -27.38 12.96 -7.18
N ASN B 42 -27.43 13.98 -8.03
CA ASN B 42 -27.24 15.36 -7.60
C ASN B 42 -28.28 15.77 -6.56
N ALA B 43 -29.54 15.43 -6.85
CA ALA B 43 -30.68 15.76 -5.97
C ALA B 43 -30.58 15.10 -4.60
N LEU B 44 -30.21 13.81 -4.58
CA LEU B 44 -30.01 13.09 -3.32
C LEU B 44 -28.83 13.64 -2.54
N GLU B 45 -27.78 14.01 -3.26
CA GLU B 45 -26.57 14.60 -2.66
C GLU B 45 -26.85 15.99 -2.10
N ALA B 46 -27.54 16.81 -2.88
CA ALA B 46 -27.97 18.13 -2.43
C ALA B 46 -28.87 18.02 -1.19
N TYR B 47 -29.88 17.13 -1.28
CA TYR B 47 -30.81 16.92 -0.17
C TYR B 47 -30.10 16.39 1.08
N GLY B 48 -29.26 15.38 0.89
CA GLY B 48 -28.51 14.76 1.98
C GLY B 48 -27.54 15.70 2.69
N ALA B 49 -26.85 16.52 1.92
CA ALA B 49 -25.93 17.52 2.47
C ALA B 49 -26.70 18.55 3.30
N ASP B 50 -27.81 19.03 2.75
CA ASP B 50 -28.64 20.03 3.40
C ASP B 50 -29.32 19.49 4.67
N LEU B 51 -29.76 18.24 4.61
CA LEU B 51 -30.48 17.59 5.71
C LEU B 51 -29.62 17.47 6.95
N LEU B 52 -28.32 17.25 6.76
CA LEU B 52 -27.39 17.07 7.86
C LEU B 52 -26.60 18.33 8.19
N GLY B 53 -26.88 19.41 7.47
CA GLY B 53 -26.22 20.69 7.68
C GLY B 53 -24.74 20.64 7.33
N LYS B 54 -24.44 20.07 6.16
CA LYS B 54 -23.07 19.94 5.68
C LYS B 54 -22.94 20.54 4.29
N GLU B 55 -21.70 20.86 3.90
CA GLU B 55 -21.44 21.54 2.64
C GLU B 55 -21.69 20.66 1.41
N ALA B 56 -21.28 19.39 1.47
CA ALA B 56 -21.39 18.50 0.31
C ALA B 56 -21.68 17.05 0.70
N ALA B 57 -22.06 16.26 -0.29
CA ALA B 57 -22.33 14.84 -0.10
C ALA B 57 -21.90 14.03 -1.33
N LEU B 58 -21.64 12.75 -1.13
CA LEU B 58 -21.20 11.85 -2.20
C LEU B 58 -21.87 10.48 -2.09
N PHE B 59 -22.44 10.03 -3.20
CA PHE B 59 -23.20 8.78 -3.24
C PHE B 59 -22.32 7.60 -3.64
N VAL B 60 -22.34 6.56 -2.82
CA VAL B 60 -21.52 5.37 -3.01
C VAL B 60 -22.37 4.10 -2.95
N PRO B 61 -21.90 3.01 -3.61
CA PRO B 61 -22.67 1.75 -3.66
C PRO B 61 -22.76 0.95 -2.36
N SER B 62 -22.00 1.30 -1.34
CA SER B 62 -22.03 0.55 -0.06
C SER B 62 -21.60 1.39 1.14
N GLY B 63 -22.01 0.95 2.33
CA GLY B 63 -21.56 1.56 3.57
C GLY B 63 -20.08 1.36 3.79
N THR B 64 -19.55 0.26 3.25
CA THR B 64 -18.13 -0.05 3.32
C THR B 64 -17.32 0.97 2.54
N MET B 65 -17.77 1.32 1.34
CA MET B 65 -17.08 2.32 0.52
C MET B 65 -17.10 3.69 1.18
N SER B 66 -18.27 4.10 1.67
CA SER B 66 -18.46 5.37 2.35
C SER B 66 -17.46 5.56 3.49
N ASN B 67 -17.31 4.54 4.33
CA ASN B 67 -16.35 4.58 5.43
C ASN B 67 -14.92 4.53 4.94
N LEU B 68 -14.66 3.65 3.97
CA LEU B 68 -13.33 3.51 3.38
C LEU B 68 -12.81 4.85 2.86
N LEU B 69 -13.61 5.49 2.02
CA LEU B 69 -13.28 6.81 1.45
C LEU B 69 -13.17 7.87 2.54
N ALA B 70 -14.03 7.80 3.54
CA ALA B 70 -14.04 8.74 4.65
C ALA B 70 -12.68 8.80 5.35
N VAL B 71 -12.19 7.64 5.79
CA VAL B 71 -10.93 7.58 6.53
C VAL B 71 -9.72 7.90 5.63
N MET B 72 -9.78 7.47 4.37
CA MET B 72 -8.73 7.79 3.39
C MET B 72 -8.69 9.28 3.02
N SER B 73 -9.83 9.95 3.13
CA SER B 73 -9.89 11.39 2.93
C SER B 73 -9.41 12.17 4.16
N HIS B 74 -9.46 11.53 5.33
CA HIS B 74 -8.97 12.15 6.57
C HIS B 74 -7.50 11.85 6.82
N CYS B 75 -7.09 10.63 6.53
CA CYS B 75 -5.74 10.15 6.86
C CYS B 75 -4.96 9.75 5.62
N GLN B 76 -3.76 10.31 5.47
CA GLN B 76 -2.89 9.92 4.37
C GLN B 76 -1.99 8.76 4.81
N ARG B 77 -1.16 8.26 3.90
CA ARG B 77 -0.21 7.19 4.21
C ARG B 77 0.49 7.43 5.54
N GLY B 78 0.39 6.45 6.44
CA GLY B 78 1.05 6.51 7.74
C GLY B 78 0.30 7.24 8.82
N GLU B 79 -0.75 7.97 8.46
CA GLU B 79 -1.54 8.71 9.45
C GLU B 79 -2.53 7.79 10.18
N GLY B 80 -2.86 8.16 11.41
CA GLY B 80 -3.64 7.29 12.30
C GLY B 80 -5.10 7.65 12.44
N ALA B 81 -5.92 6.62 12.62
CA ALA B 81 -7.34 6.78 12.90
C ALA B 81 -7.75 5.87 14.05
N VAL B 82 -8.14 6.48 15.17
CA VAL B 82 -8.53 5.74 16.37
C VAL B 82 -10.04 5.45 16.41
N LEU B 83 -10.38 4.18 16.63
CA LEU B 83 -11.76 3.71 16.59
C LEU B 83 -12.01 2.59 17.60
N GLY B 84 -13.25 2.11 17.66
CA GLY B 84 -13.62 1.03 18.56
C GLY B 84 -13.19 -0.34 18.07
N SER B 85 -12.87 -1.22 19.01
CA SER B 85 -12.56 -2.62 18.73
C SER B 85 -13.70 -3.28 17.96
N ALA B 86 -14.93 -3.04 18.42
CA ALA B 86 -16.12 -3.68 17.90
C ALA B 86 -16.79 -2.91 16.76
N ALA B 87 -16.19 -1.79 16.36
CA ALA B 87 -16.70 -0.94 15.28
C ALA B 87 -16.60 -1.63 13.92
N HIS B 88 -17.54 -1.31 13.03
CA HIS B 88 -17.62 -1.94 11.71
C HIS B 88 -16.39 -1.64 10.83
N ILE B 89 -15.91 -0.39 10.87
CA ILE B 89 -14.75 0.05 10.08
C ILE B 89 -13.52 -0.80 10.39
N TYR B 90 -13.39 -1.24 11.64
CA TYR B 90 -12.22 -2.02 12.07
C TYR B 90 -12.45 -3.53 12.02
N ARG B 91 -13.62 -3.98 12.43
CA ARG B 91 -13.88 -5.41 12.62
C ARG B 91 -14.46 -6.11 11.39
N TYR B 92 -15.28 -5.41 10.61
CA TYR B 92 -16.10 -6.04 9.57
C TYR B 92 -15.88 -5.58 8.12
N GLU B 93 -14.87 -4.74 7.91
CA GLU B 93 -14.57 -4.22 6.57
C GLU B 93 -13.19 -4.66 6.07
N ALA B 94 -12.74 -5.81 6.56
CA ALA B 94 -11.49 -6.45 6.17
C ALA B 94 -10.25 -5.54 6.27
N GLN B 95 -10.31 -4.59 7.21
CA GLN B 95 -9.30 -3.54 7.37
C GLN B 95 -8.87 -2.89 6.05
N GLY B 96 -9.86 -2.62 5.20
CA GLY B 96 -9.62 -2.08 3.86
C GLY B 96 -8.86 -0.77 3.83
N SER B 97 -9.20 0.14 4.75
CA SER B 97 -8.51 1.42 4.85
C SER B 97 -7.04 1.29 5.23
N ALA B 98 -6.69 0.24 5.98
CA ALA B 98 -5.30 -0.05 6.29
C ALA B 98 -4.60 -0.76 5.13
N VAL B 99 -5.22 -1.82 4.63
CA VAL B 99 -4.66 -2.65 3.55
C VAL B 99 -4.52 -1.87 2.24
N LEU B 100 -5.60 -1.22 1.83
CA LEU B 100 -5.62 -0.47 0.58
C LEU B 100 -5.15 0.98 0.74
N GLY B 101 -5.48 1.58 1.88
CA GLY B 101 -5.30 3.01 2.08
C GLY B 101 -4.05 3.45 2.82
N SER B 102 -3.33 2.49 3.40
CA SER B 102 -2.09 2.76 4.15
C SER B 102 -2.29 3.63 5.40
N VAL B 103 -3.49 3.59 5.97
CA VAL B 103 -3.72 4.30 7.23
C VAL B 103 -3.52 3.36 8.41
N ALA B 104 -3.04 3.93 9.53
CA ALA B 104 -2.84 3.18 10.75
C ALA B 104 -4.13 3.18 11.56
N LEU B 105 -4.74 2.01 11.69
CA LEU B 105 -5.95 1.86 12.50
C LEU B 105 -5.55 1.61 13.94
N GLN B 106 -6.09 2.44 14.85
CA GLN B 106 -5.79 2.32 16.27
C GLN B 106 -7.05 1.94 17.06
N PRO B 107 -7.33 0.63 17.18
CA PRO B 107 -8.50 0.16 17.94
C PRO B 107 -8.42 0.42 19.44
N VAL B 108 -9.45 1.08 19.96
CA VAL B 108 -9.60 1.37 21.37
C VAL B 108 -10.80 0.55 21.88
N PRO B 109 -10.78 0.10 23.15
CA PRO B 109 -11.94 -0.64 23.68
C PRO B 109 -13.25 0.14 23.61
N MET B 110 -14.34 -0.57 23.38
CA MET B 110 -15.67 0.02 23.24
C MET B 110 -16.50 -0.24 24.49
N GLN B 111 -17.11 0.81 25.04
CA GLN B 111 -17.86 0.73 26.30
C GLN B 111 -19.28 0.17 26.13
N ASP B 113 -22.59 0.96 25.33
CA ASP B 113 -23.40 1.90 24.55
C ASP B 113 -22.76 2.26 23.20
N GLY B 114 -21.54 1.78 22.98
CA GLY B 114 -20.79 2.07 21.76
C GLY B 114 -19.90 3.30 21.85
N SER B 115 -19.70 3.80 23.07
CA SER B 115 -18.83 4.94 23.30
C SER B 115 -17.40 4.50 23.56
N LEU B 116 -16.46 5.41 23.27
CA LEU B 116 -15.06 5.19 23.57
C LEU B 116 -14.68 6.07 24.74
N ALA B 117 -14.03 5.49 25.75
CA ALA B 117 -13.55 6.22 26.91
C ALA B 117 -12.57 7.31 26.50
N LEU B 118 -12.88 8.55 26.86
CA LEU B 118 -12.04 9.70 26.51
C LEU B 118 -10.59 9.52 26.93
N ALA B 119 -10.36 8.85 28.07
CA ALA B 119 -9.02 8.52 28.52
C ALA B 119 -8.27 7.66 27.50
N ASP B 120 -8.93 6.61 27.02
CA ASP B 120 -8.37 5.68 26.03
C ASP B 120 -8.03 6.41 24.73
N VAL B 121 -8.92 7.30 24.31
CA VAL B 121 -8.72 8.08 23.09
C VAL B 121 -7.58 9.09 23.25
N ARG B 122 -7.48 9.70 24.44
CA ARG B 122 -6.39 10.62 24.77
C ARG B 122 -5.04 9.93 24.70
N ALA B 123 -4.96 8.75 25.30
CA ALA B 123 -3.73 7.95 25.32
C ALA B 123 -3.33 7.44 23.92
N ALA B 124 -4.32 7.35 23.03
CA ALA B 124 -4.12 6.83 21.66
C ALA B 124 -3.50 7.86 20.71
N ILE B 125 -3.69 9.14 21.01
CA ILE B 125 -3.07 10.23 20.24
C ILE B 125 -1.55 10.21 20.44
N ALA B 126 -0.82 10.06 19.35
CA ALA B 126 0.64 9.90 19.37
C ALA B 126 1.38 11.02 20.09
N ASP B 128 4.62 13.92 18.96
CA ASP B 128 5.39 14.03 17.73
C ASP B 128 6.68 13.22 17.84
N ASP B 129 6.65 11.99 17.32
CA ASP B 129 7.79 11.06 17.45
C ASP B 129 7.80 10.02 16.31
N VAL B 130 9.00 9.65 15.90
CA VAL B 130 9.21 8.78 14.72
C VAL B 130 8.78 7.31 14.89
N HIS B 131 8.67 6.87 16.14
CA HIS B 131 8.23 5.51 16.45
C HIS B 131 6.71 5.36 16.26
N PHE B 132 6.03 6.50 16.20
CA PHE B 132 4.57 6.53 16.19
C PHE B 132 3.97 6.96 14.85
N THR B 133 2.67 6.76 14.71
CA THR B 133 1.90 7.28 13.58
C THR B 133 1.15 8.53 14.04
N PRO B 134 1.22 9.63 13.26
CA PRO B 134 0.49 10.85 13.62
C PRO B 134 -1.02 10.68 13.46
N THR B 135 -1.74 10.80 14.58
CA THR B 135 -3.20 10.68 14.57
C THR B 135 -3.84 11.86 13.86
N ARG B 136 -4.91 11.60 13.12
CA ARG B 136 -5.66 12.63 12.42
C ARG B 136 -7.16 12.55 12.66
N LEU B 137 -7.64 11.37 13.04
CA LEU B 137 -9.08 11.10 13.08
C LEU B 137 -9.50 10.18 14.22
N VAL B 138 -10.68 10.45 14.78
CA VAL B 138 -11.36 9.48 15.63
C VAL B 138 -12.67 9.06 14.97
N CYS B 139 -13.01 7.78 15.10
CA CYS B 139 -14.23 7.25 14.50
C CYS B 139 -15.23 6.77 15.55
N LEU B 140 -16.48 7.19 15.40
CA LEU B 140 -17.57 6.76 16.25
C LEU B 140 -18.68 6.12 15.43
N GLU B 141 -19.50 5.30 16.09
CA GLU B 141 -20.57 4.54 15.44
C GLU B 141 -21.90 4.70 16.17
N ASN B 142 -22.92 5.15 15.44
CA ASN B 142 -24.24 5.39 16.01
C ASN B 142 -25.34 5.13 14.98
N THR B 143 -26.18 4.12 15.22
CA THR B 143 -26.13 3.28 16.41
C THR B 143 -25.05 2.19 16.30
N HIS B 144 -24.66 1.65 17.45
CA HIS B 144 -23.72 0.52 17.52
C HIS B 144 -24.42 -0.66 18.19
N ASN B 145 -24.51 -1.77 17.47
CA ASN B 145 -25.29 -2.94 17.88
C ASN B 145 -26.68 -2.57 18.44
N GLY B 146 -27.31 -1.59 17.81
CA GLY B 146 -28.66 -1.18 18.18
C GLY B 146 -28.77 -0.13 19.29
N LYS B 147 -27.75 -0.03 20.14
CA LYS B 147 -27.79 0.91 21.27
C LYS B 147 -27.53 2.34 20.77
N VAL B 148 -28.05 3.32 21.52
CA VAL B 148 -27.96 4.73 21.15
C VAL B 148 -26.77 5.41 21.83
N LEU B 149 -25.95 6.10 21.03
CA LEU B 149 -24.81 6.86 21.52
C LEU B 149 -25.31 8.16 22.16
N PRO B 150 -24.93 8.41 23.43
CA PRO B 150 -25.43 9.55 24.20
C PRO B 150 -24.97 10.88 23.60
N LEU B 151 -25.91 11.82 23.46
CA LEU B 151 -25.62 13.14 22.92
C LEU B 151 -24.65 13.99 23.77
N PRO B 152 -24.76 13.93 25.13
CA PRO B 152 -23.79 14.66 25.94
C PRO B 152 -22.34 14.19 25.72
N TYR B 153 -22.17 12.89 25.48
CA TYR B 153 -20.85 12.31 25.21
C TYR B 153 -20.25 12.82 23.90
N LEU B 154 -21.10 13.08 22.92
CA LEU B 154 -20.67 13.64 21.62
C LEU B 154 -19.96 14.98 21.77
N ARG B 155 -20.57 15.89 22.53
CA ARG B 155 -19.99 17.22 22.78
C ARG B 155 -18.63 17.12 23.48
N GLU B 156 -18.48 16.12 24.35
CA GLU B 156 -17.22 15.84 25.02
C GLU B 156 -16.15 15.42 24.02
N MET B 157 -16.52 14.53 23.11
CA MET B 157 -15.62 14.04 22.08
C MET B 157 -15.16 15.17 21.15
N ARG B 158 -16.09 16.02 20.73
CA ARG B 158 -15.77 17.18 19.90
C ARG B 158 -14.78 18.11 20.61
N GLU B 159 -14.93 18.27 21.92
CA GLU B 159 -13.99 19.06 22.73
C GLU B 159 -12.60 18.42 22.76
N LEU B 160 -12.55 17.09 22.84
CA LEU B 160 -11.30 16.33 22.75
C LEU B 160 -10.65 16.52 21.38
N VAL B 161 -11.46 16.43 20.33
CA VAL B 161 -11.03 16.58 18.95
C VAL B 161 -10.50 17.99 18.63
N ASP B 162 -11.18 19.00 19.17
CA ASP B 162 -10.76 20.40 18.99
C ASP B 162 -9.45 20.72 19.72
N GLU B 163 -9.26 20.09 20.87
CA GLU B 163 -8.05 20.28 21.68
C GLU B 163 -6.79 19.79 20.95
N HIS B 164 -6.91 18.66 20.26
CA HIS B 164 -5.77 18.02 19.61
C HIS B 164 -5.72 18.25 18.10
N GLY B 165 -6.63 19.07 17.59
CA GLY B 165 -6.68 19.41 16.17
C GLY B 165 -7.00 18.25 15.25
N LEU B 166 -7.79 17.29 15.75
CA LEU B 166 -8.14 16.09 14.98
C LEU B 166 -9.46 16.28 14.23
N GLN B 167 -9.89 15.22 13.52
CA GLN B 167 -11.18 15.18 12.84
C GLN B 167 -12.08 14.11 13.47
N LEU B 168 -13.39 14.21 13.23
CA LEU B 168 -14.34 13.28 13.83
C LEU B 168 -15.28 12.69 12.77
N HIS B 169 -15.26 11.37 12.62
CA HIS B 169 -16.14 10.69 11.67
C HIS B 169 -17.22 9.87 12.37
N LEU B 170 -18.46 9.99 11.89
CA LEU B 170 -19.57 9.17 12.37
C LEU B 170 -19.97 8.11 11.34
N ASP B 171 -19.93 6.85 11.77
CA ASP B 171 -20.51 5.77 11.00
C ASP B 171 -21.99 5.67 11.35
N GLY B 172 -22.78 6.55 10.75
CA GLY B 172 -24.22 6.60 10.98
C GLY B 172 -24.98 5.73 10.02
N ALA B 173 -24.57 4.46 9.92
CA ALA B 173 -25.25 3.47 9.10
C ALA B 173 -26.71 3.32 9.54
N ARG B 174 -26.95 3.43 10.84
CA ARG B 174 -28.30 3.43 11.40
C ARG B 174 -28.55 4.70 12.19
N LEU B 175 -28.09 5.83 11.64
CA LEU B 175 -28.26 7.13 12.27
C LEU B 175 -29.72 7.44 12.58
N PHE B 176 -30.60 7.16 11.63
CA PHE B 176 -32.01 7.51 11.77
C PHE B 176 -32.76 6.67 12.79
N ASN B 177 -32.29 5.44 13.02
CA ASN B 177 -32.72 4.62 14.15
C ASN B 177 -32.43 5.31 15.48
N ALA B 178 -31.27 5.96 15.58
CA ALA B 178 -30.91 6.74 16.75
C ALA B 178 -31.75 8.02 16.86
N VAL B 179 -32.01 8.65 15.70
CA VAL B 179 -32.78 9.89 15.64
C VAL B 179 -34.20 9.70 16.19
N VAL B 180 -34.88 8.64 15.74
CA VAL B 180 -36.26 8.39 16.14
C VAL B 180 -36.39 7.86 17.58
N ALA B 181 -35.38 7.13 18.05
CA ALA B 181 -35.39 6.58 19.41
C ALA B 181 -34.99 7.59 20.48
N SER B 182 -33.99 8.42 20.18
CA SER B 182 -33.45 9.38 21.16
C SER B 182 -34.34 10.61 21.34
N GLY B 183 -34.99 11.04 20.26
CA GLY B 183 -35.84 12.22 20.28
C GLY B 183 -35.10 13.50 19.91
N HIS B 184 -33.83 13.36 19.52
CA HIS B 184 -33.04 14.46 18.99
C HIS B 184 -33.07 14.45 17.47
N THR B 185 -32.97 15.64 16.88
CA THR B 185 -33.00 15.81 15.43
C THR B 185 -31.71 15.29 14.78
N VAL B 186 -31.74 15.13 13.46
CA VAL B 186 -30.56 14.73 12.70
C VAL B 186 -29.43 15.73 12.92
N ARG B 187 -29.76 17.02 12.74
CA ARG B 187 -28.79 18.10 12.90
C ARG B 187 -28.06 18.06 14.23
N GLU B 188 -28.78 17.70 15.29
CA GLU B 188 -28.21 17.63 16.64
C GLU B 188 -27.17 16.53 16.79
N LEU B 189 -27.49 15.33 16.30
CA LEU B 189 -26.62 14.16 16.40
C LEU B 189 -25.43 14.21 15.45
N VAL B 190 -25.54 15.05 14.43
CA VAL B 190 -24.53 15.14 13.38
C VAL B 190 -23.60 16.37 13.52
N ALA B 191 -24.11 17.42 14.17
CA ALA B 191 -23.37 18.68 14.35
C ALA B 191 -21.94 18.59 14.91
N PRO B 192 -21.68 17.65 15.85
CA PRO B 192 -20.32 17.51 16.36
C PRO B 192 -19.36 16.73 15.44
N PHE B 193 -19.85 16.27 14.30
CA PHE B 193 -19.05 15.46 13.39
C PHE B 193 -18.64 16.23 12.13
N ASP B 194 -17.41 16.02 11.69
CA ASP B 194 -16.90 16.62 10.47
C ASP B 194 -17.42 15.87 9.23
N SER B 195 -17.63 14.57 9.39
CA SER B 195 -18.14 13.71 8.31
C SER B 195 -19.05 12.61 8.85
N VAL B 196 -20.02 12.20 8.03
CA VAL B 196 -20.98 11.16 8.42
C VAL B 196 -21.24 10.22 7.24
N SER B 197 -21.24 8.92 7.52
CA SER B 197 -21.77 7.93 6.58
C SER B 197 -23.22 7.66 6.94
N ILE B 198 -24.08 7.62 5.92
CA ILE B 198 -25.46 7.18 6.13
C ILE B 198 -25.82 6.05 5.17
N CYS B 199 -26.22 4.92 5.71
CA CYS B 199 -26.72 3.82 4.90
C CYS B 199 -28.18 4.02 4.55
N LEU B 200 -28.48 3.84 3.26
CA LEU B 200 -29.84 3.91 2.76
C LEU B 200 -30.39 2.50 2.55
N SER B 201 -29.51 1.52 2.56
CA SER B 201 -29.85 0.14 2.21
C SER B 201 -30.18 -0.74 3.41
N LYS B 202 -30.44 -0.11 4.56
CA LYS B 202 -30.86 -0.84 5.75
C LYS B 202 -32.32 -0.51 6.06
N GLY B 203 -32.60 -0.09 7.29
CA GLY B 203 -33.95 0.24 7.74
C GLY B 203 -34.75 1.13 6.80
N LEU B 204 -34.06 2.07 6.16
CA LEU B 204 -34.70 2.99 5.21
C LEU B 204 -35.27 2.29 3.98
N GLY B 205 -34.72 1.13 3.63
CA GLY B 205 -35.31 0.25 2.63
C GLY B 205 -34.95 0.47 1.17
N ALA B 206 -33.94 1.31 0.92
CA ALA B 206 -33.42 1.49 -0.44
C ALA B 206 -32.62 0.23 -0.85
N PRO B 207 -32.60 -0.07 -2.17
CA PRO B 207 -31.94 -1.32 -2.60
C PRO B 207 -30.41 -1.28 -2.53
N VAL B 208 -29.82 -0.12 -2.82
CA VAL B 208 -28.37 0.00 -2.98
C VAL B 208 -27.85 1.31 -2.40
N GLY B 209 -26.73 1.23 -1.70
CA GLY B 209 -25.88 2.39 -1.49
C GLY B 209 -26.00 3.21 -0.23
N SER B 210 -24.96 4.02 -0.01
CA SER B 210 -24.86 4.90 1.14
C SER B 210 -24.53 6.32 0.67
N LEU B 211 -24.47 7.25 1.61
CA LEU B 211 -24.08 8.62 1.33
C LEU B 211 -23.02 9.09 2.33
N LEU B 212 -21.92 9.59 1.79
CA LEU B 212 -20.86 10.20 2.60
C LEU B 212 -21.07 11.72 2.57
N VAL B 213 -21.16 12.34 3.75
CA VAL B 213 -21.34 13.78 3.82
C VAL B 213 -20.18 14.46 4.57
N GLY B 214 -19.91 15.71 4.22
CA GLY B 214 -18.86 16.50 4.88
C GLY B 214 -18.62 17.84 4.21
N SER B 215 -17.43 18.39 4.45
CA SER B 215 -17.02 19.66 3.83
C SER B 215 -16.75 19.51 2.34
N HIS B 216 -16.75 20.64 1.61
CA HIS B 216 -16.50 20.63 0.17
C HIS B 216 -15.19 19.94 -0.15
N ALA B 217 -14.12 20.40 0.50
CA ALA B 217 -12.77 19.87 0.28
C ALA B 217 -12.67 18.38 0.62
N PHE B 218 -13.38 17.96 1.67
CA PHE B 218 -13.41 16.55 2.09
C PHE B 218 -14.05 15.66 1.04
N ILE B 219 -15.28 16.03 0.63
CA ILE B 219 -16.02 15.27 -0.38
C ILE B 219 -15.27 15.22 -1.71
N ALA B 220 -14.58 16.31 -2.04
CA ALA B 220 -13.79 16.40 -3.27
C ALA B 220 -12.61 15.42 -3.26
N ARG B 221 -12.04 15.19 -2.08
CA ARG B 221 -11.00 14.18 -1.90
C ARG B 221 -11.60 12.78 -1.97
N ALA B 222 -12.79 12.62 -1.39
CA ALA B 222 -13.51 11.35 -1.39
C ALA B 222 -14.00 10.96 -2.78
N ARG B 223 -14.42 11.97 -3.55
CA ARG B 223 -14.92 11.78 -4.92
C ARG B 223 -13.79 11.29 -5.82
N ARG B 224 -12.60 11.81 -5.61
CA ARG B 224 -11.41 11.40 -6.36
C ARG B 224 -11.06 9.95 -6.06
N LEU B 225 -11.05 9.59 -4.77
CA LEU B 225 -10.75 8.24 -4.32
C LEU B 225 -11.86 7.25 -4.70
N ARG B 226 -13.09 7.75 -4.86
CA ARG B 226 -14.21 6.93 -5.32
C ARG B 226 -13.92 6.34 -6.70
N LYS B 227 -13.35 7.16 -7.59
CA LYS B 227 -12.99 6.72 -8.93
C LYS B 227 -11.93 5.62 -8.89
N MET B 228 -10.96 5.77 -7.98
CA MET B 228 -9.86 4.82 -7.85
C MET B 228 -10.28 3.46 -7.30
N VAL B 229 -11.35 3.44 -6.49
CA VAL B 229 -11.83 2.19 -5.89
C VAL B 229 -12.90 1.49 -6.75
N GLY B 230 -13.41 2.22 -7.76
CA GLY B 230 -14.40 1.69 -8.68
C GLY B 230 -15.84 2.02 -8.31
N GLY B 231 -16.02 3.08 -7.55
CA GLY B 231 -17.34 3.52 -7.10
C GLY B 231 -17.99 4.53 -8.02
N GLY B 232 -17.29 4.88 -9.10
CA GLY B 232 -17.81 5.81 -10.10
C GLY B 232 -18.76 5.11 -11.05
N MET B 233 -20.05 5.23 -10.75
CA MET B 233 -21.10 4.65 -11.59
C MET B 233 -21.56 5.60 -12.68
N ARG B 234 -22.41 5.13 -13.59
CA ARG B 234 -22.92 5.93 -14.68
C ARG B 234 -24.31 6.52 -14.40
N GLN B 235 -25.37 5.76 -14.71
CA GLN B 235 -26.76 6.21 -14.51
C GLN B 235 -27.30 5.74 -13.16
N ALA B 236 -26.71 6.28 -12.09
CA ALA B 236 -27.01 5.83 -10.74
C ALA B 236 -28.23 6.53 -10.12
N GLY B 237 -28.87 7.39 -10.90
CA GLY B 237 -30.04 8.14 -10.45
C GLY B 237 -31.22 7.29 -10.01
N ILE B 238 -31.39 6.14 -10.66
CA ILE B 238 -32.43 5.19 -10.31
C ILE B 238 -32.21 4.68 -8.88
N LEU B 239 -30.95 4.36 -8.57
CA LEU B 239 -30.55 3.99 -7.21
C LEU B 239 -30.67 5.17 -6.25
N ALA B 240 -30.28 6.36 -6.74
CA ALA B 240 -30.22 7.56 -5.92
C ALA B 240 -31.60 8.07 -5.51
N GLN B 241 -32.51 8.14 -6.48
CA GLN B 241 -33.90 8.53 -6.21
C GLN B 241 -34.55 7.58 -5.20
N ALA B 242 -34.24 6.29 -5.32
CA ALA B 242 -34.69 5.28 -4.35
C ALA B 242 -34.22 5.62 -2.94
N GLY B 243 -32.96 6.06 -2.84
CA GLY B 243 -32.40 6.52 -1.58
C GLY B 243 -33.04 7.81 -1.09
N LEU B 244 -33.30 8.74 -2.02
CA LEU B 244 -33.98 10.00 -1.72
C LEU B 244 -35.39 9.75 -1.19
N PHE B 245 -36.08 8.80 -1.81
CA PHE B 245 -37.42 8.40 -1.39
C PHE B 245 -37.38 7.88 0.05
N ALA B 246 -36.49 6.93 0.31
CA ALA B 246 -36.31 6.33 1.64
C ALA B 246 -36.04 7.38 2.71
N LEU B 247 -35.24 8.38 2.36
CA LEU B 247 -34.81 9.43 3.29
C LEU B 247 -35.93 10.41 3.61
N GLN B 248 -36.94 10.46 2.74
CA GLN B 248 -38.07 11.36 2.90
C GLN B 248 -39.33 10.65 3.40
N GLN B 249 -39.43 9.36 3.11
CA GLN B 249 -40.67 8.61 3.35
C GLN B 249 -40.56 7.53 4.44
N HIS B 250 -39.34 7.05 4.68
CA HIS B 250 -39.15 5.86 5.52
C HIS B 250 -38.46 6.10 6.87
N VAL B 251 -38.38 7.36 7.27
CA VAL B 251 -37.72 7.71 8.53
C VAL B 251 -38.64 7.49 9.74
N VAL B 252 -39.79 8.17 9.77
CA VAL B 252 -40.69 8.13 10.93
C VAL B 252 -41.25 6.73 11.23
N ARG B 253 -41.42 5.90 10.20
CA ARG B 253 -41.95 4.55 10.37
C ARG B 253 -40.95 3.56 11.00
N LEU B 254 -39.70 3.99 11.18
CA LEU B 254 -38.70 3.19 11.88
C LEU B 254 -39.11 2.93 13.33
N ALA B 255 -39.97 3.80 13.85
CA ALA B 255 -40.50 3.66 15.20
C ALA B 255 -41.28 2.36 15.39
N ASP B 256 -41.83 1.84 14.30
CA ASP B 256 -42.54 0.55 14.30
C ASP B 256 -41.59 -0.63 14.43
N ASP B 257 -40.44 -0.54 13.74
CA ASP B 257 -39.39 -1.57 13.82
C ASP B 257 -38.88 -1.68 15.25
N HIS B 258 -38.70 -0.52 15.88
CA HIS B 258 -38.32 -0.40 17.29
C HIS B 258 -39.36 -1.06 18.19
N ARG B 259 -40.63 -0.75 17.91
CA ARG B 259 -41.76 -1.27 18.66
C ARG B 259 -41.84 -2.79 18.54
N ARG B 260 -41.69 -3.29 17.31
CA ARG B 260 -41.77 -4.72 17.04
C ARG B 260 -40.58 -5.48 17.60
N ALA B 261 -39.41 -4.83 17.65
CA ALA B 261 -38.23 -5.40 18.29
C ALA B 261 -38.44 -5.50 19.80
N ARG B 262 -39.03 -4.44 20.37
CA ARG B 262 -39.36 -4.38 21.78
C ARG B 262 -40.30 -5.53 22.19
N GLN B 263 -41.32 -5.77 21.37
CA GLN B 263 -42.33 -6.78 21.66
C GLN B 263 -41.81 -8.21 21.46
N LEU B 264 -40.86 -8.39 20.55
CA LEU B 264 -40.18 -9.66 20.36
C LEU B 264 -39.31 -9.98 21.58
N ALA B 265 -38.56 -8.98 22.04
CA ALA B 265 -37.64 -9.11 23.17
C ALA B 265 -38.36 -9.50 24.47
N GLU B 266 -39.51 -8.89 24.71
CA GLU B 266 -40.33 -9.16 25.90
C GLU B 266 -40.95 -10.56 25.86
N GLY B 267 -41.27 -11.01 24.65
CA GLY B 267 -41.82 -12.35 24.44
C GLY B 267 -40.79 -13.45 24.65
N LEU B 268 -39.51 -13.11 24.50
CA LEU B 268 -38.43 -14.08 24.63
C LEU B 268 -37.70 -13.99 25.97
N ALA B 269 -37.66 -12.78 26.55
CA ALA B 269 -37.02 -12.55 27.84
C ALA B 269 -37.76 -13.26 28.97
N ALA B 270 -39.07 -13.48 28.76
CA ALA B 270 -39.90 -14.23 29.70
C ALA B 270 -39.53 -15.71 29.71
N LEU B 271 -39.31 -16.25 28.50
CA LEU B 271 -39.04 -17.67 28.27
C LEU B 271 -37.96 -18.25 29.18
N ARG B 275 -32.13 -15.87 28.44
CA ARG B 275 -31.25 -14.76 28.82
C ARG B 275 -31.30 -13.65 27.77
N LEU B 276 -31.76 -12.48 28.20
CA LEU B 276 -31.95 -11.31 27.33
C LEU B 276 -31.98 -10.04 28.17
N ASP B 277 -31.30 -9.00 27.70
CA ASP B 277 -31.27 -7.72 28.40
C ASP B 277 -32.15 -6.69 27.70
N LEU B 278 -33.23 -6.30 28.37
CA LEU B 278 -34.22 -5.38 27.79
C LEU B 278 -33.77 -3.93 27.66
N ALA B 279 -32.73 -3.56 28.40
CA ALA B 279 -32.17 -2.21 28.32
C ALA B 279 -31.33 -2.01 27.04
N GLN B 280 -30.84 -3.11 26.48
CA GLN B 280 -30.04 -3.07 25.25
C GLN B 280 -30.91 -2.93 24.00
N VAL B 281 -32.18 -3.30 24.12
CA VAL B 281 -33.14 -3.19 23.02
C VAL B 281 -33.63 -1.74 22.92
N GLN B 282 -32.84 -0.92 22.21
CA GLN B 282 -33.11 0.51 22.11
C GLN B 282 -33.68 0.92 20.76
N THR B 283 -33.31 0.19 19.70
CA THR B 283 -33.84 0.43 18.36
C THR B 283 -34.47 -0.82 17.77
N ASN B 284 -33.95 -1.30 16.65
CA ASN B 284 -34.55 -2.44 15.94
C ASN B 284 -33.74 -3.74 16.06
N MET B 285 -32.98 -3.88 17.15
CA MET B 285 -32.15 -5.07 17.36
C MET B 285 -32.41 -5.74 18.70
N VAL B 286 -32.35 -7.08 18.68
CA VAL B 286 -32.53 -7.90 19.89
C VAL B 286 -31.41 -8.92 19.96
N PHE B 287 -30.63 -8.86 21.04
CA PHE B 287 -29.54 -9.80 21.29
C PHE B 287 -29.91 -10.72 22.47
N LEU B 288 -29.86 -12.02 22.25
CA LEU B 288 -30.15 -12.98 23.33
C LEU B 288 -29.20 -14.18 23.35
N GLN B 289 -29.36 -15.01 24.37
CA GLN B 289 -28.56 -16.22 24.56
C GLN B 289 -29.39 -17.39 25.08
N LEU B 290 -28.72 -18.52 25.31
CA LEU B 290 -29.35 -19.71 25.87
C LEU B 290 -28.61 -20.15 27.12
N PRO B 297 -28.00 -25.52 15.65
CA PRO B 297 -28.96 -26.32 16.40
C PRO B 297 -30.35 -25.66 16.46
N LEU B 298 -30.46 -24.56 17.18
CA LEU B 298 -31.70 -23.78 17.26
C LEU B 298 -31.99 -23.12 15.90
N LEU B 299 -30.95 -22.67 15.22
CA LEU B 299 -31.04 -22.05 13.90
C LEU B 299 -31.62 -23.01 12.86
N ALA B 300 -31.29 -24.30 12.99
CA ALA B 300 -31.79 -25.34 12.10
C ALA B 300 -33.28 -25.59 12.31
N PHE B 301 -33.73 -25.46 13.56
CA PHE B 301 -35.14 -25.61 13.91
C PHE B 301 -35.98 -24.46 13.33
N MET B 302 -35.44 -23.25 13.43
CA MET B 302 -36.12 -22.04 12.95
C MET B 302 -36.19 -21.97 11.43
N LYS B 303 -35.09 -22.34 10.77
CA LYS B 303 -35.02 -22.34 9.30
C LYS B 303 -36.10 -23.21 8.68
N ALA B 304 -36.34 -24.37 9.30
CA ALA B 304 -37.40 -25.28 8.89
C ALA B 304 -38.77 -24.71 9.19
N ARG B 305 -38.87 -23.97 10.29
CA ARG B 305 -40.12 -23.38 10.76
C ARG B 305 -40.55 -22.17 9.93
N GLY B 306 -39.60 -21.61 9.18
CA GLY B 306 -39.85 -20.45 8.33
C GLY B 306 -39.31 -19.16 8.92
N ILE B 307 -38.28 -19.28 9.74
CA ILE B 307 -37.67 -18.13 10.42
C ILE B 307 -36.14 -18.14 10.31
N LEU B 308 -35.57 -17.00 9.94
CA LEU B 308 -34.13 -16.87 9.73
C LEU B 308 -33.51 -15.76 10.58
N PHE B 309 -32.44 -16.11 11.29
CA PHE B 309 -31.58 -15.12 11.96
C PHE B 309 -30.14 -15.61 12.11
N SER B 310 -29.29 -14.79 12.72
CA SER B 310 -27.85 -15.09 12.82
C SER B 310 -27.37 -15.25 14.26
N GLY B 311 -26.23 -15.92 14.43
CA GLY B 311 -25.62 -16.14 15.74
C GLY B 311 -24.76 -17.38 15.78
N LEU B 315 -28.41 -15.49 18.52
CA LEU B 315 -27.78 -14.32 19.13
C LEU B 315 -28.41 -12.99 18.70
N ARG B 316 -28.48 -12.73 17.39
CA ARG B 316 -29.03 -11.45 16.90
C ARG B 316 -30.25 -11.59 16.01
N LEU B 317 -31.32 -10.88 16.39
CA LEU B 317 -32.54 -10.79 15.58
C LEU B 317 -32.83 -9.31 15.31
N VAL B 318 -33.01 -8.98 14.04
CA VAL B 318 -33.16 -7.59 13.62
C VAL B 318 -34.50 -7.37 12.90
N THR B 319 -35.30 -6.47 13.44
CA THR B 319 -36.59 -6.12 12.82
C THR B 319 -36.41 -5.05 11.74
N HIS B 320 -37.37 -4.99 10.83
CA HIS B 320 -37.31 -4.08 9.69
C HIS B 320 -38.66 -3.94 8.97
N LEU B 321 -38.63 -3.17 7.88
CA LEU B 321 -39.78 -2.88 7.02
C LEU B 321 -40.69 -4.08 6.72
N GLN B 322 -40.10 -5.22 6.37
CA GLN B 322 -40.89 -6.39 5.93
C GLN B 322 -41.42 -7.25 7.07
N ILE B 323 -41.06 -6.92 8.32
CA ILE B 323 -41.51 -7.69 9.48
C ILE B 323 -42.80 -7.12 10.08
N HIS B 324 -43.81 -7.97 10.22
CA HIS B 324 -45.11 -7.55 10.77
C HIS B 324 -45.40 -8.15 12.14
N ASP B 325 -46.55 -7.77 12.72
CA ASP B 325 -46.97 -8.24 14.05
C ASP B 325 -47.17 -9.75 14.10
N ASP B 326 -47.74 -10.30 13.03
CA ASP B 326 -47.97 -11.75 12.92
C ASP B 326 -46.66 -12.55 12.86
N ASP B 327 -45.65 -11.97 12.20
CA ASP B 327 -44.32 -12.57 12.15
C ASP B 327 -43.68 -12.65 13.53
N ILE B 328 -43.71 -11.53 14.25
CA ILE B 328 -43.18 -11.43 15.61
C ILE B 328 -43.84 -12.44 16.54
N GLU B 329 -45.17 -12.56 16.41
CA GLU B 329 -45.94 -13.49 17.23
C GLU B 329 -45.63 -14.94 16.88
N GLU B 330 -45.38 -15.20 15.60
CA GLU B 330 -45.08 -16.53 15.08
C GLU B 330 -43.72 -17.03 15.56
N VAL B 331 -42.73 -16.13 15.63
CA VAL B 331 -41.39 -16.51 16.08
C VAL B 331 -41.30 -16.70 17.60
N ILE B 332 -42.20 -16.04 18.33
CA ILE B 332 -42.35 -16.27 19.78
C ILE B 332 -42.89 -17.68 20.00
N ASP B 333 -43.87 -18.05 19.19
CA ASP B 333 -44.47 -19.39 19.24
C ASP B 333 -43.49 -20.50 18.85
N ALA B 334 -42.56 -20.16 17.95
CA ALA B 334 -41.52 -21.09 17.52
C ALA B 334 -40.45 -21.26 18.61
N PHE B 335 -40.19 -20.18 19.34
CA PHE B 335 -39.23 -20.20 20.44
C PHE B 335 -39.74 -20.97 21.64
N THR B 336 -41.00 -20.72 22.02
CA THR B 336 -41.61 -21.37 23.20
C THR B 336 -41.75 -22.88 23.03
N GLU B 337 -41.89 -23.31 21.78
CA GLU B 337 -41.95 -24.72 21.43
C GLU B 337 -40.57 -25.38 21.59
N TYR B 338 -39.52 -24.67 21.21
CA TYR B 338 -38.16 -25.18 21.27
C TYR B 338 -37.60 -25.15 22.71
N TYR C 6 41.54 -11.84 -7.80
CA TYR C 6 40.57 -11.49 -8.89
C TYR C 6 40.67 -10.03 -9.32
N ILE C 7 40.66 -9.81 -10.64
CA ILE C 7 40.45 -8.48 -11.21
C ILE C 7 38.94 -8.33 -11.38
N ASP C 8 38.33 -7.49 -10.54
CA ASP C 8 36.89 -7.36 -10.48
C ASP C 8 36.38 -6.10 -11.17
N LEU C 9 35.82 -6.28 -12.37
CA LEU C 9 35.29 -5.17 -13.15
C LEU C 9 33.77 -5.23 -13.30
N ARG C 10 33.12 -5.94 -12.39
CA ARG C 10 31.66 -6.11 -12.39
C ARG C 10 30.93 -4.83 -12.02
N SER C 11 31.40 -4.17 -10.98
CA SER C 11 30.79 -2.94 -10.46
C SER C 11 31.82 -2.17 -9.62
N ASP C 12 31.56 -0.89 -9.39
CA ASP C 12 32.39 -0.10 -8.49
C ASP C 12 31.95 -0.21 -7.02
N THR C 13 30.90 -1.00 -6.80
CA THR C 13 30.40 -1.26 -5.44
C THR C 13 31.34 -2.19 -4.67
N VAL C 14 32.09 -3.01 -5.39
CA VAL C 14 32.99 -4.00 -4.79
C VAL C 14 34.20 -3.39 -4.07
N THR C 15 34.33 -2.07 -4.17
CA THR C 15 35.43 -1.34 -3.53
C THR C 15 35.50 -1.61 -2.04
N GLN C 16 36.72 -1.86 -1.56
CA GLN C 16 36.96 -2.16 -0.16
C GLN C 16 37.55 -0.94 0.53
N PRO C 17 37.35 -0.83 1.87
CA PRO C 17 37.91 0.30 2.60
C PRO C 17 39.44 0.25 2.66
N THR C 18 40.09 1.40 2.45
CA THR C 18 41.55 1.50 2.54
C THR C 18 42.00 1.51 4.00
N ASP C 19 43.30 1.35 4.21
CA ASP C 19 43.88 1.33 5.55
C ASP C 19 43.65 2.64 6.28
N ALA C 20 43.74 3.75 5.56
CA ALA C 20 43.48 5.07 6.12
C ALA C 20 42.01 5.21 6.51
N MET C 21 41.12 4.60 5.72
CA MET C 21 39.69 4.59 6.02
C MET C 21 39.41 3.80 7.30
N ARG C 22 39.99 2.60 7.38
CA ARG C 22 39.82 1.72 8.54
C ARG C 22 40.33 2.34 9.83
N GLN C 23 41.40 3.13 9.72
CA GLN C 23 41.97 3.85 10.87
C GLN C 23 41.06 4.98 11.34
N CYS C 24 40.32 5.57 10.41
CA CYS C 24 39.35 6.61 10.73
C CYS C 24 38.12 6.01 11.43
N MET C 25 37.76 4.79 11.02
CA MET C 25 36.65 4.05 11.63
C MET C 25 37.02 3.54 13.02
N LEU C 26 38.30 3.32 13.26
CA LEU C 26 38.82 2.93 14.56
C LEU C 26 38.56 4.02 15.61
N HIS C 27 38.86 5.27 15.24
CA HIS C 27 38.81 6.40 16.16
C HIS C 27 37.53 7.20 16.01
N ALA C 28 36.53 6.60 15.35
CA ALA C 28 35.24 7.23 15.13
C ALA C 28 34.40 7.23 16.41
N GLU C 29 34.08 8.42 16.91
CA GLU C 29 33.19 8.57 18.06
C GLU C 29 31.74 8.31 17.65
N VAL C 30 31.09 7.43 18.39
CA VAL C 30 29.72 7.01 18.07
C VAL C 30 28.72 7.38 19.17
N GLY C 31 27.45 7.36 18.81
CA GLY C 31 26.35 7.57 19.75
C GLY C 31 25.10 6.92 19.20
N ASP C 32 23.98 7.11 19.89
CA ASP C 32 22.69 6.57 19.43
C ASP C 32 22.09 7.52 18.40
N ASP C 33 21.96 7.05 17.16
CA ASP C 33 21.43 7.85 16.06
C ASP C 33 19.93 8.14 16.22
N VAL C 34 19.22 7.22 16.86
CA VAL C 34 17.79 7.39 17.12
C VAL C 34 17.54 8.62 17.99
N TYR C 35 18.45 8.88 18.93
CA TYR C 35 18.38 10.07 19.77
C TYR C 35 19.09 11.29 19.14
N GLY C 36 19.62 11.10 17.93
CA GLY C 36 20.37 12.14 17.22
C GLY C 36 21.71 12.44 17.87
N GLU C 37 22.24 11.46 18.61
CA GLU C 37 23.39 11.66 19.47
C GLU C 37 24.67 10.98 18.99
N ASP C 38 24.68 10.55 17.73
CA ASP C 38 25.88 10.00 17.11
C ASP C 38 26.65 11.10 16.36
N PRO C 39 27.82 11.49 16.91
CA PRO C 39 28.64 12.59 16.36
C PRO C 39 29.16 12.33 14.95
N GLY C 40 29.40 11.07 14.61
CA GLY C 40 29.86 10.68 13.27
C GLY C 40 28.82 10.90 12.19
N VAL C 41 27.59 10.47 12.46
CA VAL C 41 26.49 10.62 11.50
C VAL C 41 26.04 12.09 11.38
N ASN C 42 26.07 12.81 12.50
CA ASN C 42 25.70 14.23 12.52
C ASN C 42 26.68 15.09 11.73
N ALA C 43 27.97 14.75 11.86
CA ALA C 43 29.03 15.45 11.14
C ALA C 43 28.97 15.17 9.64
N LEU C 44 28.69 13.92 9.27
CA LEU C 44 28.54 13.54 7.85
C LEU C 44 27.35 14.23 7.20
N GLU C 45 26.21 14.24 7.90
CA GLU C 45 25.00 14.85 7.39
C GLU C 45 25.14 16.36 7.22
N ALA C 46 25.75 17.02 8.21
CA ALA C 46 26.03 18.45 8.15
C ALA C 46 26.99 18.80 7.02
N TYR C 47 28.02 17.97 6.85
CA TYR C 47 29.02 18.15 5.78
C TYR C 47 28.37 17.94 4.42
N GLY C 48 27.68 16.81 4.25
CA GLY C 48 27.00 16.47 3.00
C GLY C 48 26.01 17.53 2.57
N ALA C 49 25.24 18.06 3.52
CA ALA C 49 24.26 19.10 3.25
C ALA C 49 24.91 20.40 2.78
N ASP C 50 26.02 20.76 3.43
CA ASP C 50 26.73 21.99 3.09
C ASP C 50 27.50 21.85 1.77
N LEU C 51 28.10 20.68 1.57
CA LEU C 51 28.86 20.35 0.37
C LEU C 51 28.00 20.51 -0.89
N LEU C 52 26.72 20.19 -0.77
CA LEU C 52 25.79 20.28 -1.89
C LEU C 52 24.91 21.53 -1.88
N GLY C 53 25.12 22.39 -0.88
CA GLY C 53 24.40 23.66 -0.77
C GLY C 53 22.93 23.52 -0.44
N LYS C 54 22.59 22.47 0.31
CA LYS C 54 21.21 22.21 0.72
C LYS C 54 21.06 22.38 2.23
N GLU C 55 19.82 22.33 2.71
CA GLU C 55 19.53 22.60 4.13
C GLU C 55 19.90 21.45 5.06
N ALA C 56 19.43 20.24 4.76
CA ALA C 56 19.65 19.08 5.64
C ALA C 56 20.03 17.81 4.87
N ALA C 57 20.47 16.79 5.61
CA ALA C 57 20.84 15.50 5.03
C ALA C 57 20.52 14.33 5.96
N LEU C 58 20.30 13.16 5.36
CA LEU C 58 19.95 11.95 6.09
C LEU C 58 20.80 10.76 5.64
N PHE C 59 21.35 10.03 6.61
CA PHE C 59 22.22 8.89 6.34
C PHE C 59 21.48 7.55 6.36
N VAL C 60 21.52 6.85 5.23
CA VAL C 60 20.81 5.58 5.07
C VAL C 60 21.73 4.45 4.57
N PRO C 61 21.36 3.18 4.87
CA PRO C 61 22.19 2.01 4.53
C PRO C 61 22.40 1.71 3.03
N SER C 62 21.53 2.26 2.17
CA SER C 62 21.64 2.01 0.72
C SER C 62 21.14 3.18 -0.12
N GLY C 63 21.46 3.15 -1.41
CA GLY C 63 20.93 4.11 -2.39
C GLY C 63 19.46 3.85 -2.66
N THR C 64 19.07 2.58 -2.57
CA THR C 64 17.67 2.20 -2.73
C THR C 64 16.80 2.89 -1.69
N MET C 65 17.23 2.86 -0.42
CA MET C 65 16.50 3.54 0.65
C MET C 65 16.51 5.05 0.42
N SER C 66 17.67 5.56 0.02
CA SER C 66 17.83 6.98 -0.28
C SER C 66 16.81 7.44 -1.33
N ASN C 67 16.64 6.65 -2.39
CA ASN C 67 15.64 6.95 -3.42
C ASN C 67 14.22 6.66 -2.96
N LEU C 68 14.03 5.49 -2.36
CA LEU C 68 12.72 5.08 -1.85
C LEU C 68 12.12 6.15 -0.94
N LEU C 69 12.92 6.63 0.01
CA LEU C 69 12.49 7.69 0.92
C LEU C 69 12.32 9.04 0.20
N ALA C 70 13.10 9.27 -0.86
CA ALA C 70 13.02 10.52 -1.62
C ALA C 70 11.70 10.65 -2.36
N VAL C 71 11.35 9.63 -3.13
CA VAL C 71 10.10 9.64 -3.89
C VAL C 71 8.88 9.68 -2.96
N MET C 72 9.00 9.05 -1.79
CA MET C 72 7.91 9.01 -0.82
C MET C 72 7.70 10.32 -0.06
N SER C 73 8.78 11.11 0.08
CA SER C 73 8.70 12.40 0.76
C SER C 73 8.20 13.51 -0.15
N HIS C 74 8.30 13.29 -1.47
CA HIS C 74 7.73 14.21 -2.46
C HIS C 74 6.30 13.84 -2.82
N CYS C 75 6.00 12.54 -2.76
CA CYS C 75 4.71 12.02 -3.22
C CYS C 75 3.95 11.31 -2.11
N GLN C 76 2.79 11.85 -1.75
CA GLN C 76 1.82 11.13 -0.91
C GLN C 76 1.20 9.98 -1.71
N ARG C 77 0.35 9.19 -1.08
CA ARG C 77 -0.31 8.09 -1.79
C ARG C 77 -1.08 8.65 -3.00
N GLY C 78 -0.98 7.93 -4.11
CA GLY C 78 -1.71 8.29 -5.32
C GLY C 78 -1.05 9.36 -6.18
N GLU C 79 -0.09 10.07 -5.60
CA GLU C 79 0.59 11.15 -6.31
C GLU C 79 1.67 10.63 -7.25
N GLY C 80 1.94 11.39 -8.30
CA GLY C 80 2.80 10.94 -9.39
C GLY C 80 4.26 11.30 -9.30
N ALA C 81 5.10 10.39 -9.78
CA ALA C 81 6.54 10.62 -9.91
C ALA C 81 6.99 10.21 -11.31
N VAL C 82 7.27 11.22 -12.15
CA VAL C 82 7.70 10.98 -13.53
C VAL C 82 9.19 10.64 -13.55
N LEU C 83 9.51 9.47 -14.09
CA LEU C 83 10.90 9.01 -14.21
C LEU C 83 11.16 8.19 -15.47
N GLY C 84 12.44 7.96 -15.76
CA GLY C 84 12.84 7.14 -16.90
C GLY C 84 12.66 5.66 -16.65
N SER C 85 12.26 4.94 -17.69
CA SER C 85 12.09 3.48 -17.62
C SER C 85 13.41 2.75 -17.48
N ALA C 86 14.50 3.43 -17.84
CA ALA C 86 15.86 2.90 -17.69
C ALA C 86 16.53 3.32 -16.37
N ALA C 87 15.83 4.15 -15.59
CA ALA C 87 16.37 4.65 -14.32
C ALA C 87 16.32 3.59 -13.22
N HIS C 88 17.36 3.56 -12.40
CA HIS C 88 17.50 2.56 -11.34
C HIS C 88 16.28 2.47 -10.43
N ILE C 89 15.68 3.62 -10.13
CA ILE C 89 14.51 3.70 -9.26
C ILE C 89 13.32 2.95 -9.86
N TYR C 90 13.19 2.96 -11.18
CA TYR C 90 12.05 2.31 -11.82
C TYR C 90 12.24 0.80 -12.00
N ARG C 91 13.42 0.37 -12.44
CA ARG C 91 13.61 -1.03 -12.84
C ARG C 91 14.44 -1.90 -11.91
N TYR C 92 15.33 -1.29 -11.13
CA TYR C 92 16.23 -2.06 -10.27
C TYR C 92 15.98 -1.94 -8.76
N GLU C 93 14.84 -1.35 -8.39
CA GLU C 93 14.49 -1.19 -6.98
C GLU C 93 13.15 -1.84 -6.63
N ALA C 94 12.79 -2.86 -7.41
CA ALA C 94 11.55 -3.64 -7.21
C ALA C 94 10.29 -2.78 -7.08
N GLN C 95 10.31 -1.61 -7.73
CA GLN C 95 9.22 -0.62 -7.65
C GLN C 95 8.78 -0.37 -6.20
N GLY C 96 9.76 -0.24 -5.31
CA GLY C 96 9.51 -0.06 -3.88
C GLY C 96 8.58 1.09 -3.55
N SER C 97 8.80 2.23 -4.20
CA SER C 97 8.02 3.45 -3.95
C SER C 97 6.53 3.30 -4.26
N ALA C 98 6.21 2.42 -5.20
CA ALA C 98 4.81 2.14 -5.56
C ALA C 98 4.22 1.04 -4.66
N VAL C 99 4.99 -0.03 -4.46
CA VAL C 99 4.53 -1.18 -3.68
C VAL C 99 4.40 -0.83 -2.20
N LEU C 100 5.42 -0.17 -1.66
CA LEU C 100 5.45 0.18 -0.25
C LEU C 100 4.81 1.54 0.04
N GLY C 101 5.12 2.52 -0.81
CA GLY C 101 4.72 3.91 -0.57
C GLY C 101 3.44 4.38 -1.23
N SER C 102 2.85 3.51 -2.05
CA SER C 102 1.59 3.82 -2.77
C SER C 102 1.68 5.00 -3.73
N VAL C 103 2.87 5.27 -4.27
CA VAL C 103 3.04 6.36 -5.23
C VAL C 103 2.89 5.85 -6.67
N ALA C 104 2.37 6.70 -7.54
CA ALA C 104 2.18 6.35 -8.94
C ALA C 104 3.44 6.64 -9.75
N LEU C 105 4.17 5.57 -10.08
CA LEU C 105 5.36 5.68 -10.92
C LEU C 105 4.98 5.87 -12.38
N GLN C 106 5.51 6.92 -12.99
CA GLN C 106 5.19 7.24 -14.38
C GLN C 106 6.42 7.15 -15.28
N PRO C 107 6.76 5.93 -15.74
CA PRO C 107 7.94 5.75 -16.58
C PRO C 107 7.81 6.44 -17.94
N VAL C 108 8.95 6.89 -18.45
CA VAL C 108 9.05 7.67 -19.67
C VAL C 108 10.34 7.23 -20.36
N PRO C 109 10.39 7.28 -21.71
CA PRO C 109 11.61 6.87 -22.40
C PRO C 109 12.82 7.69 -21.95
N MET C 110 13.95 7.01 -21.77
CA MET C 110 15.19 7.64 -21.34
C MET C 110 16.27 7.39 -22.39
N GLN C 111 17.03 8.43 -22.72
CA GLN C 111 18.09 8.35 -23.72
C GLN C 111 19.40 7.74 -23.18
N ALA C 112 20.41 7.68 -24.04
CA ALA C 112 21.75 7.18 -23.67
C ALA C 112 22.34 7.98 -22.51
N ASP C 113 22.27 9.31 -22.61
CA ASP C 113 22.42 10.18 -21.43
C ASP C 113 21.09 10.16 -20.69
N GLY C 114 21.13 10.39 -19.38
CA GLY C 114 19.92 10.27 -18.57
C GLY C 114 18.79 11.23 -18.88
N SER C 115 18.88 11.92 -20.01
CA SER C 115 17.90 12.95 -20.34
C SER C 115 16.56 12.36 -20.78
N LEU C 116 15.49 12.89 -20.20
CA LEU C 116 14.13 12.55 -20.61
C LEU C 116 13.63 13.67 -21.51
N ALA C 117 13.10 13.30 -22.67
CA ALA C 117 12.56 14.27 -23.61
C ALA C 117 11.51 15.15 -22.94
N LEU C 118 11.63 16.46 -23.14
CA LEU C 118 10.73 17.43 -22.52
C LEU C 118 9.28 17.21 -22.92
N ALA C 119 9.07 16.81 -24.18
CA ALA C 119 7.73 16.52 -24.69
C ALA C 119 7.15 15.25 -24.06
N ASP C 120 8.01 14.29 -23.72
CA ASP C 120 7.60 13.07 -23.02
C ASP C 120 7.18 13.35 -21.57
N VAL C 121 7.89 14.26 -20.92
CA VAL C 121 7.61 14.63 -19.53
C VAL C 121 6.38 15.55 -19.45
N ARG C 122 6.29 16.50 -20.39
CA ARG C 122 5.16 17.43 -20.44
C ARG C 122 3.83 16.71 -20.63
N ALA C 123 3.85 15.66 -21.44
CA ALA C 123 2.65 14.85 -21.71
C ALA C 123 2.33 13.88 -20.56
N ALA C 124 3.33 13.60 -19.73
CA ALA C 124 3.16 12.71 -18.58
C ALA C 124 2.52 13.43 -17.38
N ILE C 125 2.73 14.74 -17.30
CA ILE C 125 2.14 15.57 -16.25
C ILE C 125 0.62 15.59 -16.39
N ALA C 126 -0.07 15.11 -15.37
CA ALA C 126 -1.52 14.90 -15.44
C ALA C 126 -2.35 16.16 -15.21
N PRO C 127 -3.42 16.35 -16.00
CA PRO C 127 -4.40 17.41 -15.77
C PRO C 127 -5.25 17.11 -14.54
N ASP C 128 -5.75 18.16 -13.89
CA ASP C 128 -6.58 18.00 -12.69
C ASP C 128 -7.89 17.31 -13.03
N ASP C 129 -7.89 15.98 -12.89
CA ASP C 129 -9.03 15.14 -13.23
C ASP C 129 -8.98 13.82 -12.47
N VAL C 130 -10.16 13.28 -12.13
CA VAL C 130 -10.29 12.08 -11.29
C VAL C 130 -9.77 10.78 -11.93
N HIS C 131 -9.70 10.76 -13.26
CA HIS C 131 -9.20 9.60 -14.00
C HIS C 131 -7.67 9.46 -13.85
N PHE C 132 -7.02 10.57 -13.52
CA PHE C 132 -5.56 10.65 -13.49
C PHE C 132 -4.95 10.61 -12.09
N THR C 133 -3.62 10.73 -12.04
CA THR C 133 -2.86 10.85 -10.81
C THR C 133 -2.13 12.19 -10.80
N PRO C 134 -2.37 13.03 -9.76
CA PRO C 134 -1.67 14.31 -9.65
C PRO C 134 -0.15 14.13 -9.62
N THR C 135 0.51 14.50 -10.72
CA THR C 135 1.96 14.43 -10.81
C THR C 135 2.59 15.50 -9.91
N ARG C 136 3.64 15.11 -9.19
CA ARG C 136 4.23 15.95 -8.17
C ARG C 136 5.75 16.06 -8.27
N LEU C 137 6.38 15.06 -8.91
CA LEU C 137 7.84 14.95 -8.93
C LEU C 137 8.37 14.41 -10.27
N VAL C 138 9.54 14.93 -10.67
CA VAL C 138 10.29 14.35 -11.78
C VAL C 138 11.68 13.88 -11.30
N CYS C 139 12.04 12.65 -11.66
CA CYS C 139 13.31 12.05 -11.25
C CYS C 139 14.31 12.00 -12.40
N LEU C 140 15.58 12.26 -12.07
CA LEU C 140 16.67 12.19 -13.04
C LEU C 140 17.86 11.43 -12.45
N GLU C 141 18.78 11.00 -13.32
CA GLU C 141 19.88 10.12 -12.91
C GLU C 141 21.22 10.56 -13.51
N ASN C 142 22.17 10.91 -12.65
CA ASN C 142 23.48 11.39 -13.07
C ASN C 142 24.58 10.86 -12.16
N THR C 143 25.47 10.01 -12.65
CA THR C 143 25.50 9.53 -14.04
C THR C 143 24.46 8.45 -14.31
N HIS C 144 24.16 8.24 -15.58
CA HIS C 144 23.29 7.18 -16.04
C HIS C 144 24.09 6.29 -16.99
N ASN C 145 24.34 5.06 -16.58
CA ASN C 145 25.20 4.13 -17.34
C ASN C 145 26.59 4.69 -17.65
N GLY C 146 27.13 5.46 -16.71
CA GLY C 146 28.44 6.07 -16.87
C GLY C 146 28.45 7.31 -17.76
N LYS C 147 27.29 7.67 -18.31
CA LYS C 147 27.13 8.85 -19.16
C LYS C 147 26.82 10.08 -18.32
N VAL C 148 27.36 11.23 -18.72
CA VAL C 148 27.17 12.47 -17.99
C VAL C 148 25.91 13.18 -18.47
N LEU C 149 25.00 13.46 -17.55
CA LEU C 149 23.79 14.23 -17.85
C LEU C 149 24.16 15.65 -18.26
N PRO C 150 23.81 16.05 -19.50
CA PRO C 150 24.16 17.38 -20.02
C PRO C 150 23.55 18.51 -19.18
N LEU C 151 24.39 19.47 -18.82
CA LEU C 151 23.99 20.56 -17.93
C LEU C 151 22.98 21.56 -18.52
N PRO C 152 23.11 21.90 -19.82
CA PRO C 152 22.09 22.79 -20.39
C PRO C 152 20.69 22.18 -20.42
N TYR C 153 20.62 20.85 -20.61
CA TYR C 153 19.35 20.12 -20.56
C TYR C 153 18.70 20.24 -19.18
N LEU C 154 19.52 20.08 -18.14
CA LEU C 154 19.06 20.15 -16.76
C LEU C 154 18.32 21.47 -16.50
N ARG C 155 18.94 22.57 -16.93
CA ARG C 155 18.40 23.91 -16.74
C ARG C 155 17.05 24.11 -17.44
N GLU C 156 16.80 23.31 -18.48
CA GLU C 156 15.52 23.34 -19.20
C GLU C 156 14.45 22.53 -18.47
N MET C 157 14.85 21.39 -17.91
CA MET C 157 13.95 20.55 -17.12
C MET C 157 13.52 21.28 -15.85
N ARG C 158 14.41 22.11 -15.30
CA ARG C 158 14.06 22.95 -14.16
C ARG C 158 12.95 23.93 -14.52
N GLU C 159 13.07 24.56 -15.69
CA GLU C 159 12.07 25.52 -16.15
C GLU C 159 10.75 24.84 -16.50
N LEU C 160 10.84 23.61 -17.01
CA LEU C 160 9.66 22.75 -17.20
C LEU C 160 8.99 22.43 -15.86
N VAL C 161 9.81 22.12 -14.85
CA VAL C 161 9.29 21.73 -13.55
C VAL C 161 8.72 22.94 -12.79
N ASP C 162 9.24 24.13 -13.08
CA ASP C 162 8.73 25.36 -12.49
C ASP C 162 7.42 25.79 -13.14
N GLU C 163 7.27 25.46 -14.43
CA GLU C 163 6.07 25.74 -15.19
C GLU C 163 4.85 25.00 -14.68
N HIS C 164 5.11 23.87 -14.02
CA HIS C 164 4.03 23.01 -13.50
C HIS C 164 4.05 22.90 -11.98
N GLY C 165 5.01 23.57 -11.35
CA GLY C 165 5.12 23.62 -9.90
C GLY C 165 5.39 22.28 -9.25
N LEU C 166 6.19 21.45 -9.93
CA LEU C 166 6.55 20.13 -9.42
C LEU C 166 7.90 20.19 -8.71
N GLN C 167 8.42 19.02 -8.35
CA GLN C 167 9.71 18.90 -7.68
C GLN C 167 10.69 18.08 -8.52
N LEU C 168 11.98 18.22 -8.21
CA LEU C 168 13.04 17.53 -8.92
C LEU C 168 13.97 16.78 -7.97
N HIS C 169 14.05 15.47 -8.15
CA HIS C 169 14.97 14.63 -7.38
C HIS C 169 16.06 14.04 -8.28
N LEU C 170 17.29 14.03 -7.77
CA LEU C 170 18.41 13.44 -8.48
C LEU C 170 18.89 12.13 -7.84
N ASP C 171 18.88 11.07 -8.63
CA ASP C 171 19.58 9.84 -8.28
C ASP C 171 21.03 10.06 -8.68
N GLY C 172 21.82 10.62 -7.77
CA GLY C 172 23.22 10.92 -8.03
C GLY C 172 24.15 9.91 -7.40
N ALA C 173 23.81 8.63 -7.57
CA ALA C 173 24.63 7.53 -7.06
C ALA C 173 26.10 7.65 -7.49
N ARG C 174 26.30 8.13 -8.71
CA ARG C 174 27.63 8.38 -9.23
C ARG C 174 27.76 9.83 -9.69
N LEU C 175 27.29 10.74 -8.83
CA LEU C 175 27.32 12.17 -9.08
C LEU C 175 28.74 12.71 -9.23
N PHE C 176 29.64 12.26 -8.38
CA PHE C 176 31.01 12.77 -8.35
C PHE C 176 31.83 12.36 -9.57
N ASN C 177 31.47 11.23 -10.19
CA ASN C 177 32.01 10.85 -11.49
C ASN C 177 31.63 11.86 -12.57
N ALA C 178 30.41 12.40 -12.49
CA ALA C 178 29.95 13.45 -13.39
C ALA C 178 30.66 14.77 -13.10
N VAL C 179 30.96 14.98 -11.82
CA VAL C 179 31.64 16.20 -11.37
C VAL C 179 33.05 16.29 -11.96
N VAL C 180 33.85 15.24 -11.73
CA VAL C 180 35.25 15.27 -12.11
C VAL C 180 35.47 15.13 -13.63
N ALA C 181 34.54 14.46 -14.31
CA ALA C 181 34.65 14.26 -15.76
C ALA C 181 34.28 15.50 -16.57
N SER C 182 33.29 16.25 -16.09
CA SER C 182 32.76 17.40 -16.82
C SER C 182 33.48 18.71 -16.49
N GLY C 183 34.00 18.81 -15.27
CA GLY C 183 34.68 20.02 -14.82
C GLY C 183 33.73 21.06 -14.23
N HIS C 184 32.51 20.64 -13.96
CA HIS C 184 31.55 21.44 -13.21
C HIS C 184 31.43 20.89 -11.80
N THR C 185 31.29 21.78 -10.83
CA THR C 185 31.28 21.41 -9.43
C THR C 185 29.94 20.81 -8.97
N VAL C 186 29.94 20.20 -7.78
CA VAL C 186 28.72 19.62 -7.21
C VAL C 186 27.61 20.64 -7.04
N ARG C 187 27.95 21.79 -6.47
CA ARG C 187 26.99 22.87 -6.24
C ARG C 187 26.23 23.24 -7.52
N GLU C 188 26.95 23.29 -8.63
CA GLU C 188 26.34 23.63 -9.92
C GLU C 188 25.50 22.48 -10.50
N LEU C 189 25.99 21.26 -10.34
CA LEU C 189 25.29 20.07 -10.85
C LEU C 189 24.02 19.75 -10.08
N VAL C 190 23.91 20.30 -8.87
CA VAL C 190 22.89 19.93 -7.91
C VAL C 190 21.86 21.04 -7.64
N ALA C 191 22.24 22.28 -7.96
CA ALA C 191 21.37 23.46 -7.74
C ALA C 191 19.95 23.34 -8.33
N PRO C 192 19.81 22.83 -9.58
CA PRO C 192 18.45 22.70 -10.13
C PRO C 192 17.59 21.62 -9.45
N PHE C 193 18.19 20.85 -8.54
CA PHE C 193 17.45 19.78 -7.87
C PHE C 193 16.98 20.16 -6.47
N ASP C 194 15.74 19.79 -6.15
CA ASP C 194 15.20 19.98 -4.80
C ASP C 194 15.80 18.96 -3.83
N SER C 195 16.14 17.77 -4.35
CA SER C 195 16.73 16.71 -3.55
C SER C 195 17.64 15.82 -4.38
N VAL C 196 18.65 15.25 -3.73
CA VAL C 196 19.58 14.33 -4.39
C VAL C 196 20.02 13.19 -3.47
N SER C 197 20.10 11.98 -4.04
CA SER C 197 20.72 10.84 -3.37
C SER C 197 22.15 10.68 -3.86
N ILE C 198 23.09 10.59 -2.92
CA ILE C 198 24.49 10.30 -3.27
C ILE C 198 24.97 9.03 -2.61
N CYS C 199 25.50 8.11 -3.42
CA CYS C 199 26.01 6.85 -2.92
CA CYS C 199 26.01 6.84 -2.92
C CYS C 199 27.47 6.97 -2.50
N LEU C 200 27.77 6.44 -1.33
CA LEU C 200 29.12 6.48 -0.76
C LEU C 200 29.83 5.14 -0.96
N SER C 201 29.02 4.10 -1.21
CA SER C 201 29.51 2.73 -1.26
C SER C 201 29.84 2.23 -2.67
N LYS C 202 30.05 3.17 -3.58
CA LYS C 202 30.46 2.84 -4.95
C LYS C 202 31.90 3.29 -5.22
N GLY C 203 32.06 4.30 -6.08
CA GLY C 203 33.37 4.84 -6.43
C GLY C 203 34.15 5.41 -5.26
N LEU C 204 33.45 6.10 -4.37
CA LEU C 204 34.07 6.74 -3.20
C LEU C 204 34.70 5.73 -2.23
N GLY C 205 34.24 4.49 -2.26
CA GLY C 205 34.91 3.39 -1.58
C GLY C 205 34.55 3.15 -0.12
N ALA C 206 33.49 3.79 0.35
CA ALA C 206 32.98 3.54 1.70
C ALA C 206 32.26 2.19 1.73
N PRO C 207 32.39 1.44 2.84
CA PRO C 207 31.80 0.10 2.94
C PRO C 207 30.28 0.07 2.82
N VAL C 208 29.60 1.00 3.50
CA VAL C 208 28.15 1.00 3.58
C VAL C 208 27.61 2.42 3.54
N GLY C 209 26.59 2.63 2.71
CA GLY C 209 25.73 3.78 2.89
C GLY C 209 25.59 4.80 1.79
N SER C 210 24.66 5.73 2.03
CA SER C 210 24.29 6.78 1.09
C SER C 210 23.73 7.97 1.87
N LEU C 211 23.70 9.12 1.22
CA LEU C 211 23.08 10.32 1.80
C LEU C 211 21.92 10.82 0.95
N LEU C 212 20.83 11.19 1.61
CA LEU C 212 19.73 11.91 0.98
C LEU C 212 19.77 13.34 1.48
N VAL C 213 19.88 14.29 0.55
CA VAL C 213 20.01 15.71 0.92
C VAL C 213 18.87 16.55 0.35
N GLY C 214 18.44 17.56 1.12
CA GLY C 214 17.34 18.43 0.69
C GLY C 214 17.00 19.52 1.69
N SER C 215 15.76 19.99 1.63
CA SER C 215 15.27 21.02 2.55
C SER C 215 14.91 20.43 3.92
N HIS C 216 14.86 21.28 4.93
CA HIS C 216 14.60 20.85 6.31
C HIS C 216 13.32 20.02 6.42
N ALA C 217 12.26 20.49 5.76
CA ALA C 217 10.95 19.83 5.77
C ALA C 217 10.99 18.49 5.06
N PHE C 218 11.58 18.48 3.86
CA PHE C 218 11.74 17.27 3.05
C PHE C 218 12.46 16.17 3.83
N ILE C 219 13.63 16.52 4.37
CA ILE C 219 14.45 15.59 5.16
C ILE C 219 13.72 15.09 6.40
N ALA C 220 12.97 15.98 7.06
CA ALA C 220 12.19 15.62 8.24
C ALA C 220 11.14 14.53 7.94
N ARG C 221 10.54 14.59 6.75
CA ARG C 221 9.58 13.58 6.32
C ARG C 221 10.29 12.28 5.94
N ALA C 222 11.46 12.41 5.32
CA ALA C 222 12.29 11.27 4.95
C ALA C 222 12.83 10.53 6.18
N ARG C 223 13.24 11.28 7.19
CA ARG C 223 13.73 10.74 8.46
C ARG C 223 12.64 9.92 9.15
N ARG C 224 11.42 10.45 9.17
CA ARG C 224 10.27 9.77 9.77
C ARG C 224 9.95 8.45 9.07
N LEU C 225 10.05 8.45 7.74
CA LEU C 225 9.87 7.25 6.95
C LEU C 225 11.04 6.26 7.09
N ARG C 226 12.24 6.79 7.37
CA ARG C 226 13.42 5.94 7.55
C ARG C 226 13.22 4.98 8.72
N LYS C 227 12.58 5.48 9.78
CA LYS C 227 12.27 4.67 10.95
C LYS C 227 11.28 3.57 10.59
N MET C 228 10.31 3.90 9.73
CA MET C 228 9.24 2.98 9.34
C MET C 228 9.76 1.82 8.50
N VAL C 229 10.68 2.11 7.58
CA VAL C 229 11.24 1.10 6.68
C VAL C 229 12.34 0.26 7.33
N GLY C 230 12.86 0.74 8.45
CA GLY C 230 13.89 0.02 9.21
C GLY C 230 15.30 0.58 9.07
N GLY C 231 15.41 1.83 8.63
CA GLY C 231 16.71 2.48 8.44
C GLY C 231 17.26 3.19 9.66
N GLY C 232 16.48 3.19 10.75
CA GLY C 232 16.92 3.79 12.00
C GLY C 232 17.94 2.94 12.72
N MET C 233 19.20 3.31 12.61
CA MET C 233 20.29 2.57 13.25
C MET C 233 20.70 3.21 14.58
N ARG C 234 21.59 2.54 15.30
CA ARG C 234 22.11 3.05 16.57
C ARG C 234 23.45 3.76 16.40
N GLN C 235 24.56 3.03 16.56
CA GLN C 235 25.90 3.62 16.54
C GLN C 235 26.54 3.56 15.16
N ALA C 236 25.89 4.21 14.18
CA ALA C 236 26.31 4.17 12.78
C ALA C 236 27.47 5.12 12.46
N GLY C 237 28.01 5.77 13.48
CA GLY C 237 29.16 6.67 13.31
C GLY C 237 30.39 6.03 12.70
N ILE C 238 30.57 4.74 12.95
CA ILE C 238 31.62 3.95 12.31
C ILE C 238 31.50 4.07 10.79
N LEU C 239 30.32 3.73 10.27
CA LEU C 239 30.03 3.79 8.84
C LEU C 239 30.00 5.22 8.31
N ALA C 240 29.47 6.13 9.13
CA ALA C 240 29.33 7.53 8.75
C ALA C 240 30.68 8.23 8.55
N GLN C 241 31.64 7.94 9.42
CA GLN C 241 32.97 8.51 9.30
C GLN C 241 33.65 8.02 8.03
N ALA C 242 33.51 6.73 7.75
CA ALA C 242 34.05 6.13 6.54
C ALA C 242 33.53 6.85 5.30
N GLY C 243 32.22 7.15 5.30
CA GLY C 243 31.59 7.93 4.23
C GLY C 243 32.09 9.35 4.20
N LEU C 244 32.28 9.94 5.38
CA LEU C 244 32.82 11.29 5.52
C LEU C 244 34.26 11.37 5.01
N PHE C 245 35.06 10.35 5.35
CA PHE C 245 36.41 10.20 4.80
C PHE C 245 36.36 10.12 3.27
N ALA C 246 35.49 9.25 2.76
CA ALA C 246 35.35 9.03 1.31
C ALA C 246 34.97 10.29 0.54
N LEU C 247 34.16 11.13 1.17
CA LEU C 247 33.62 12.32 0.54
C LEU C 247 34.69 13.43 0.41
N GLN C 248 35.72 13.38 1.25
CA GLN C 248 36.75 14.41 1.25
C GLN C 248 38.15 13.96 0.87
N GLN C 249 38.36 12.65 0.77
CA GLN C 249 39.67 12.11 0.40
C GLN C 249 39.66 11.29 -0.89
N HIS C 250 38.47 10.87 -1.32
CA HIS C 250 38.35 9.93 -2.45
C HIS C 250 37.65 10.49 -3.69
N VAL C 251 37.41 11.81 -3.70
CA VAL C 251 36.72 12.43 -4.84
C VAL C 251 37.61 12.61 -6.07
N VAL C 252 38.78 13.23 -5.88
CA VAL C 252 39.64 13.65 -6.99
C VAL C 252 40.24 12.48 -7.77
N ARG C 253 40.56 11.41 -7.06
CA ARG C 253 41.19 10.23 -7.65
C ARG C 253 40.24 9.43 -8.55
N LEU C 254 39.00 9.89 -8.67
CA LEU C 254 38.04 9.30 -9.62
C LEU C 254 38.50 9.49 -11.06
N ALA C 255 39.35 10.49 -11.29
CA ALA C 255 39.96 10.75 -12.60
C ALA C 255 40.78 9.55 -13.08
N ASP C 256 41.35 8.79 -12.14
CA ASP C 256 42.13 7.58 -12.45
C ASP C 256 41.23 6.48 -12.97
N ASP C 257 40.06 6.32 -12.34
CA ASP C 257 39.05 5.36 -12.77
C ASP C 257 38.62 5.64 -14.20
N HIS C 258 38.42 6.93 -14.49
CA HIS C 258 38.04 7.38 -15.83
C HIS C 258 39.16 7.13 -16.82
N ARG C 259 40.38 7.39 -16.38
CA ARG C 259 41.59 7.23 -17.19
C ARG C 259 41.79 5.77 -17.56
N ARG C 260 41.65 4.89 -16.58
CA ARG C 260 41.81 3.46 -16.78
C ARG C 260 40.67 2.87 -17.60
N ALA C 261 39.47 3.43 -17.46
CA ALA C 261 38.33 3.03 -18.28
C ALA C 261 38.50 3.46 -19.73
N ARG C 262 39.13 4.62 -19.95
CA ARG C 262 39.53 5.06 -21.29
C ARG C 262 40.54 4.11 -21.90
N GLN C 263 41.58 3.80 -21.13
CA GLN C 263 42.64 2.87 -21.55
C GLN C 263 42.11 1.49 -21.91
N LEU C 264 41.19 0.97 -21.08
CA LEU C 264 40.58 -0.33 -21.35
C LEU C 264 39.72 -0.26 -22.62
N ALA C 265 38.94 0.81 -22.75
CA ALA C 265 38.05 1.00 -23.90
C ALA C 265 38.82 1.10 -25.22
N GLU C 266 39.92 1.86 -25.22
CA GLU C 266 40.76 2.05 -26.40
C GLU C 266 41.51 0.78 -26.78
N GLY C 267 41.86 -0.01 -25.77
CA GLY C 267 42.57 -1.27 -25.98
C GLY C 267 41.71 -2.37 -26.55
N LEU C 268 40.40 -2.29 -26.31
CA LEU C 268 39.45 -3.32 -26.74
C LEU C 268 38.77 -2.96 -28.07
N ALA C 269 38.55 -1.67 -28.29
CA ALA C 269 37.98 -1.18 -29.54
C ALA C 269 38.93 -1.39 -30.71
N ALA C 270 40.22 -1.50 -30.41
CA ALA C 270 41.25 -1.79 -31.42
C ALA C 270 41.14 -3.21 -31.98
N LEU C 271 40.53 -4.11 -31.20
CA LEU C 271 40.36 -5.50 -31.59
C LEU C 271 39.10 -5.69 -32.44
N GLY C 273 37.22 -8.50 -33.16
CA GLY C 273 35.82 -8.92 -33.08
C GLY C 273 35.06 -8.28 -31.94
N ILE C 274 35.30 -6.99 -31.71
CA ILE C 274 34.65 -6.26 -30.63
C ILE C 274 33.90 -5.05 -31.18
N ARG C 275 32.80 -4.70 -30.51
CA ARG C 275 32.03 -3.51 -30.87
C ARG C 275 31.75 -2.66 -29.63
N LEU C 276 32.37 -1.49 -29.57
CA LEU C 276 32.10 -0.51 -28.53
C LEU C 276 32.28 0.91 -29.05
N ASP C 277 31.40 1.81 -28.60
CA ASP C 277 31.50 3.22 -28.98
C ASP C 277 32.35 3.95 -27.95
N LEU C 278 33.56 4.34 -28.37
CA LEU C 278 34.50 5.07 -27.52
C LEU C 278 33.92 6.40 -27.01
N ALA C 279 33.00 6.97 -27.78
CA ALA C 279 32.34 8.23 -27.44
C ALA C 279 31.38 8.10 -26.25
N GLN C 280 30.96 6.87 -25.96
CA GLN C 280 30.07 6.61 -24.83
C GLN C 280 30.85 6.48 -23.51
N VAL C 281 32.15 6.27 -23.63
CA VAL C 281 33.02 6.11 -22.46
C VAL C 281 33.38 7.50 -21.90
N GLN C 282 32.61 7.93 -20.91
CA GLN C 282 32.77 9.25 -20.31
C GLN C 282 33.35 9.17 -18.90
N THR C 283 32.92 8.16 -18.13
CA THR C 283 33.41 7.99 -16.75
C THR C 283 34.11 6.65 -16.54
N ASN C 284 33.65 5.89 -15.55
CA ASN C 284 34.29 4.63 -15.16
C ASN C 284 33.65 3.36 -15.72
N MET C 285 32.86 3.52 -16.79
CA MET C 285 32.19 2.38 -17.42
C MET C 285 32.55 2.17 -18.88
N VAL C 286 32.70 0.90 -19.25
CA VAL C 286 32.93 0.48 -20.63
C VAL C 286 31.86 -0.55 -21.01
N PHE C 287 31.03 -0.19 -21.98
CA PHE C 287 30.03 -1.10 -22.54
C PHE C 287 30.49 -1.58 -23.91
N LEU C 288 30.51 -2.90 -24.09
CA LEU C 288 30.99 -3.49 -25.34
C LEU C 288 30.16 -4.69 -25.78
N GLN C 289 30.38 -5.13 -27.02
CA GLN C 289 29.69 -6.30 -27.56
C GLN C 289 30.61 -7.22 -28.37
N LEU C 290 30.12 -8.42 -28.64
CA LEU C 290 30.75 -9.35 -29.56
C LEU C 290 29.83 -9.56 -30.77
N THR C 291 30.43 -9.72 -31.95
CA THR C 291 29.68 -9.90 -33.19
C THR C 291 29.74 -11.33 -33.69
N GLU C 294 28.78 -15.63 -28.95
CA GLU C 294 28.53 -14.55 -27.97
C GLU C 294 29.06 -14.75 -26.52
N SER C 295 28.22 -14.47 -25.51
CA SER C 295 28.71 -13.93 -24.23
C SER C 295 29.17 -14.93 -23.16
N ALA C 296 28.37 -15.99 -22.95
CA ALA C 296 28.64 -16.96 -21.90
C ALA C 296 30.08 -17.52 -21.89
N PRO C 297 30.57 -18.02 -23.06
CA PRO C 297 31.95 -18.55 -23.09
C PRO C 297 33.02 -17.50 -22.79
N LEU C 298 32.75 -16.24 -23.11
CA LEU C 298 33.67 -15.13 -22.82
C LEU C 298 33.85 -14.96 -21.31
N LEU C 299 32.74 -15.00 -20.58
CA LEU C 299 32.75 -14.84 -19.13
C LEU C 299 33.44 -16.01 -18.42
N ALA C 300 33.20 -17.22 -18.90
CA ALA C 300 33.82 -18.42 -18.36
C ALA C 300 35.33 -18.43 -18.60
N PHE C 301 35.72 -18.01 -19.80
CA PHE C 301 37.13 -17.85 -20.17
C PHE C 301 37.82 -16.84 -19.26
N MET C 302 37.15 -15.71 -19.04
CA MET C 302 37.73 -14.61 -18.28
C MET C 302 37.79 -14.93 -16.78
N LYS C 303 36.79 -15.65 -16.28
CA LYS C 303 36.75 -16.07 -14.88
C LYS C 303 37.89 -17.05 -14.58
N ALA C 304 38.13 -17.97 -15.52
CA ALA C 304 39.20 -18.95 -15.38
C ALA C 304 40.57 -18.29 -15.35
N ARG C 305 40.65 -17.06 -15.88
CA ARG C 305 41.86 -16.24 -15.83
C ARG C 305 41.78 -15.12 -14.79
N GLY C 306 40.91 -15.32 -13.79
CA GLY C 306 40.81 -14.40 -12.66
C GLY C 306 40.25 -13.02 -12.96
N ILE C 307 39.47 -12.92 -14.04
CA ILE C 307 38.86 -11.66 -14.43
C ILE C 307 37.33 -11.74 -14.39
N LEU C 308 36.69 -10.70 -13.84
CA LEU C 308 35.26 -10.72 -13.61
C LEU C 308 34.52 -9.53 -14.21
N PHE C 309 33.46 -9.82 -14.97
CA PHE C 309 32.45 -8.83 -15.39
C PHE C 309 31.13 -9.52 -15.72
N SER C 310 30.14 -8.76 -16.16
CA SER C 310 28.82 -9.31 -16.47
C SER C 310 28.20 -8.70 -17.72
N LEU C 315 28.96 -7.63 -20.73
CA LEU C 315 29.05 -6.49 -21.64
C LEU C 315 29.33 -5.17 -20.91
N ARG C 316 29.33 -5.20 -19.58
CA ARG C 316 29.68 -4.00 -18.80
C ARG C 316 30.94 -4.21 -17.96
N LEU C 317 31.91 -3.31 -18.14
CA LEU C 317 33.15 -3.30 -17.38
C LEU C 317 33.21 -1.99 -16.59
N VAL C 318 33.50 -2.08 -15.30
CA VAL C 318 33.51 -0.91 -14.42
C VAL C 318 34.81 -0.83 -13.61
N THR C 319 35.55 0.28 -13.80
CA THR C 319 36.81 0.51 -13.10
C THR C 319 36.59 1.22 -11.77
N HIS C 320 37.54 1.06 -10.85
CA HIS C 320 37.44 1.59 -9.49
C HIS C 320 38.75 1.50 -8.70
N LEU C 321 38.68 1.96 -7.44
CA LEU C 321 39.79 1.99 -6.49
C LEU C 321 40.75 0.79 -6.56
N GLN C 322 40.19 -0.41 -6.53
CA GLN C 322 41.00 -1.65 -6.48
C GLN C 322 41.66 -2.03 -7.81
N ILE C 323 41.28 -1.38 -8.90
CA ILE C 323 41.78 -1.70 -10.23
C ILE C 323 42.99 -0.83 -10.61
N HIS C 324 44.06 -1.48 -11.02
CA HIS C 324 45.31 -0.78 -11.35
C HIS C 324 45.68 -0.90 -12.84
N ASP C 325 46.73 -0.18 -13.23
CA ASP C 325 47.20 -0.15 -14.62
C ASP C 325 47.57 -1.54 -15.16
N ASP C 326 48.17 -2.37 -14.31
CA ASP C 326 48.53 -3.73 -14.71
C ASP C 326 47.31 -4.64 -14.86
N ASP C 327 46.25 -4.34 -14.10
CA ASP C 327 44.97 -5.04 -14.24
C ASP C 327 44.35 -4.74 -15.61
N ILE C 328 44.45 -3.49 -16.03
CA ILE C 328 43.94 -3.06 -17.33
C ILE C 328 44.62 -3.81 -18.49
N GLU C 329 45.95 -3.93 -18.42
CA GLU C 329 46.71 -4.62 -19.47
C GLU C 329 46.45 -6.12 -19.48
N GLU C 330 46.33 -6.71 -18.29
CA GLU C 330 46.05 -8.13 -18.14
C GLU C 330 44.70 -8.49 -18.78
N VAL C 331 43.71 -7.62 -18.59
CA VAL C 331 42.38 -7.86 -19.18
C VAL C 331 42.35 -7.61 -20.70
N ILE C 332 43.12 -6.64 -21.16
CA ILE C 332 43.25 -6.34 -22.60
C ILE C 332 43.86 -7.52 -23.34
N ASP C 333 44.91 -8.10 -22.75
CA ASP C 333 45.60 -9.25 -23.33
C ASP C 333 44.73 -10.51 -23.29
N ALA C 334 43.87 -10.62 -22.28
CA ALA C 334 42.94 -11.73 -22.17
C ALA C 334 41.88 -11.70 -23.28
N PHE C 335 41.43 -10.49 -23.63
CA PHE C 335 40.51 -10.29 -24.75
C PHE C 335 41.23 -10.57 -26.08
N THR C 336 42.48 -10.13 -26.17
CA THR C 336 43.30 -10.30 -27.36
C THR C 336 43.59 -11.78 -27.61
N GLU C 337 43.83 -12.52 -26.54
CA GLU C 337 44.01 -13.98 -26.58
C GLU C 337 42.75 -14.66 -27.07
N TYR C 338 41.59 -14.18 -26.62
CA TYR C 338 40.29 -14.70 -27.02
C TYR C 338 40.07 -14.57 -28.53
N LEU C 339 40.53 -13.46 -29.10
CA LEU C 339 40.63 -13.25 -30.56
C LEU C 339 39.34 -13.56 -31.32
N TYR D 6 28.28 10.70 31.22
CA TYR D 6 26.90 10.48 31.76
C TYR D 6 26.65 9.03 32.16
N ILE D 7 25.88 8.85 33.24
CA ILE D 7 25.36 7.53 33.59
C ILE D 7 24.05 7.34 32.82
N ASP D 8 24.12 6.54 31.76
CA ASP D 8 23.02 6.40 30.82
C ASP D 8 22.20 5.14 31.07
N LEU D 9 21.07 5.31 31.76
CA LEU D 9 20.13 4.22 32.02
C LEU D 9 18.84 4.40 31.23
N ARG D 10 18.93 5.11 30.10
CA ARG D 10 17.78 5.35 29.23
C ARG D 10 17.36 4.06 28.51
N SER D 11 18.34 3.37 27.94
CA SER D 11 18.13 2.15 27.16
C SER D 11 19.44 1.40 27.05
N ASP D 12 19.37 0.12 26.69
CA ASP D 12 20.58 -0.66 26.40
C ASP D 12 21.07 -0.46 24.96
N THR D 13 20.38 0.41 24.22
CA THR D 13 20.78 0.74 22.84
C THR D 13 21.98 1.70 22.78
N VAL D 14 22.27 2.36 23.90
CA VAL D 14 23.36 3.34 23.97
C VAL D 14 24.73 2.68 24.05
N THR D 15 24.73 1.35 24.17
CA THR D 15 25.95 0.56 24.31
C THR D 15 26.98 0.91 23.25
N GLN D 16 28.19 1.23 23.71
CA GLN D 16 29.32 1.59 22.87
C GLN D 16 30.16 0.34 22.56
N PRO D 17 30.79 0.31 21.37
CA PRO D 17 31.72 -0.79 21.11
C PRO D 17 32.93 -0.75 22.04
N THR D 18 33.36 -1.92 22.50
CA THR D 18 34.55 -2.04 23.33
C THR D 18 35.82 -2.02 22.46
N ASP D 19 36.97 -1.77 23.08
CA ASP D 19 38.25 -1.78 22.38
C ASP D 19 38.44 -3.09 21.61
N ALA D 20 38.18 -4.22 22.28
CA ALA D 20 38.25 -5.54 21.66
C ALA D 20 37.34 -5.65 20.43
N MET D 21 36.12 -5.12 20.56
CA MET D 21 35.16 -5.12 19.45
C MET D 21 35.64 -4.26 18.29
N ARG D 22 36.21 -3.09 18.61
CA ARG D 22 36.79 -2.21 17.59
C ARG D 22 37.97 -2.88 16.86
N GLN D 23 38.81 -3.58 17.62
CA GLN D 23 39.92 -4.33 17.06
C GLN D 23 39.43 -5.43 16.12
N CYS D 24 38.33 -6.09 16.52
CA CYS D 24 37.68 -7.10 15.69
C CYS D 24 37.11 -6.49 14.40
N MET D 25 36.67 -5.24 14.48
CA MET D 25 36.15 -4.51 13.32
C MET D 25 37.26 -3.97 12.40
N LEU D 26 38.46 -3.80 12.95
CA LEU D 26 39.58 -3.26 12.18
C LEU D 26 40.16 -4.29 11.21
N HIS D 27 40.14 -5.56 11.62
CA HIS D 27 40.69 -6.64 10.82
C HIS D 27 39.61 -7.51 10.19
N ALA D 28 38.38 -6.98 10.18
CA ALA D 28 37.24 -7.68 9.61
C ALA D 28 37.31 -7.71 8.09
N GLU D 29 37.17 -8.90 7.52
CA GLU D 29 37.17 -9.09 6.08
CA GLU D 29 37.16 -9.10 6.07
C GLU D 29 35.78 -8.81 5.51
N VAL D 30 35.74 -8.14 4.35
CA VAL D 30 34.48 -7.73 3.72
C VAL D 30 34.35 -8.17 2.26
N GLY D 31 33.15 -7.98 1.72
CA GLY D 31 32.84 -8.23 0.32
C GLY D 31 31.52 -7.57 -0.01
N ASP D 32 31.03 -7.76 -1.23
CA ASP D 32 29.75 -7.16 -1.65
C ASP D 32 28.60 -8.10 -1.25
N ASP D 33 27.78 -7.64 -0.31
CA ASP D 33 26.70 -8.46 0.25
C ASP D 33 25.57 -8.75 -0.75
N VAL D 34 25.40 -7.87 -1.74
CA VAL D 34 24.41 -8.06 -2.80
C VAL D 34 24.72 -9.32 -3.59
N TYR D 35 26.00 -9.51 -3.92
CA TYR D 35 26.47 -10.73 -4.59
C TYR D 35 26.66 -11.89 -3.60
N GLY D 36 26.33 -11.66 -2.33
CA GLY D 36 26.46 -12.66 -1.27
C GLY D 36 27.90 -13.06 -1.00
N GLU D 37 28.82 -12.11 -1.21
CA GLU D 37 30.25 -12.39 -1.21
C GLU D 37 30.99 -11.85 0.00
N ASP D 38 30.26 -11.21 0.93
CA ASP D 38 30.86 -10.73 2.17
C ASP D 38 30.95 -11.87 3.17
N PRO D 39 32.18 -12.28 3.54
CA PRO D 39 32.39 -13.40 4.46
C PRO D 39 31.99 -13.09 5.90
N GLY D 40 31.99 -11.81 6.25
CA GLY D 40 31.60 -11.37 7.59
C GLY D 40 30.14 -11.59 7.91
N VAL D 41 29.25 -11.21 6.99
CA VAL D 41 27.81 -11.41 7.21
C VAL D 41 27.41 -12.86 6.97
N ASN D 42 28.13 -13.54 6.08
CA ASN D 42 27.91 -14.96 5.82
C ASN D 42 28.25 -15.79 7.06
N ALA D 43 29.30 -15.39 7.75
CA ALA D 43 29.73 -16.06 8.98
C ALA D 43 28.75 -15.80 10.12
N LEU D 44 28.27 -14.56 10.22
CA LEU D 44 27.28 -14.19 11.23
C LEU D 44 25.94 -14.91 11.02
N GLU D 45 25.47 -14.94 9.77
CA GLU D 45 24.18 -15.56 9.43
C GLU D 45 24.19 -17.08 9.60
N ALA D 46 25.26 -17.73 9.15
CA ALA D 46 25.40 -19.18 9.33
C ALA D 46 25.49 -19.53 10.81
N TYR D 47 26.22 -18.71 11.57
CA TYR D 47 26.35 -18.88 13.03
C TYR D 47 25.05 -18.57 13.75
N GLY D 48 24.35 -17.53 13.30
CA GLY D 48 23.08 -17.13 13.89
C GLY D 48 22.00 -18.16 13.68
N ALA D 49 21.95 -18.72 12.47
CA ALA D 49 20.99 -19.76 12.11
C ALA D 49 21.26 -21.05 12.87
N ASP D 50 22.54 -21.38 13.03
CA ASP D 50 22.94 -22.61 13.71
C ASP D 50 22.77 -22.50 15.23
N LEU D 51 23.03 -21.30 15.76
CA LEU D 51 22.89 -21.02 17.19
C LEU D 51 21.46 -21.26 17.67
N LEU D 52 20.49 -20.95 16.81
CA LEU D 52 19.08 -21.06 17.15
C LEU D 52 18.39 -22.32 16.57
N GLY D 53 19.17 -23.15 15.89
CA GLY D 53 18.64 -24.40 15.30
C GLY D 53 17.68 -24.17 14.16
N LYS D 54 17.93 -23.13 13.37
CA LYS D 54 17.11 -22.78 12.22
C LYS D 54 17.89 -22.92 10.92
N GLU D 55 17.18 -22.95 9.80
CA GLU D 55 17.79 -23.18 8.50
C GLU D 55 18.62 -21.99 8.00
N ALA D 56 18.04 -20.80 8.10
CA ALA D 56 18.67 -19.61 7.54
C ALA D 56 18.51 -18.36 8.42
N ALA D 57 19.31 -17.35 8.10
CA ALA D 57 19.32 -16.08 8.81
C ALA D 57 19.67 -14.93 7.86
N LEU D 58 19.19 -13.73 8.19
CA LEU D 58 19.39 -12.55 7.36
C LEU D 58 19.79 -11.35 8.23
N PHE D 59 20.85 -10.67 7.82
CA PHE D 59 21.38 -9.53 8.56
C PHE D 59 20.75 -8.22 8.07
N VAL D 60 20.20 -7.44 9.00
CA VAL D 60 19.50 -6.19 8.69
C VAL D 60 19.97 -5.01 9.57
N PRO D 61 19.81 -3.76 9.08
CA PRO D 61 20.22 -2.53 9.79
C PRO D 61 19.57 -2.29 11.16
N SER D 62 18.39 -2.84 11.40
CA SER D 62 17.70 -2.64 12.68
C SER D 62 16.72 -3.76 13.03
N GLY D 63 16.35 -3.83 14.32
CA GLY D 63 15.27 -4.68 14.79
C GLY D 63 13.95 -4.37 14.11
N THR D 64 13.70 -3.09 13.85
CA THR D 64 12.49 -2.67 13.17
C THR D 64 12.36 -3.32 11.80
N MET D 65 13.43 -3.29 11.02
CA MET D 65 13.44 -3.90 9.69
C MET D 65 13.31 -5.42 9.77
N SER D 66 13.98 -6.02 10.75
CA SER D 66 13.88 -7.45 10.98
C SER D 66 12.43 -7.87 11.19
N ASN D 67 11.76 -7.19 12.10
CA ASN D 67 10.34 -7.41 12.37
C ASN D 67 9.44 -7.09 11.18
N LEU D 68 9.72 -5.98 10.50
CA LEU D 68 8.95 -5.54 9.34
C LEU D 68 8.96 -6.57 8.20
N LEU D 69 10.16 -7.08 7.88
CA LEU D 69 10.30 -8.07 6.83
C LEU D 69 9.68 -9.41 7.21
N ALA D 70 9.74 -9.75 8.50
CA ALA D 70 9.19 -11.01 9.00
C ALA D 70 7.67 -11.04 8.83
N VAL D 71 7.00 -9.99 9.27
CA VAL D 71 5.55 -9.88 9.16
C VAL D 71 5.14 -9.89 7.68
N MET D 72 5.90 -9.17 6.85
CA MET D 72 5.63 -9.14 5.40
C MET D 72 5.93 -10.48 4.71
N SER D 73 6.87 -11.25 5.26
CA SER D 73 7.23 -12.55 4.71
CA SER D 73 7.23 -12.55 4.71
C SER D 73 6.22 -13.62 5.11
N HIS D 74 5.57 -13.42 6.25
CA HIS D 74 4.53 -14.33 6.73
C HIS D 74 3.17 -13.95 6.15
N CYS D 75 2.90 -12.64 6.13
CA CYS D 75 1.58 -12.12 5.74
C CYS D 75 1.65 -11.36 4.42
N GLN D 76 0.77 -11.72 3.50
CA GLN D 76 0.63 -11.01 2.24
C GLN D 76 -0.49 -9.97 2.35
N ARG D 77 -0.78 -9.27 1.26
CA ARG D 77 -1.79 -8.22 1.24
C ARG D 77 -3.14 -8.73 1.74
N GLY D 78 -3.70 -8.04 2.73
CA GLY D 78 -5.00 -8.39 3.31
C GLY D 78 -4.96 -9.55 4.29
N GLU D 79 -3.76 -10.04 4.60
CA GLU D 79 -3.60 -11.14 5.53
C GLU D 79 -3.31 -10.64 6.94
N GLY D 80 -3.82 -11.35 7.94
CA GLY D 80 -3.79 -10.88 9.31
C GLY D 80 -2.66 -11.42 10.15
N ALA D 81 -2.20 -10.59 11.08
CA ALA D 81 -1.19 -10.98 12.07
C ALA D 81 -1.62 -10.49 13.44
N VAL D 82 -1.84 -11.43 14.35
CA VAL D 82 -2.26 -11.10 15.71
C VAL D 82 -1.04 -10.91 16.63
N LEU D 83 -0.98 -9.73 17.26
CA LEU D 83 0.12 -9.36 18.15
C LEU D 83 -0.37 -8.55 19.35
N GLY D 84 0.54 -8.28 20.28
CA GLY D 84 0.21 -7.53 21.48
C GLY D 84 0.10 -6.04 21.23
N SER D 85 -0.90 -5.42 21.85
CA SER D 85 -1.11 -3.99 21.74
C SER D 85 0.08 -3.22 22.31
N ALA D 86 0.72 -3.80 23.32
CA ALA D 86 1.90 -3.24 23.95
C ALA D 86 3.20 -3.70 23.27
N ALA D 87 3.08 -4.58 22.29
CA ALA D 87 4.24 -5.11 21.55
C ALA D 87 4.87 -4.05 20.65
N HIS D 88 6.19 -4.18 20.45
CA HIS D 88 6.96 -3.19 19.69
C HIS D 88 6.52 -3.07 18.23
N ILE D 89 6.27 -4.21 17.57
CA ILE D 89 5.86 -4.24 16.17
C ILE D 89 4.56 -3.47 15.93
N TYR D 90 3.68 -3.46 16.93
CA TYR D 90 2.42 -2.73 16.83
C TYR D 90 2.51 -1.30 17.33
N ARG D 91 3.25 -1.09 18.43
CA ARG D 91 3.22 0.19 19.13
C ARG D 91 4.32 1.17 18.71
N TYR D 92 5.51 0.66 18.44
CA TYR D 92 6.70 1.50 18.27
C TYR D 92 7.42 1.39 16.92
N GLU D 93 6.76 0.82 15.92
CA GLU D 93 7.36 0.66 14.60
C GLU D 93 6.54 1.34 13.51
N ALA D 94 5.84 2.41 13.92
CA ALA D 94 5.02 3.25 13.05
C ALA D 94 4.07 2.44 12.15
N GLN D 95 3.61 1.30 12.67
CA GLN D 95 2.79 0.35 11.93
C GLN D 95 3.27 0.12 10.50
N GLY D 96 4.57 -0.11 10.35
CA GLY D 96 5.19 -0.30 9.03
C GLY D 96 4.62 -1.47 8.26
N SER D 97 4.33 -2.56 8.97
CA SER D 97 3.72 -3.75 8.39
C SER D 97 2.40 -3.47 7.69
N ALA D 98 1.61 -2.56 8.27
CA ALA D 98 0.30 -2.23 7.73
C ALA D 98 0.40 -1.16 6.65
N VAL D 99 1.14 -0.09 6.95
CA VAL D 99 1.27 1.07 6.07
C VAL D 99 1.98 0.70 4.77
N LEU D 100 3.12 0.02 4.89
CA LEU D 100 3.93 -0.36 3.73
C LEU D 100 3.59 -1.75 3.21
N GLY D 101 3.37 -2.69 4.13
CA GLY D 101 3.22 -4.10 3.77
C GLY D 101 1.81 -4.61 3.54
N SER D 102 0.81 -3.76 3.80
CA SER D 102 -0.61 -4.04 3.55
C SER D 102 -1.20 -5.20 4.38
N VAL D 103 -0.55 -5.54 5.49
CA VAL D 103 -1.05 -6.61 6.35
C VAL D 103 -2.00 -6.05 7.43
N ALA D 104 -2.94 -6.88 7.87
CA ALA D 104 -3.89 -6.48 8.88
C ALA D 104 -3.34 -6.77 10.27
N LEU D 105 -2.85 -5.74 10.94
CA LEU D 105 -2.40 -5.86 12.32
C LEU D 105 -3.60 -6.06 13.24
N GLN D 106 -3.55 -7.12 14.03
CA GLN D 106 -4.64 -7.47 14.92
C GLN D 106 -4.19 -7.45 16.38
N PRO D 107 -4.14 -6.26 16.99
CA PRO D 107 -3.67 -6.14 18.37
C PRO D 107 -4.60 -6.82 19.37
N VAL D 108 -4.00 -7.35 20.43
CA VAL D 108 -4.69 -8.11 21.45
C VAL D 108 -4.08 -7.75 22.81
N PRO D 109 -4.91 -7.69 23.87
CA PRO D 109 -4.37 -7.47 25.22
C PRO D 109 -3.14 -8.34 25.53
N MET D 110 -2.09 -7.69 26.01
CA MET D 110 -0.82 -8.37 26.32
C MET D 110 -0.55 -8.31 27.82
N ASP D 113 3.57 -10.11 31.99
CA ASP D 113 4.63 -11.06 31.62
C ASP D 113 4.87 -11.12 30.11
N GLY D 114 4.05 -10.39 29.35
CA GLY D 114 4.21 -10.31 27.90
C GLY D 114 3.39 -11.31 27.10
N SER D 115 2.73 -12.22 27.81
CA SER D 115 1.94 -13.27 27.16
C SER D 115 0.62 -12.74 26.58
N LEU D 116 0.14 -13.41 25.54
CA LEU D 116 -1.16 -13.12 24.95
C LEU D 116 -2.11 -14.26 25.30
N ALA D 117 -3.14 -13.95 26.09
CA ALA D 117 -4.13 -14.93 26.53
C ALA D 117 -4.69 -15.72 25.35
N LEU D 118 -4.66 -17.04 25.48
CA LEU D 118 -5.09 -17.95 24.41
C LEU D 118 -6.50 -17.67 23.91
N ALA D 119 -7.41 -17.40 24.84
CA ALA D 119 -8.81 -17.11 24.53
C ALA D 119 -8.98 -15.90 23.59
N ASP D 120 -8.21 -14.85 23.85
CA ASP D 120 -8.23 -13.63 23.04
C ASP D 120 -7.62 -13.86 21.65
N VAL D 121 -6.51 -14.60 21.61
CA VAL D 121 -5.85 -14.97 20.35
C VAL D 121 -6.78 -15.84 19.51
N ARG D 122 -7.49 -16.75 20.18
CA ARG D 122 -8.50 -17.60 19.55
C ARG D 122 -9.68 -16.79 19.00
N ALA D 123 -10.13 -15.80 19.78
CA ALA D 123 -11.21 -14.91 19.35
C ALA D 123 -10.78 -13.97 18.22
N ALA D 124 -9.48 -13.67 18.17
CA ALA D 124 -8.92 -12.77 17.15
C ALA D 124 -8.82 -13.43 15.77
N ILE D 125 -8.56 -14.74 15.73
CA ILE D 125 -8.45 -15.48 14.48
C ILE D 125 -9.74 -15.39 13.67
N ALA D 126 -9.63 -14.81 12.48
CA ALA D 126 -10.78 -14.57 11.62
C ALA D 126 -11.26 -15.83 10.90
N PRO D 127 -12.58 -16.09 10.95
CA PRO D 127 -13.21 -17.19 10.20
C PRO D 127 -13.25 -16.89 8.70
N ASP D 128 -13.53 -17.93 7.89
CA ASP D 128 -13.53 -17.81 6.44
C ASP D 128 -14.74 -17.01 5.94
N ASP D 129 -14.51 -15.73 5.69
CA ASP D 129 -15.57 -14.81 5.26
C ASP D 129 -14.98 -13.55 4.63
N VAL D 130 -15.76 -12.93 3.75
CA VAL D 130 -15.33 -11.73 3.00
C VAL D 130 -15.19 -10.49 3.88
N HIS D 131 -15.88 -10.46 5.01
CA HIS D 131 -15.82 -9.34 5.96
C HIS D 131 -14.49 -9.31 6.70
N PHE D 132 -13.79 -10.43 6.73
CA PHE D 132 -12.61 -10.60 7.58
C PHE D 132 -11.31 -10.79 6.79
N THR D 133 -10.19 -10.60 7.50
CA THR D 133 -8.85 -10.82 6.96
C THR D 133 -8.34 -12.18 7.40
N PRO D 134 -8.00 -13.07 6.45
CA PRO D 134 -7.46 -14.37 6.82
C PRO D 134 -6.21 -14.22 7.69
N THR D 135 -6.30 -14.66 8.94
CA THR D 135 -5.18 -14.58 9.87
C THR D 135 -4.11 -15.58 9.44
N ARG D 136 -2.85 -15.18 9.56
CA ARG D 136 -1.73 -15.97 9.04
C ARG D 136 -0.58 -16.07 10.02
N LEU D 137 -0.49 -15.11 10.94
CA LEU D 137 0.64 -15.03 11.87
C LEU D 137 0.22 -14.57 13.26
N VAL D 138 0.91 -15.09 14.28
CA VAL D 138 0.82 -14.55 15.63
C VAL D 138 2.23 -14.20 16.13
N CYS D 139 2.37 -12.98 16.65
CA CYS D 139 3.67 -12.48 17.10
C CYS D 139 3.78 -12.38 18.62
N LEU D 140 4.87 -12.93 19.15
CA LEU D 140 5.20 -12.84 20.57
C LEU D 140 6.47 -12.00 20.74
N GLU D 141 6.76 -11.63 21.99
CA GLU D 141 7.90 -10.78 22.31
C GLU D 141 8.54 -11.24 23.61
N ASN D 142 9.82 -11.56 23.57
CA ASN D 142 10.57 -12.05 24.72
C ASN D 142 12.04 -11.61 24.67
N THR D 143 12.48 -10.77 25.62
CA THR D 143 11.68 -10.28 26.75
C THR D 143 10.70 -9.16 26.38
N HIS D 144 9.67 -8.98 27.19
CA HIS D 144 8.74 -7.86 27.06
C HIS D 144 8.82 -6.98 28.30
N ASN D 145 9.31 -5.76 28.13
CA ASN D 145 9.59 -4.83 29.23
C ASN D 145 10.42 -5.46 30.35
N GLY D 146 11.48 -6.16 29.96
CA GLY D 146 12.35 -6.85 30.90
C GLY D 146 11.80 -8.15 31.47
N LYS D 147 10.51 -8.40 31.24
CA LYS D 147 9.84 -9.59 31.78
C LYS D 147 10.04 -10.79 30.86
N VAL D 148 10.28 -11.95 31.47
CA VAL D 148 10.54 -13.18 30.74
C VAL D 148 9.23 -13.93 30.45
N LEU D 149 9.10 -14.40 29.21
CA LEU D 149 7.97 -15.18 28.75
C LEU D 149 8.09 -16.61 29.28
N PRO D 150 7.05 -17.09 30.01
CA PRO D 150 7.08 -18.45 30.56
C PRO D 150 7.05 -19.52 29.48
N LEU D 151 8.02 -20.42 29.53
CA LEU D 151 8.17 -21.49 28.53
C LEU D 151 6.96 -22.43 28.42
N PRO D 152 6.31 -22.79 29.55
CA PRO D 152 5.08 -23.58 29.42
C PRO D 152 3.99 -22.89 28.58
N TYR D 153 3.81 -21.58 28.78
CA TYR D 153 2.84 -20.82 27.98
C TYR D 153 3.18 -20.84 26.49
N LEU D 154 4.47 -20.90 26.19
CA LEU D 154 4.95 -20.94 24.81
C LEU D 154 4.53 -22.22 24.11
N ARG D 155 4.67 -23.35 24.82
CA ARG D 155 4.26 -24.65 24.28
C ARG D 155 2.76 -24.75 24.06
N GLU D 156 1.98 -24.03 24.87
CA GLU D 156 0.53 -23.96 24.71
C GLU D 156 0.14 -23.10 23.50
N MET D 157 0.94 -22.07 23.23
CA MET D 157 0.71 -21.20 22.07
C MET D 157 1.00 -21.92 20.76
N ARG D 158 2.03 -22.77 20.77
CA ARG D 158 2.38 -23.59 19.62
C ARG D 158 1.27 -24.61 19.31
N GLU D 159 0.68 -25.20 20.35
CA GLU D 159 -0.51 -26.04 20.21
C GLU D 159 -1.61 -25.29 19.43
N LEU D 160 -1.88 -24.06 19.85
CA LEU D 160 -2.91 -23.21 19.25
C LEU D 160 -2.65 -22.87 17.77
N VAL D 161 -1.40 -22.57 17.43
CA VAL D 161 -1.05 -22.18 16.06
C VAL D 161 -0.98 -23.37 15.09
N ASP D 162 -0.64 -24.55 15.61
CA ASP D 162 -0.71 -25.79 14.84
C ASP D 162 -2.16 -26.13 14.53
N GLU D 163 -3.03 -25.94 15.54
CA GLU D 163 -4.47 -26.16 15.42
C GLU D 163 -5.07 -25.35 14.27
N HIS D 164 -4.68 -24.08 14.17
CA HIS D 164 -5.20 -23.19 13.14
C HIS D 164 -4.30 -23.07 11.90
N GLY D 165 -3.16 -23.76 11.93
CA GLY D 165 -2.21 -23.77 10.81
C GLY D 165 -1.60 -22.41 10.54
N LEU D 166 -1.16 -21.74 11.60
CA LEU D 166 -0.59 -20.40 11.50
C LEU D 166 0.92 -20.40 11.73
N GLN D 167 1.56 -19.28 11.43
CA GLN D 167 2.98 -19.07 11.70
C GLN D 167 3.14 -18.33 13.03
N LEU D 168 4.33 -18.44 13.62
CA LEU D 168 4.59 -17.86 14.94
C LEU D 168 5.96 -17.18 14.94
N HIS D 169 5.95 -15.85 15.10
CA HIS D 169 7.16 -15.05 15.09
C HIS D 169 7.51 -14.49 16.46
N LEU D 170 8.81 -14.52 16.79
CA LEU D 170 9.31 -13.95 18.02
C LEU D 170 10.09 -12.66 17.77
N ASP D 171 9.65 -11.58 18.40
CA ASP D 171 10.46 -10.38 18.53
C ASP D 171 11.36 -10.63 19.74
N GLY D 172 12.51 -11.25 19.48
CA GLY D 172 13.47 -11.60 20.52
C GLY D 172 14.60 -10.60 20.57
N ALA D 173 14.25 -9.31 20.55
CA ALA D 173 15.22 -8.23 20.63
C ALA D 173 16.11 -8.38 21.85
N ARG D 174 15.54 -8.94 22.91
CA ARG D 174 16.26 -9.23 24.15
C ARG D 174 16.03 -10.69 24.56
N LEU D 175 16.22 -11.59 23.61
CA LEU D 175 16.06 -13.02 23.83
C LEU D 175 17.14 -13.58 24.75
N PHE D 176 18.37 -13.07 24.60
CA PHE D 176 19.49 -13.58 25.37
C PHE D 176 19.43 -13.16 26.84
N ASN D 177 18.70 -12.07 27.13
CA ASN D 177 18.36 -11.72 28.50
C ASN D 177 17.47 -12.80 29.12
N ALA D 178 16.53 -13.31 28.34
CA ALA D 178 15.63 -14.36 28.79
C ALA D 178 16.36 -15.67 29.04
N VAL D 179 17.28 -16.04 28.14
CA VAL D 179 17.97 -17.33 28.26
C VAL D 179 18.87 -17.44 29.50
N VAL D 180 19.65 -16.40 29.78
CA VAL D 180 20.55 -16.41 30.93
C VAL D 180 19.82 -16.23 32.27
N ALA D 181 18.67 -15.56 32.24
CA ALA D 181 17.85 -15.36 33.44
C ALA D 181 16.97 -16.57 33.77
N SER D 182 16.60 -17.34 32.74
CA SER D 182 15.71 -18.49 32.94
C SER D 182 16.46 -19.81 33.12
N GLY D 183 17.73 -19.84 32.71
CA GLY D 183 18.51 -21.07 32.75
C GLY D 183 18.34 -21.93 31.50
N HIS D 184 17.22 -21.75 30.81
CA HIS D 184 16.93 -22.49 29.58
C HIS D 184 17.75 -21.97 28.41
N THR D 185 18.23 -22.90 27.57
CA THR D 185 19.09 -22.57 26.43
C THR D 185 18.34 -21.90 25.29
N VAL D 186 19.08 -21.26 24.38
CA VAL D 186 18.50 -20.53 23.25
C VAL D 186 17.56 -21.37 22.38
N ARG D 187 18.00 -22.57 22.01
CA ARG D 187 17.20 -23.47 21.19
C ARG D 187 15.89 -23.89 21.85
N GLU D 188 15.90 -23.93 23.18
CA GLU D 188 14.70 -24.28 23.95
C GLU D 188 13.64 -23.18 23.93
N LEU D 189 14.09 -21.92 23.97
CA LEU D 189 13.19 -20.77 23.90
C LEU D 189 12.72 -20.45 22.48
N VAL D 190 13.46 -20.96 21.50
CA VAL D 190 13.25 -20.59 20.10
C VAL D 190 12.57 -21.68 19.27
N ALA D 191 12.65 -22.93 19.75
CA ALA D 191 12.08 -24.08 19.04
C ALA D 191 10.60 -23.97 18.64
N PRO D 192 9.74 -23.40 19.51
CA PRO D 192 8.32 -23.32 19.13
C PRO D 192 8.00 -22.21 18.14
N PHE D 193 9.02 -21.46 17.72
CA PHE D 193 8.84 -20.37 16.78
C PHE D 193 9.24 -20.74 15.36
N ASP D 194 8.48 -20.24 14.39
CA ASP D 194 8.80 -20.41 12.98
C ASP D 194 9.92 -19.45 12.57
N SER D 195 9.87 -18.23 13.12
CA SER D 195 10.88 -17.21 12.86
C SER D 195 11.21 -16.41 14.11
N VAL D 196 12.49 -16.11 14.29
CA VAL D 196 12.95 -15.32 15.44
C VAL D 196 13.78 -14.13 14.99
N SER D 197 13.55 -12.98 15.63
CA SER D 197 14.28 -11.76 15.34
C SER D 197 15.05 -11.29 16.58
N ILE D 198 16.37 -11.49 16.55
CA ILE D 198 17.26 -11.08 17.64
C ILE D 198 18.01 -9.79 17.33
N CYS D 199 18.06 -8.88 18.30
CA CYS D 199 18.82 -7.63 18.16
CA CYS D 199 18.82 -7.64 18.16
C CYS D 199 20.25 -7.82 18.63
N LEU D 200 21.17 -7.12 17.99
CA LEU D 200 22.59 -7.19 18.34
C LEU D 200 23.06 -5.87 18.93
N SER D 201 22.27 -4.82 18.69
CA SER D 201 22.65 -3.47 19.06
C SER D 201 22.13 -3.02 20.43
N LYS D 202 21.66 -3.96 21.24
CA LYS D 202 21.22 -3.67 22.60
C LYS D 202 22.22 -4.22 23.61
N GLY D 203 21.75 -5.08 24.51
CA GLY D 203 22.59 -5.68 25.55
C GLY D 203 23.92 -6.26 25.10
N LEU D 204 23.90 -6.97 23.98
CA LEU D 204 25.10 -7.57 23.38
C LEU D 204 26.14 -6.52 22.98
N GLY D 205 25.69 -5.32 22.65
CA GLY D 205 26.58 -4.16 22.51
C GLY D 205 27.18 -3.87 21.16
N ALA D 206 26.69 -4.54 20.10
CA ALA D 206 27.13 -4.27 18.74
C ALA D 206 26.59 -2.91 18.29
N PRO D 207 27.35 -2.18 17.45
CA PRO D 207 26.91 -0.83 17.05
C PRO D 207 25.64 -0.79 16.20
N VAL D 208 25.47 -1.77 15.30
CA VAL D 208 24.40 -1.75 14.31
C VAL D 208 23.90 -3.16 14.01
N GLY D 209 22.58 -3.35 14.02
CA GLY D 209 21.98 -4.51 13.37
C GLY D 209 21.23 -5.53 14.19
N SER D 210 20.50 -6.38 13.47
CA SER D 210 19.75 -7.50 14.03
C SER D 210 19.80 -8.67 13.03
N LEU D 211 19.47 -9.86 13.51
CA LEU D 211 19.33 -11.03 12.64
C LEU D 211 17.89 -11.52 12.63
N LEU D 212 17.35 -11.71 11.42
CA LEU D 212 16.09 -12.41 11.25
C LEU D 212 16.46 -13.85 10.92
N VAL D 213 15.99 -14.79 11.73
CA VAL D 213 16.29 -16.22 11.49
C VAL D 213 15.00 -17.01 11.22
N GLY D 214 15.07 -17.94 10.27
CA GLY D 214 13.92 -18.79 9.93
C GLY D 214 14.24 -19.87 8.92
N SER D 215 13.20 -20.36 8.26
CA SER D 215 13.35 -21.41 7.25
C SER D 215 13.98 -20.86 5.97
N HIS D 216 14.46 -21.77 5.12
CA HIS D 216 15.10 -21.38 3.85
C HIS D 216 14.16 -20.53 2.99
N ALA D 217 12.94 -21.02 2.78
CA ALA D 217 11.94 -20.34 1.97
C ALA D 217 11.53 -19.00 2.55
N PHE D 218 11.34 -18.96 3.88
CA PHE D 218 10.97 -17.75 4.60
C PHE D 218 12.03 -16.65 4.46
N ILE D 219 13.28 -17.00 4.79
CA ILE D 219 14.39 -16.05 4.71
C ILE D 219 14.62 -15.58 3.27
N ALA D 220 14.44 -16.50 2.31
CA ALA D 220 14.52 -16.14 0.90
C ALA D 220 13.57 -14.99 0.59
N ARG D 221 12.31 -15.12 1.04
CA ARG D 221 11.31 -14.06 0.86
C ARG D 221 11.69 -12.77 1.57
N ALA D 222 12.25 -12.90 2.77
CA ALA D 222 12.70 -11.75 3.55
C ALA D 222 13.86 -11.04 2.86
N ARG D 223 14.71 -11.81 2.18
CA ARG D 223 15.86 -11.27 1.45
C ARG D 223 15.40 -10.43 0.24
N ARG D 224 14.36 -10.89 -0.44
CA ARG D 224 13.77 -10.17 -1.57
C ARG D 224 13.18 -8.84 -1.11
N LEU D 225 12.47 -8.87 0.02
CA LEU D 225 11.85 -7.67 0.57
C LEU D 225 12.88 -6.71 1.13
N ARG D 226 13.98 -7.25 1.66
CA ARG D 226 15.08 -6.45 2.19
C ARG D 226 15.61 -5.45 1.17
N LYS D 227 15.78 -5.90 -0.07
CA LYS D 227 16.16 -5.05 -1.20
C LYS D 227 15.13 -3.95 -1.46
N MET D 228 13.86 -4.30 -1.40
CA MET D 228 12.78 -3.35 -1.65
C MET D 228 12.73 -2.23 -0.61
N VAL D 229 12.94 -2.59 0.66
CA VAL D 229 12.87 -1.61 1.76
C VAL D 229 14.18 -0.81 1.93
N GLY D 230 15.26 -1.31 1.32
CA GLY D 230 16.53 -0.60 1.31
C GLY D 230 17.57 -1.10 2.30
N GLY D 231 17.40 -2.34 2.75
CA GLY D 231 18.34 -2.94 3.70
C GLY D 231 19.48 -3.68 3.03
N GLY D 232 19.58 -3.59 1.71
CA GLY D 232 20.62 -4.29 0.95
C GLY D 232 21.93 -3.51 0.94
N MET D 233 22.77 -3.77 1.93
CA MET D 233 24.07 -3.10 2.07
C MET D 233 25.16 -3.72 1.20
N ARG D 234 26.34 -3.08 1.19
CA ARG D 234 27.48 -3.55 0.39
C ARG D 234 28.58 -4.28 1.16
N GLN D 235 29.43 -3.52 1.87
CA GLN D 235 30.50 -4.13 2.64
C GLN D 235 30.13 -4.10 4.13
N ALA D 236 29.17 -4.94 4.50
CA ALA D 236 28.59 -4.93 5.84
C ALA D 236 29.28 -5.88 6.80
N GLY D 237 30.39 -6.48 6.36
CA GLY D 237 31.15 -7.43 7.17
C GLY D 237 31.72 -6.85 8.45
N ILE D 238 32.02 -5.55 8.41
CA ILE D 238 32.55 -4.83 9.57
C ILE D 238 31.51 -4.79 10.70
N LEU D 239 30.26 -4.50 10.37
CA LEU D 239 29.16 -4.52 11.34
C LEU D 239 28.83 -5.96 11.75
N ALA D 240 28.81 -6.85 10.76
CA ALA D 240 28.48 -8.25 10.98
C ALA D 240 29.47 -8.96 11.89
N GLN D 241 30.76 -8.61 11.78
CA GLN D 241 31.80 -9.19 12.63
C GLN D 241 31.65 -8.74 14.07
N ALA D 242 31.32 -7.47 14.26
CA ALA D 242 31.04 -6.92 15.59
C ALA D 242 29.84 -7.61 16.22
N GLY D 243 28.84 -7.90 15.39
CA GLY D 243 27.67 -8.68 15.82
C GLY D 243 28.03 -10.11 16.16
N LEU D 244 28.92 -10.70 15.37
CA LEU D 244 29.44 -12.05 15.61
C LEU D 244 30.27 -12.10 16.90
N PHE D 245 31.11 -11.08 17.10
CA PHE D 245 31.89 -10.92 18.32
C PHE D 245 30.98 -10.89 19.54
N ALA D 246 30.02 -9.97 19.53
CA ALA D 246 29.09 -9.78 20.64
C ALA D 246 28.29 -11.05 20.96
N LEU D 247 28.01 -11.83 19.92
CA LEU D 247 27.17 -13.02 20.04
C LEU D 247 27.88 -14.17 20.75
N GLN D 248 29.21 -14.18 20.70
CA GLN D 248 29.98 -15.22 21.37
C GLN D 248 30.83 -14.73 22.53
N GLN D 249 30.91 -13.40 22.69
CA GLN D 249 31.72 -12.80 23.74
C GLN D 249 30.93 -12.03 24.81
N HIS D 250 29.68 -11.66 24.49
CA HIS D 250 28.90 -10.80 25.38
C HIS D 250 27.55 -11.35 25.84
N VAL D 251 27.35 -12.67 25.67
CA VAL D 251 26.10 -13.30 26.12
C VAL D 251 26.10 -13.56 27.64
N VAL D 252 27.09 -14.31 28.13
CA VAL D 252 27.13 -14.76 29.52
C VAL D 252 27.14 -13.59 30.52
N ARG D 253 27.83 -12.51 30.17
CA ARG D 253 27.96 -11.34 31.04
C ARG D 253 26.65 -10.56 31.24
N LEU D 254 25.59 -10.94 30.52
CA LEU D 254 24.29 -10.32 30.69
C LEU D 254 23.71 -10.56 32.09
N ALA D 255 24.28 -11.55 32.78
CA ALA D 255 23.94 -11.82 34.19
C ALA D 255 24.29 -10.63 35.08
N ASP D 256 25.43 -9.99 34.79
CA ASP D 256 25.86 -8.78 35.49
C ASP D 256 24.87 -7.62 35.30
N ASP D 257 24.29 -7.54 34.10
CA ASP D 257 23.23 -6.57 33.82
C ASP D 257 22.02 -6.83 34.70
N HIS D 258 21.68 -8.11 34.87
CA HIS D 258 20.57 -8.52 35.72
C HIS D 258 20.84 -8.28 37.20
N ARG D 259 22.07 -8.61 37.62
CA ARG D 259 22.50 -8.40 39.00
C ARG D 259 22.43 -6.92 39.38
N ARG D 260 22.97 -6.06 38.51
CA ARG D 260 23.00 -4.62 38.75
C ARG D 260 21.60 -3.99 38.73
N ALA D 261 20.72 -4.52 37.87
CA ALA D 261 19.33 -4.09 37.85
C ALA D 261 18.62 -4.47 39.14
N ARG D 262 18.92 -5.66 39.66
CA ARG D 262 18.38 -6.12 40.94
C ARG D 262 18.79 -5.22 42.10
N GLN D 263 20.09 -4.95 42.19
CA GLN D 263 20.65 -4.08 43.23
C GLN D 263 20.06 -2.67 43.18
N LEU D 264 19.89 -2.15 41.97
CA LEU D 264 19.31 -0.82 41.76
C LEU D 264 17.85 -0.77 42.23
N ALA D 265 17.11 -1.84 41.93
CA ALA D 265 15.71 -1.94 42.33
C ALA D 265 15.58 -2.12 43.83
N GLU D 266 16.41 -3.00 44.41
CA GLU D 266 16.45 -3.22 45.86
C GLU D 266 16.72 -1.93 46.62
N GLY D 267 17.69 -1.16 46.14
CA GLY D 267 18.09 0.10 46.77
C GLY D 267 17.08 1.23 46.61
N LEU D 268 16.34 1.21 45.50
CA LEU D 268 15.35 2.25 45.21
C LEU D 268 13.99 1.97 45.87
N ALA D 269 13.56 0.71 45.83
CA ALA D 269 12.32 0.30 46.47
C ALA D 269 12.50 0.20 47.98
N LEU D 271 13.14 2.95 49.59
CA LEU D 271 12.96 4.38 49.82
C LEU D 271 11.49 4.78 49.76
N PRO D 272 11.06 5.64 50.72
CA PRO D 272 9.67 6.11 50.75
C PRO D 272 9.43 7.17 49.67
N GLY D 273 8.27 7.11 49.04
CA GLY D 273 7.94 8.00 47.93
C GLY D 273 8.14 7.30 46.60
N ILE D 274 8.87 6.18 46.63
CA ILE D 274 9.10 5.35 45.46
C ILE D 274 8.23 4.10 45.52
N ARG D 275 7.57 3.82 44.40
CA ARG D 275 6.78 2.60 44.27
C ARG D 275 7.25 1.77 43.08
N LEU D 276 7.67 0.54 43.37
CA LEU D 276 7.99 -0.46 42.35
C LEU D 276 7.94 -1.84 43.00
N ASP D 277 7.52 -2.84 42.23
CA ASP D 277 7.61 -4.21 42.71
C ASP D 277 8.75 -4.94 42.01
N LEU D 278 9.50 -5.71 42.78
CA LEU D 278 10.70 -6.38 42.30
C LEU D 278 10.37 -7.66 41.54
N ALA D 279 9.13 -8.12 41.67
CA ALA D 279 8.64 -9.31 40.97
C ALA D 279 8.67 -9.13 39.45
N GLN D 280 8.54 -7.87 39.02
CA GLN D 280 8.60 -7.51 37.61
C GLN D 280 10.05 -7.39 37.14
N VAL D 281 10.94 -7.03 38.06
CA VAL D 281 12.37 -6.89 37.79
C VAL D 281 13.00 -8.28 37.63
N GLN D 282 13.17 -8.70 36.38
CA GLN D 282 13.64 -10.05 36.07
C GLN D 282 14.92 -10.04 35.23
N THR D 283 15.05 -9.05 34.36
CA THR D 283 16.24 -8.90 33.54
C THR D 283 16.92 -7.55 33.80
N ASN D 284 17.22 -6.81 32.74
CA ASN D 284 18.00 -5.58 32.85
C ASN D 284 17.20 -4.27 32.91
N MET D 285 15.91 -4.38 33.28
CA MET D 285 15.04 -3.21 33.36
C MET D 285 14.48 -3.00 34.77
N VAL D 286 14.32 -1.73 35.14
CA VAL D 286 13.68 -1.35 36.40
C VAL D 286 12.60 -0.30 36.13
N PHE D 287 11.34 -0.67 36.37
CA PHE D 287 10.22 0.25 36.25
C PHE D 287 9.81 0.78 37.63
N LEU D 288 9.78 2.09 37.79
CA LEU D 288 9.54 2.67 39.11
C LEU D 288 8.72 3.97 39.12
N GLN D 289 7.77 4.00 40.05
CA GLN D 289 6.78 5.05 40.13
C GLN D 289 7.11 5.95 41.31
N LEU D 290 7.00 7.26 41.12
CA LEU D 290 7.07 8.16 42.26
C LEU D 290 5.66 8.36 42.75
N THR D 291 5.51 8.45 44.07
CA THR D 291 4.20 8.63 44.68
C THR D 291 3.67 10.04 44.43
N SER D 295 7.91 13.54 38.56
CA SER D 295 8.51 12.83 37.43
C SER D 295 9.39 13.76 36.59
N ALA D 296 8.77 14.77 35.98
CA ALA D 296 9.50 15.75 35.19
C ALA D 296 10.59 16.47 36.00
N PRO D 297 10.30 16.85 37.26
CA PRO D 297 11.34 17.47 38.09
C PRO D 297 12.46 16.50 38.48
N LEU D 298 12.16 15.21 38.50
CA LEU D 298 13.16 14.18 38.79
C LEU D 298 14.18 14.03 37.67
N LEU D 299 13.71 14.01 36.42
CA LEU D 299 14.60 13.92 35.25
C LEU D 299 15.57 15.09 35.19
N ALA D 300 15.07 16.29 35.43
CA ALA D 300 15.87 17.51 35.42
C ALA D 300 16.95 17.49 36.49
N PHE D 301 16.59 16.99 37.67
CA PHE D 301 17.52 16.86 38.79
C PHE D 301 18.60 15.82 38.52
N MET D 302 18.19 14.67 38.00
CA MET D 302 19.13 13.58 37.69
C MET D 302 20.12 13.95 36.60
N LYS D 303 19.64 14.63 35.56
CA LYS D 303 20.48 15.11 34.45
C LYS D 303 21.58 16.06 34.93
N ALA D 304 21.20 16.98 35.81
CA ALA D 304 22.15 17.90 36.45
C ALA D 304 23.22 17.15 37.24
N ARG D 305 22.85 16.00 37.81
CA ARG D 305 23.78 15.14 38.55
C ARG D 305 24.44 14.10 37.64
N GLY D 306 24.17 14.19 36.34
CA GLY D 306 24.82 13.33 35.34
C GLY D 306 24.22 11.94 35.19
N ILE D 307 22.93 11.83 35.48
CA ILE D 307 22.21 10.56 35.36
C ILE D 307 21.05 10.71 34.37
N LEU D 308 20.97 9.80 33.41
CA LEU D 308 19.92 9.84 32.39
C LEU D 308 19.03 8.60 32.40
N PHE D 309 17.72 8.84 32.35
CA PHE D 309 16.72 7.79 32.09
C PHE D 309 15.40 8.41 31.62
N SER D 310 14.43 7.57 31.29
CA SER D 310 13.14 8.02 30.78
C SER D 310 11.97 7.48 31.60
N GLU D 314 5.35 7.09 34.16
CA GLU D 314 6.19 6.10 34.84
C GLU D 314 7.61 6.05 34.26
N LEU D 315 8.56 5.63 35.09
CA LEU D 315 9.97 5.71 34.72
C LEU D 315 10.66 4.36 34.54
N ARG D 316 11.36 4.23 33.41
CA ARG D 316 12.12 3.03 33.10
C ARG D 316 13.62 3.31 33.23
N LEU D 317 14.33 2.39 33.88
CA LEU D 317 15.78 2.43 33.97
C LEU D 317 16.35 1.13 33.41
N VAL D 318 17.38 1.23 32.58
CA VAL D 318 17.94 0.05 31.90
C VAL D 318 19.45 -0.08 32.13
N THR D 319 19.87 -1.24 32.64
CA THR D 319 21.28 -1.53 32.89
C THR D 319 21.91 -2.27 31.72
N HIS D 320 23.21 -2.05 31.52
CA HIS D 320 23.93 -2.59 30.36
C HIS D 320 25.46 -2.55 30.52
N LEU D 321 26.14 -2.96 29.45
CA LEU D 321 27.60 -3.07 29.35
C LEU D 321 28.40 -2.02 30.13
N GLN D 322 28.16 -0.73 29.83
CA GLN D 322 28.92 0.35 30.47
C GLN D 322 28.25 0.95 31.71
N ILE D 323 27.46 0.14 32.40
CA ILE D 323 26.94 0.49 33.72
C ILE D 323 27.73 -0.29 34.77
N HIS D 324 28.40 0.44 35.65
CA HIS D 324 29.25 -0.17 36.66
C HIS D 324 28.59 -0.20 38.04
N ASP D 325 29.24 -0.87 38.99
CA ASP D 325 28.71 -1.07 40.34
C ASP D 325 28.58 0.26 41.09
N ASP D 326 29.60 1.11 40.98
CA ASP D 326 29.58 2.42 41.63
C ASP D 326 28.64 3.41 40.94
N ASP D 327 28.22 3.06 39.71
CA ASP D 327 27.14 3.80 39.04
C ASP D 327 25.82 3.51 39.76
N ILE D 328 25.57 2.23 40.05
CA ILE D 328 24.42 1.82 40.84
C ILE D 328 24.59 2.27 42.28
N GLU D 330 25.49 5.23 43.31
CA GLU D 330 25.43 6.65 42.99
C GLU D 330 24.03 7.10 42.61
N VAL D 331 23.35 6.30 41.79
CA VAL D 331 21.96 6.59 41.40
C VAL D 331 21.03 6.43 42.61
N ILE D 332 21.34 5.46 43.47
CA ILE D 332 20.60 5.26 44.72
C ILE D 332 20.78 6.47 45.63
N ASP D 333 22.03 6.92 45.79
CA ASP D 333 22.35 8.10 46.59
C ASP D 333 21.61 9.33 46.09
N ALA D 334 21.56 9.52 44.77
CA ALA D 334 20.84 10.62 44.14
C ALA D 334 19.33 10.55 44.42
N PHE D 335 18.77 9.35 44.31
CA PHE D 335 17.36 9.10 44.64
C PHE D 335 17.07 9.40 46.11
N THR D 336 18.01 9.00 46.98
CA THR D 336 17.90 9.27 48.42
C THR D 336 18.00 10.76 48.73
N GLU D 337 18.96 11.44 48.09
CA GLU D 337 19.16 12.89 48.24
C GLU D 337 17.95 13.68 47.77
N TYR D 338 17.35 13.24 46.67
CA TYR D 338 16.24 13.96 46.04
C TYR D 338 14.95 13.91 46.85
N LEU D 339 14.58 12.72 47.32
CA LEU D 339 13.32 12.53 48.04
C LEU D 339 13.40 12.94 49.51
#